data_1OVW
#
_entry.id   1OVW
#
_cell.length_a   68.155
_cell.length_b   78.279
_cell.length_c   142.461
_cell.angle_alpha   90.00
_cell.angle_beta   96.89
_cell.angle_gamma   90.00
#
_symmetry.space_group_name_H-M   'P 1 21 1'
#
loop_
_entity.id
_entity.type
_entity.pdbx_description
1 polymer 'ENDOGLUCANASE I'
2 branched 4-thio-beta-D-glucopyranose-(1-4)-4-thio-beta-D-glucopyranose-(1-4)-1,4-dithio-beta-D-glucopyranose
3 non-polymer 2-acetamido-2-deoxy-beta-D-glucopyranose
4 water water
#
_entity_poly.entity_id   1
_entity_poly.type   'polypeptide(L)'
_entity_poly.pdbx_seq_one_letter_code
;(PCA)TPDKAKEQHPKLETYRCTKASGCKKQTNYIVADAGIHGIRQKNGAGCGDWGQKPNATACPDEASCAKNCILSGMD
SNAYKNAGITTSGNKLRLQQLINNQLVSPRVYLLEENKKKYEMLHLTGTEFSFDVEMEKLPCGMNGALYLSEMPQDGGKS
TSRNSKAGAYYGAGYCDAQCYVTPFINGVGNIKGQGVCCNELDIWEANSRATHIAPHPCSKPGLYGCTGDECGSSGICDK
AGCGWNHNRINVTDFYGRGKQYKVDSTRKFTVTSQFVANKQGDLIELHRHYIQDNKVIESAVVNISGPPKINFINDKYCA
ATGANEYMRLGGTKQMGDAMSRGMVLAMSVWWSEGDFMAWLDQGVAGPCDATEGDPKNIVKVQPNPEVTFSNIRIGEIGS
TS
;
_entity_poly.pdbx_strand_id   A,B,C,D
#
# COMPACT_ATOMS: atom_id res chain seq x y z
N THR A 2 -1.87 -69.87 24.65
CA THR A 2 -2.09 -69.37 25.99
C THR A 2 -0.76 -69.31 26.72
N PRO A 3 -0.37 -68.12 27.04
CA PRO A 3 0.92 -67.84 27.66
C PRO A 3 0.99 -68.54 28.98
N ASP A 4 2.16 -69.07 29.30
CA ASP A 4 2.27 -69.74 30.62
C ASP A 4 2.53 -68.61 31.60
N LYS A 5 2.88 -68.94 32.81
CA LYS A 5 3.13 -68.02 33.91
C LYS A 5 4.57 -67.52 34.02
N ALA A 6 5.48 -67.96 33.14
CA ALA A 6 6.88 -67.53 33.27
C ALA A 6 7.10 -66.06 33.00
N LYS A 7 8.12 -65.50 33.65
CA LYS A 7 8.37 -64.07 33.51
C LYS A 7 8.89 -63.76 32.10
N GLU A 8 8.38 -62.69 31.54
CA GLU A 8 8.81 -62.21 30.24
C GLU A 8 9.78 -61.05 30.48
N GLN A 9 11.08 -61.20 30.17
CA GLN A 9 11.98 -60.05 30.34
C GLN A 9 12.38 -59.43 29.02
N HIS A 10 11.55 -58.55 28.46
CA HIS A 10 11.86 -57.88 27.20
C HIS A 10 13.05 -56.94 27.30
N PRO A 11 13.99 -57.11 26.42
CA PRO A 11 15.18 -56.26 26.32
C PRO A 11 14.76 -54.81 26.08
N LYS A 12 15.35 -53.90 26.82
CA LYS A 12 15.09 -52.48 26.66
C LYS A 12 15.84 -51.88 25.47
N LEU A 13 15.19 -50.97 24.75
CA LEU A 13 15.78 -50.27 23.64
C LEU A 13 15.46 -48.77 23.67
N GLU A 14 16.48 -47.95 23.66
CA GLU A 14 16.31 -46.49 23.60
C GLU A 14 16.15 -46.06 22.15
N THR A 15 15.19 -45.24 21.80
CA THR A 15 14.96 -44.74 20.45
C THR A 15 14.71 -43.24 20.56
N TYR A 16 14.57 -42.39 19.54
CA TYR A 16 14.48 -40.97 19.69
C TYR A 16 13.37 -40.41 18.78
N ARG A 17 12.68 -39.37 19.27
CA ARG A 17 11.68 -38.71 18.40
C ARG A 17 12.29 -37.34 18.13
N CYS A 18 12.24 -36.83 16.91
CA CYS A 18 12.95 -35.61 16.57
C CYS A 18 12.17 -34.57 15.80
N THR A 19 12.59 -33.33 16.04
CA THR A 19 12.04 -32.17 15.37
C THR A 19 13.19 -31.24 15.01
N LYS A 20 13.04 -30.49 13.96
CA LYS A 20 14.01 -29.45 13.61
C LYS A 20 14.25 -28.48 14.74
N ALA A 21 13.21 -27.91 15.30
CA ALA A 21 13.25 -27.03 16.44
C ALA A 21 13.72 -27.63 17.76
N SER A 22 13.47 -28.89 18.11
CA SER A 22 13.92 -29.32 19.44
C SER A 22 14.99 -30.40 19.41
N GLY A 23 15.28 -30.96 18.25
CA GLY A 23 16.21 -32.09 18.20
C GLY A 23 15.55 -33.43 18.54
N CYS A 24 16.40 -34.38 18.88
CA CYS A 24 15.94 -35.73 19.19
C CYS A 24 15.86 -35.93 20.70
N LYS A 25 14.77 -36.56 21.10
CA LYS A 25 14.48 -36.85 22.49
C LYS A 25 14.40 -38.35 22.68
N LYS A 26 15.17 -38.87 23.59
CA LYS A 26 15.19 -40.28 23.96
C LYS A 26 13.84 -40.76 24.47
N GLN A 27 13.48 -42.00 24.17
CA GLN A 27 12.28 -42.67 24.57
C GLN A 27 12.63 -44.09 25.04
N THR A 28 11.86 -44.63 25.96
CA THR A 28 12.11 -46.02 26.30
C THR A 28 11.13 -46.86 25.47
N ASN A 29 11.65 -47.91 24.89
CA ASN A 29 10.93 -48.84 24.03
C ASN A 29 11.42 -50.22 24.44
N TYR A 30 10.68 -51.26 24.21
CA TYR A 30 11.05 -52.63 24.53
C TYR A 30 11.05 -53.41 23.22
N ILE A 31 11.79 -54.50 23.28
CA ILE A 31 11.92 -55.36 22.09
C ILE A 31 11.20 -56.65 22.45
N VAL A 32 10.45 -57.23 21.50
CA VAL A 32 9.83 -58.51 21.84
C VAL A 32 10.15 -59.52 20.73
N ALA A 33 10.45 -60.75 21.15
CA ALA A 33 10.67 -61.81 20.15
C ALA A 33 9.33 -62.19 19.54
N ASP A 34 9.29 -62.69 18.32
CA ASP A 34 8.02 -63.17 17.77
C ASP A 34 7.43 -64.22 18.68
N ALA A 35 6.14 -64.48 18.59
CA ALA A 35 5.46 -65.48 19.41
C ALA A 35 6.13 -66.83 19.24
N GLY A 36 6.29 -67.28 18.01
CA GLY A 36 6.95 -68.53 17.69
C GLY A 36 8.28 -68.78 18.40
N ILE A 37 9.19 -67.82 18.50
CA ILE A 37 10.47 -67.97 19.13
C ILE A 37 10.37 -68.16 20.63
N HIS A 38 9.19 -67.90 21.20
CA HIS A 38 8.98 -68.08 22.62
C HIS A 38 8.82 -69.54 23.00
N GLY A 39 8.36 -70.33 22.02
CA GLY A 39 8.12 -71.74 22.26
C GLY A 39 6.63 -71.94 22.56
N ILE A 40 6.00 -72.54 21.56
CA ILE A 40 4.58 -72.87 21.64
C ILE A 40 4.50 -74.38 21.60
N ARG A 41 4.18 -74.95 22.77
CA ARG A 41 4.04 -76.43 22.81
C ARG A 41 2.79 -77.02 23.44
N GLN A 42 2.55 -78.31 23.20
CA GLN A 42 1.49 -79.08 23.85
C GLN A 42 2.06 -79.64 25.14
N LYS A 43 1.25 -80.26 25.95
CA LYS A 43 1.72 -80.73 27.26
C LYS A 43 2.58 -81.97 27.16
N ASN A 44 2.46 -82.70 26.05
CA ASN A 44 3.32 -83.83 25.84
C ASN A 44 4.60 -83.45 25.11
N GLY A 45 4.93 -82.16 25.12
CA GLY A 45 6.04 -81.55 24.46
C GLY A 45 5.90 -81.43 22.96
N ALA A 46 4.94 -82.02 22.30
CA ALA A 46 4.77 -81.86 20.86
C ALA A 46 4.51 -80.40 20.54
N GLY A 47 4.74 -80.06 19.26
CA GLY A 47 4.55 -78.70 18.75
C GLY A 47 3.14 -78.50 18.23
N CYS A 48 2.72 -77.26 18.03
CA CYS A 48 1.36 -77.03 17.58
C CYS A 48 1.32 -76.67 16.11
N GLY A 49 2.32 -76.94 15.30
CA GLY A 49 2.23 -76.74 13.86
C GLY A 49 3.51 -76.12 13.26
N ASP A 50 3.72 -76.25 11.97
CA ASP A 50 4.88 -75.75 11.29
C ASP A 50 4.63 -74.63 10.31
N TRP A 51 5.59 -73.72 10.24
CA TRP A 51 5.49 -72.62 9.28
C TRP A 51 4.97 -73.17 7.96
N GLY A 52 3.97 -72.58 7.36
CA GLY A 52 3.45 -73.03 6.08
C GLY A 52 2.25 -73.93 6.13
N GLN A 53 1.94 -74.40 7.34
CA GLN A 53 0.87 -75.35 7.58
C GLN A 53 -0.14 -74.82 8.55
N LYS A 54 -1.32 -75.43 8.69
CA LYS A 54 -2.24 -75.05 9.77
C LYS A 54 -1.76 -75.75 11.04
N PRO A 55 -2.35 -75.45 12.19
CA PRO A 55 -1.88 -75.94 13.47
C PRO A 55 -2.15 -77.43 13.67
N ASN A 56 -1.49 -78.02 14.65
CA ASN A 56 -1.74 -79.46 14.88
C ASN A 56 -3.25 -79.65 15.00
N ALA A 57 -3.70 -80.66 14.25
CA ALA A 57 -5.11 -81.02 14.16
C ALA A 57 -5.62 -81.70 15.42
N THR A 58 -4.76 -82.45 16.12
CA THR A 58 -5.30 -83.06 17.33
C THR A 58 -5.30 -82.01 18.43
N ALA A 59 -4.35 -81.11 18.51
CA ALA A 59 -4.33 -80.09 19.55
C ALA A 59 -5.27 -78.94 19.26
N CYS A 60 -5.56 -78.71 17.99
CA CYS A 60 -6.37 -77.64 17.50
C CYS A 60 -7.40 -78.04 16.46
N PRO A 61 -8.39 -78.83 16.85
CA PRO A 61 -9.56 -79.17 16.06
C PRO A 61 -10.43 -77.94 15.88
N ASP A 62 -10.38 -77.04 16.85
CA ASP A 62 -10.99 -75.73 16.81
C ASP A 62 -10.12 -74.74 17.60
N GLU A 63 -10.50 -73.50 17.47
CA GLU A 63 -9.86 -72.35 18.07
C GLU A 63 -9.73 -72.42 19.57
N ALA A 64 -10.76 -72.89 20.24
CA ALA A 64 -10.82 -72.96 21.69
C ALA A 64 -9.91 -74.03 22.27
N SER A 65 -9.99 -75.16 21.59
CA SER A 65 -9.16 -76.31 21.85
C SER A 65 -7.70 -75.98 21.61
N CYS A 66 -7.42 -75.28 20.51
CA CYS A 66 -6.09 -74.76 20.25
C CYS A 66 -5.63 -73.84 21.37
N ALA A 67 -6.43 -72.81 21.70
CA ALA A 67 -6.05 -71.92 22.79
C ALA A 67 -5.80 -72.71 24.07
N LYS A 68 -6.55 -73.75 24.40
CA LYS A 68 -6.26 -74.48 25.62
C LYS A 68 -5.05 -75.37 25.54
N ASN A 69 -4.93 -76.16 24.48
CA ASN A 69 -3.86 -77.13 24.33
C ASN A 69 -2.49 -76.59 23.95
N CYS A 70 -2.39 -75.38 23.39
CA CYS A 70 -1.09 -74.87 23.00
C CYS A 70 -0.58 -73.78 23.94
N ILE A 71 0.44 -74.04 24.76
CA ILE A 71 1.05 -73.09 25.67
C ILE A 71 2.27 -72.38 25.08
N LEU A 72 2.35 -71.07 25.32
CA LEU A 72 3.45 -70.23 24.93
C LEU A 72 4.31 -69.95 26.16
N SER A 73 5.61 -70.20 26.03
CA SER A 73 6.50 -70.00 27.18
C SER A 73 7.06 -68.59 27.23
N GLY A 74 7.00 -67.95 28.38
CA GLY A 74 7.51 -66.61 28.53
C GLY A 74 9.02 -66.75 28.43
N MET A 75 9.65 -65.73 27.86
CA MET A 75 11.07 -65.67 27.67
C MET A 75 11.74 -64.69 28.65
N ASP A 76 12.64 -65.19 29.49
CA ASP A 76 13.34 -64.27 30.38
C ASP A 76 14.57 -63.74 29.67
N SER A 77 15.41 -62.97 30.34
CA SER A 77 16.67 -62.48 29.81
C SER A 77 17.57 -63.53 29.17
N ASN A 78 17.77 -64.70 29.81
CA ASN A 78 18.65 -65.71 29.19
C ASN A 78 17.93 -66.37 28.03
N ALA A 79 16.61 -66.52 28.08
CA ALA A 79 15.91 -67.00 26.87
C ALA A 79 16.15 -66.05 25.69
N TYR A 80 16.17 -64.74 26.01
CA TYR A 80 16.31 -63.74 24.94
C TYR A 80 17.71 -63.84 24.35
N LYS A 81 18.67 -63.86 25.28
CA LYS A 81 20.07 -64.05 24.91
C LYS A 81 20.29 -65.33 24.12
N ASN A 82 19.69 -66.46 24.47
CA ASN A 82 19.86 -67.68 23.69
C ASN A 82 19.09 -67.73 22.37
N ALA A 83 18.22 -66.75 22.14
CA ALA A 83 17.47 -66.60 20.91
C ALA A 83 18.24 -65.66 19.98
N GLY A 84 19.30 -65.05 20.48
CA GLY A 84 20.14 -64.19 19.71
C GLY A 84 19.78 -62.73 19.71
N ILE A 85 18.98 -62.33 20.70
CA ILE A 85 18.49 -60.99 20.88
C ILE A 85 19.12 -60.35 22.10
N THR A 86 19.78 -59.21 21.94
CA THR A 86 20.45 -58.52 23.05
C THR A 86 20.37 -57.02 22.75
N THR A 87 20.26 -56.18 23.77
CA THR A 87 20.18 -54.77 23.42
C THR A 87 21.11 -54.04 24.38
N SER A 88 21.60 -52.87 24.00
CA SER A 88 22.49 -52.12 24.90
C SER A 88 22.31 -50.65 24.59
N GLY A 89 21.74 -49.87 25.51
CA GLY A 89 21.46 -48.47 25.20
C GLY A 89 20.55 -48.42 23.97
N ASN A 90 21.00 -47.81 22.87
CA ASN A 90 20.17 -47.70 21.69
C ASN A 90 20.53 -48.72 20.62
N LYS A 91 21.36 -49.69 21.00
CA LYS A 91 21.72 -50.72 20.05
C LYS A 91 20.93 -52.02 20.19
N LEU A 92 20.63 -52.68 19.08
CA LEU A 92 19.97 -53.97 19.11
C LEU A 92 20.83 -54.96 18.32
N ARG A 93 21.23 -56.06 18.97
CA ARG A 93 22.11 -57.01 18.31
C ARG A 93 21.43 -58.32 17.97
N LEU A 94 21.34 -58.65 16.69
CA LEU A 94 20.69 -59.89 16.28
C LEU A 94 21.68 -60.91 15.75
N GLN A 95 21.87 -62.04 16.42
CA GLN A 95 22.83 -63.05 16.03
C GLN A 95 22.10 -64.19 15.35
N GLN A 96 22.67 -64.71 14.28
CA GLN A 96 21.98 -65.78 13.57
C GLN A 96 22.09 -67.13 14.22
N LEU A 97 23.17 -67.39 14.93
CA LEU A 97 23.38 -68.70 15.54
C LEU A 97 23.89 -68.58 16.96
N ILE A 98 23.45 -69.50 17.81
CA ILE A 98 23.95 -69.43 19.21
C ILE A 98 24.38 -70.86 19.48
N ASN A 99 25.56 -71.11 19.96
CA ASN A 99 26.04 -72.46 20.20
C ASN A 99 25.73 -73.43 19.08
N ASN A 100 26.07 -73.19 17.82
CA ASN A 100 25.74 -74.03 16.69
C ASN A 100 24.23 -74.22 16.52
N GLN A 101 23.42 -73.34 17.07
CA GLN A 101 21.97 -73.48 16.94
C GLN A 101 21.43 -72.33 16.09
N LEU A 102 20.73 -72.71 15.02
CA LEU A 102 20.14 -71.72 14.15
C LEU A 102 19.07 -70.99 14.97
N VAL A 103 19.23 -69.76 15.37
CA VAL A 103 18.18 -69.09 16.12
C VAL A 103 17.41 -68.06 15.27
N SER A 104 18.04 -67.41 14.32
CA SER A 104 17.53 -66.45 13.35
C SER A 104 16.33 -65.63 13.84
N PRO A 105 16.57 -64.73 14.78
CA PRO A 105 15.61 -63.88 15.41
C PRO A 105 14.81 -62.91 14.57
N ARG A 106 13.54 -62.77 14.94
CA ARG A 106 12.66 -61.75 14.41
C ARG A 106 12.02 -61.05 15.63
N VAL A 107 12.29 -59.76 15.83
CA VAL A 107 11.76 -58.99 16.95
C VAL A 107 10.90 -57.80 16.53
N TYR A 108 10.03 -57.33 17.44
CA TYR A 108 9.10 -56.24 17.09
C TYR A 108 9.29 -55.15 18.12
N LEU A 109 8.93 -53.92 17.87
CA LEU A 109 9.13 -52.87 18.85
C LEU A 109 7.88 -52.69 19.68
N LEU A 110 7.98 -52.68 21.00
CA LEU A 110 6.83 -52.40 21.84
C LEU A 110 6.85 -50.96 22.38
N GLU A 111 5.66 -50.42 22.63
CA GLU A 111 5.56 -49.16 23.34
C GLU A 111 6.14 -49.35 24.74
N GLU A 112 6.40 -48.30 25.49
CA GLU A 112 6.96 -48.39 26.83
C GLU A 112 6.19 -49.22 27.83
N ASN A 113 4.90 -49.43 27.70
CA ASN A 113 4.06 -50.18 28.58
C ASN A 113 4.09 -51.65 28.27
N LYS A 114 4.60 -52.04 27.12
CA LYS A 114 4.67 -53.43 26.74
C LYS A 114 3.34 -54.07 26.34
N LYS A 115 2.23 -53.32 26.29
CA LYS A 115 0.96 -53.90 25.92
C LYS A 115 0.50 -53.57 24.51
N LYS A 116 1.12 -52.62 23.82
CA LYS A 116 0.84 -52.35 22.42
C LYS A 116 2.19 -52.29 21.68
N TYR A 117 2.18 -52.55 20.39
CA TYR A 117 3.37 -52.36 19.58
C TYR A 117 3.53 -50.86 19.40
N GLU A 118 4.75 -50.32 19.33
CA GLU A 118 4.85 -48.87 19.02
C GLU A 118 4.43 -48.63 17.59
N MET A 119 3.29 -48.03 17.27
CA MET A 119 2.82 -47.88 15.88
C MET A 119 3.47 -46.67 15.24
N LEU A 120 4.03 -46.79 14.05
CA LEU A 120 4.76 -45.70 13.45
C LEU A 120 3.96 -45.30 12.23
N HIS A 121 3.87 -43.97 12.10
CA HIS A 121 3.14 -43.42 10.95
C HIS A 121 4.22 -42.72 10.12
N LEU A 122 4.83 -43.41 9.15
CA LEU A 122 5.97 -42.76 8.44
C LEU A 122 5.61 -41.86 7.29
N THR A 123 4.48 -41.92 6.63
CA THR A 123 4.16 -40.93 5.61
C THR A 123 4.36 -39.47 6.04
N GLY A 124 5.17 -38.79 5.22
CA GLY A 124 5.47 -37.38 5.49
C GLY A 124 6.52 -37.21 6.56
N THR A 125 7.11 -38.30 7.04
CA THR A 125 8.17 -38.17 8.05
C THR A 125 9.51 -38.80 7.65
N GLU A 126 10.43 -38.79 8.58
CA GLU A 126 11.77 -39.31 8.32
C GLU A 126 12.11 -40.42 9.28
N PHE A 127 12.89 -41.39 8.80
CA PHE A 127 13.36 -42.49 9.64
C PHE A 127 14.87 -42.68 9.45
N SER A 128 15.60 -42.76 10.55
CA SER A 128 17.01 -43.06 10.50
C SER A 128 17.51 -44.14 11.47
N PHE A 129 18.42 -44.99 10.97
CA PHE A 129 19.13 -45.89 11.86
C PHE A 129 20.61 -45.98 11.46
N ASP A 130 21.38 -46.53 12.38
CA ASP A 130 22.78 -46.85 12.20
C ASP A 130 22.90 -48.35 12.07
N VAL A 131 23.65 -48.88 11.14
CA VAL A 131 23.82 -50.33 11.07
C VAL A 131 25.27 -50.76 10.98
N GLU A 132 25.52 -51.97 11.50
CA GLU A 132 26.81 -52.62 11.51
C GLU A 132 26.67 -53.84 10.63
N MET A 133 26.93 -53.74 9.32
CA MET A 133 26.80 -54.85 8.40
C MET A 133 27.99 -55.73 8.12
N GLU A 134 29.15 -55.51 8.73
CA GLU A 134 30.33 -56.26 8.32
C GLU A 134 30.24 -57.77 8.47
N LYS A 135 29.57 -58.29 9.48
CA LYS A 135 29.48 -59.74 9.68
C LYS A 135 28.37 -60.42 8.92
N LEU A 136 27.94 -59.85 7.78
CA LEU A 136 26.90 -60.42 6.94
C LEU A 136 27.31 -60.62 5.48
N PRO A 137 27.75 -61.85 5.24
CA PRO A 137 28.19 -62.33 3.95
C PRO A 137 27.05 -62.47 2.97
N CYS A 138 27.37 -62.79 1.73
CA CYS A 138 26.40 -63.09 0.73
C CYS A 138 25.42 -64.13 1.32
N GLY A 139 24.20 -64.23 0.86
CA GLY A 139 23.25 -65.17 1.35
C GLY A 139 22.47 -64.61 2.55
N MET A 140 23.05 -63.74 3.37
CA MET A 140 22.41 -63.28 4.58
C MET A 140 21.46 -62.12 4.27
N ASN A 141 20.56 -61.84 5.21
CA ASN A 141 19.60 -60.78 5.23
C ASN A 141 19.39 -60.30 6.67
N GLY A 142 19.84 -59.08 6.88
CA GLY A 142 19.64 -58.35 8.15
C GLY A 142 18.58 -57.28 7.73
N ALA A 143 17.35 -57.52 8.16
CA ALA A 143 16.22 -56.72 7.71
C ALA A 143 15.65 -55.79 8.75
N LEU A 144 15.43 -54.55 8.33
CA LEU A 144 14.77 -53.56 9.20
C LEU A 144 13.55 -53.15 8.36
N TYR A 145 12.35 -53.55 8.82
CA TYR A 145 11.15 -53.25 8.02
C TYR A 145 9.91 -53.03 8.84
N LEU A 146 8.81 -52.74 8.14
CA LEU A 146 7.54 -52.56 8.79
C LEU A 146 6.47 -53.46 8.15
N SER A 147 5.53 -53.85 9.04
CA SER A 147 4.36 -54.61 8.69
C SER A 147 3.13 -54.00 9.35
N GLU A 148 1.95 -54.04 8.72
CA GLU A 148 0.71 -53.54 9.32
C GLU A 148 -0.01 -54.61 10.14
N MET A 149 0.63 -55.06 11.20
CA MET A 149 0.18 -55.94 12.24
C MET A 149 -0.78 -55.20 13.17
N PRO A 150 -1.73 -55.92 13.75
CA PRO A 150 -2.63 -55.46 14.79
C PRO A 150 -1.86 -54.95 15.99
N GLN A 151 -2.13 -53.76 16.49
CA GLN A 151 -1.36 -53.20 17.57
C GLN A 151 -1.35 -54.05 18.84
N ASP A 152 -2.43 -54.79 19.07
CA ASP A 152 -2.63 -55.59 20.25
C ASP A 152 -2.33 -57.05 19.99
N GLY A 153 -1.73 -57.32 18.82
CA GLY A 153 -1.26 -58.66 18.50
C GLY A 153 -2.40 -59.56 18.08
N GLY A 154 -3.55 -58.89 17.92
CA GLY A 154 -4.76 -59.51 17.46
C GLY A 154 -5.70 -59.86 18.59
N LYS A 155 -5.38 -59.56 19.83
CA LYS A 155 -6.17 -59.96 21.01
C LYS A 155 -7.65 -59.64 20.87
N SER A 156 -8.00 -58.49 20.33
CA SER A 156 -9.38 -58.06 20.24
C SER A 156 -10.20 -58.78 19.20
N THR A 157 -9.65 -59.69 18.42
CA THR A 157 -10.37 -60.36 17.33
C THR A 157 -11.01 -61.67 17.78
N SER A 158 -10.62 -62.13 18.95
CA SER A 158 -11.26 -63.34 19.48
C SER A 158 -11.14 -63.48 20.99
N ARG A 159 -12.07 -64.31 21.48
CA ARG A 159 -12.18 -64.62 22.91
C ARG A 159 -11.01 -65.50 23.30
N ASN A 160 -10.55 -66.27 22.31
CA ASN A 160 -9.45 -67.18 22.37
C ASN A 160 -8.07 -66.60 22.17
N SER A 161 -7.98 -65.39 21.65
CA SER A 161 -6.71 -64.73 21.40
C SER A 161 -6.18 -64.24 22.72
N LYS A 162 -5.07 -64.78 23.21
CA LYS A 162 -4.52 -64.34 24.49
C LYS A 162 -3.11 -63.80 24.42
N ALA A 163 -2.27 -64.20 23.48
CA ALA A 163 -0.88 -63.80 23.40
C ALA A 163 -0.74 -62.29 23.41
N GLY A 164 -1.23 -61.57 22.43
CA GLY A 164 -1.07 -60.13 22.39
C GLY A 164 0.33 -59.72 21.97
N ALA A 165 0.51 -58.38 21.85
CA ALA A 165 1.76 -57.75 21.52
C ALA A 165 2.82 -58.10 22.55
N TYR A 166 2.47 -58.19 23.80
CA TYR A 166 3.38 -58.54 24.87
C TYR A 166 4.11 -59.85 24.59
N TYR A 167 3.59 -60.82 23.84
CA TYR A 167 4.32 -62.04 23.57
C TYR A 167 4.63 -62.23 22.10
N GLY A 168 4.62 -61.18 21.32
CA GLY A 168 4.91 -61.17 19.92
C GLY A 168 3.95 -61.81 18.97
N ALA A 169 2.65 -61.71 19.25
CA ALA A 169 1.64 -62.32 18.37
C ALA A 169 1.24 -61.36 17.26
N GLY A 170 0.53 -61.92 16.27
CA GLY A 170 0.05 -61.12 15.17
C GLY A 170 0.93 -60.74 14.03
N TYR A 171 1.92 -61.56 13.70
CA TYR A 171 2.79 -61.25 12.57
C TYR A 171 2.08 -61.44 11.24
N CYS A 172 2.47 -60.67 10.25
CA CYS A 172 1.92 -60.78 8.89
C CYS A 172 2.88 -60.14 7.91
N ASP A 173 2.76 -60.26 6.59
CA ASP A 173 3.63 -59.47 5.72
C ASP A 173 3.07 -59.67 4.31
N ALA A 174 3.68 -59.08 3.30
CA ALA A 174 3.11 -59.18 1.95
C ALA A 174 3.35 -60.51 1.25
N GLN A 175 3.82 -61.55 1.95
CA GLN A 175 3.99 -62.83 1.29
C GLN A 175 2.73 -63.64 1.46
N CYS A 176 1.92 -63.36 2.47
CA CYS A 176 0.64 -64.03 2.65
C CYS A 176 0.87 -65.49 2.97
N TYR A 177 1.86 -65.80 3.78
CA TYR A 177 2.18 -67.20 4.11
C TYR A 177 1.16 -67.83 5.05
N VAL A 178 0.85 -69.09 4.84
CA VAL A 178 0.06 -69.83 5.80
C VAL A 178 0.83 -70.11 7.09
N THR A 179 0.47 -69.47 8.21
CA THR A 179 1.14 -69.82 9.46
C THR A 179 0.12 -70.43 10.41
N PRO A 180 0.58 -71.32 11.24
CA PRO A 180 -0.25 -72.03 12.22
C PRO A 180 -1.06 -71.13 13.09
N PHE A 181 -0.67 -69.87 13.35
CA PHE A 181 -1.46 -68.96 14.15
C PHE A 181 -1.68 -67.68 13.34
N ILE A 182 -2.89 -67.11 13.36
CA ILE A 182 -3.25 -65.83 12.84
C ILE A 182 -3.70 -65.00 14.07
N ASN A 183 -3.36 -63.72 14.18
CA ASN A 183 -3.95 -62.94 15.27
C ASN A 183 -3.99 -63.58 16.65
N GLY A 184 -2.98 -64.35 17.06
CA GLY A 184 -2.94 -64.99 18.36
C GLY A 184 -3.95 -66.11 18.44
N VAL A 185 -4.46 -66.71 17.39
CA VAL A 185 -5.38 -67.83 17.47
C VAL A 185 -5.01 -68.89 16.40
N GLY A 186 -5.32 -70.15 16.66
CA GLY A 186 -4.95 -71.20 15.72
C GLY A 186 -5.54 -70.93 14.37
N ASN A 187 -4.76 -71.07 13.30
CA ASN A 187 -5.24 -70.81 11.94
C ASN A 187 -5.93 -72.02 11.31
N ILE A 188 -7.04 -72.42 11.96
CA ILE A 188 -7.82 -73.56 11.51
C ILE A 188 -8.12 -73.56 10.02
N LYS A 189 -8.53 -72.44 9.43
CA LYS A 189 -8.83 -72.45 7.99
C LYS A 189 -7.58 -72.54 7.15
N GLY A 190 -6.38 -72.36 7.71
CA GLY A 190 -5.11 -72.38 6.99
C GLY A 190 -5.05 -71.28 5.93
N GLN A 191 -5.28 -70.06 6.40
CA GLN A 191 -5.27 -68.91 5.53
C GLN A 191 -3.86 -68.33 5.41
N GLY A 192 -3.69 -67.48 4.39
CA GLY A 192 -2.37 -66.86 4.24
C GLY A 192 -2.46 -65.65 5.17
N VAL A 193 -1.44 -65.34 5.92
CA VAL A 193 -1.51 -64.18 6.79
C VAL A 193 -0.92 -62.94 6.11
N CYS A 194 -1.74 -62.09 5.45
CA CYS A 194 -1.28 -60.93 4.75
C CYS A 194 -1.37 -59.56 5.43
N CYS A 195 -0.67 -58.57 4.88
CA CYS A 195 -0.68 -57.20 5.30
C CYS A 195 0.41 -56.36 4.63
N ASN A 196 0.10 -55.08 4.46
CA ASN A 196 0.90 -54.07 3.81
C ASN A 196 2.27 -54.13 4.44
N GLU A 197 3.31 -53.98 3.62
CA GLU A 197 4.64 -54.04 4.22
C GLU A 197 5.66 -53.11 3.59
N LEU A 198 6.49 -52.44 4.40
CA LEU A 198 7.49 -51.50 3.91
C LEU A 198 8.91 -51.97 4.18
N ASP A 199 9.64 -52.44 3.16
CA ASP A 199 10.99 -52.92 3.49
C ASP A 199 11.97 -51.77 3.36
N ILE A 200 12.34 -51.19 4.47
CA ILE A 200 13.21 -50.04 4.48
C ILE A 200 14.63 -50.54 4.16
N TRP A 201 14.99 -51.65 4.81
CA TRP A 201 16.34 -52.16 4.72
C TRP A 201 16.44 -53.67 4.67
N GLU A 202 16.78 -54.24 3.51
CA GLU A 202 17.04 -55.68 3.41
C GLU A 202 18.45 -55.83 2.81
N ALA A 203 19.42 -56.33 3.55
CA ALA A 203 20.80 -56.35 3.14
C ALA A 203 21.81 -57.29 3.72
N ASN A 204 22.98 -57.29 3.09
CA ASN A 204 24.17 -57.98 3.64
C ASN A 204 25.33 -57.06 3.30
N SER A 205 26.58 -57.38 3.51
CA SER A 205 27.66 -56.43 3.21
C SER A 205 27.96 -56.26 1.74
N ARG A 206 27.35 -57.06 0.88
CA ARG A 206 27.53 -57.07 -0.53
C ARG A 206 26.42 -56.48 -1.38
N ALA A 207 25.23 -56.20 -0.88
CA ALA A 207 24.12 -55.60 -1.62
C ALA A 207 23.00 -55.12 -0.69
N THR A 208 22.29 -54.06 -1.00
CA THR A 208 21.19 -53.59 -0.21
C THR A 208 19.97 -53.42 -1.10
N HIS A 209 18.80 -53.41 -0.48
CA HIS A 209 17.51 -53.32 -1.18
C HIS A 209 16.49 -52.49 -0.40
N ILE A 210 15.68 -51.73 -1.12
CA ILE A 210 14.58 -51.01 -0.49
C ILE A 210 13.30 -51.49 -1.15
N ALA A 211 12.19 -51.79 -0.46
CA ALA A 211 10.98 -52.13 -1.19
C ALA A 211 9.66 -52.10 -0.44
N PRO A 212 8.80 -51.20 -0.89
CA PRO A 212 7.42 -51.05 -0.49
C PRO A 212 6.57 -52.16 -1.09
N HIS A 213 5.76 -52.85 -0.28
CA HIS A 213 4.83 -53.83 -0.78
C HIS A 213 3.41 -53.49 -0.31
N PRO A 214 2.65 -52.91 -1.18
CA PRO A 214 1.28 -52.54 -0.95
C PRO A 214 0.39 -53.75 -1.01
N CYS A 215 -0.72 -53.70 -0.26
CA CYS A 215 -1.75 -54.75 -0.39
C CYS A 215 -3.08 -54.00 -0.54
N SER A 216 -4.02 -54.60 -1.25
CA SER A 216 -5.33 -53.95 -1.42
C SER A 216 -6.26 -54.07 -0.22
N LYS A 217 -5.96 -54.81 0.84
CA LYS A 217 -6.80 -54.91 2.02
C LYS A 217 -6.07 -54.34 3.21
N PRO A 218 -6.67 -53.45 3.96
CA PRO A 218 -6.14 -52.80 5.14
C PRO A 218 -5.86 -53.75 6.28
N GLY A 219 -4.88 -53.45 7.10
CA GLY A 219 -4.51 -54.28 8.23
C GLY A 219 -4.25 -55.75 7.87
N LEU A 220 -4.29 -56.62 8.87
CA LEU A 220 -4.04 -58.04 8.69
C LEU A 220 -5.23 -58.73 8.04
N TYR A 221 -5.00 -59.45 6.94
CA TYR A 221 -6.10 -60.12 6.25
C TYR A 221 -5.81 -61.56 5.98
N GLY A 222 -6.66 -62.47 6.44
CA GLY A 222 -6.52 -63.91 6.21
C GLY A 222 -7.00 -64.20 4.78
N CYS A 223 -6.08 -64.41 3.83
CA CYS A 223 -6.48 -64.62 2.44
C CYS A 223 -6.97 -66.03 2.26
N THR A 224 -7.67 -66.27 1.17
CA THR A 224 -8.07 -67.63 0.81
C THR A 224 -7.87 -67.78 -0.69
N GLY A 225 -7.36 -68.93 -1.10
CA GLY A 225 -7.13 -69.24 -2.51
C GLY A 225 -6.30 -68.21 -3.23
N ASP A 226 -6.81 -67.75 -4.38
CA ASP A 226 -6.16 -66.73 -5.16
C ASP A 226 -5.87 -65.43 -4.48
N GLU A 227 -6.55 -65.12 -3.40
CA GLU A 227 -6.23 -63.86 -2.72
C GLU A 227 -4.78 -63.84 -2.27
N CYS A 228 -4.28 -65.04 -1.95
CA CYS A 228 -2.95 -65.31 -1.55
C CYS A 228 -1.91 -65.34 -2.66
N GLY A 229 -2.30 -65.50 -3.90
CA GLY A 229 -1.33 -65.61 -4.98
C GLY A 229 -0.66 -64.33 -5.47
N SER A 230 0.04 -64.43 -6.59
CA SER A 230 0.79 -63.38 -7.26
C SER A 230 -0.12 -62.22 -7.63
N SER A 231 -1.27 -62.58 -8.19
CA SER A 231 -2.25 -61.58 -8.59
C SER A 231 -3.34 -61.44 -7.56
N GLY A 232 -3.01 -61.75 -6.32
CA GLY A 232 -3.91 -61.68 -5.21
C GLY A 232 -3.97 -60.29 -4.61
N ILE A 233 -4.13 -60.24 -3.28
CA ILE A 233 -4.27 -58.94 -2.62
C ILE A 233 -2.97 -58.26 -2.23
N CYS A 234 -1.84 -59.01 -2.22
CA CYS A 234 -0.56 -58.36 -1.86
C CYS A 234 0.48 -58.44 -2.95
N ASP A 235 1.34 -57.44 -2.99
CA ASP A 235 2.43 -57.32 -3.96
C ASP A 235 3.59 -58.08 -3.35
N LYS A 236 3.67 -59.36 -3.78
CA LYS A 236 4.75 -60.21 -3.23
C LYS A 236 6.12 -59.68 -3.60
N ALA A 237 6.31 -59.23 -4.83
CA ALA A 237 7.58 -58.73 -5.36
C ALA A 237 8.02 -57.39 -4.81
N GLY A 238 7.08 -56.45 -4.70
CA GLY A 238 7.45 -55.13 -4.21
C GLY A 238 8.01 -54.27 -5.34
N CYS A 239 8.27 -53.01 -5.08
CA CYS A 239 8.81 -52.12 -6.06
C CYS A 239 10.21 -51.80 -5.52
N GLY A 240 11.25 -52.53 -5.94
CA GLY A 240 12.52 -52.38 -5.29
C GLY A 240 13.50 -51.40 -5.85
N TRP A 241 14.49 -51.04 -5.06
CA TRP A 241 15.63 -50.22 -5.35
C TRP A 241 16.91 -50.80 -4.71
N ASN A 242 17.77 -51.23 -5.61
CA ASN A 242 19.07 -51.82 -5.41
C ASN A 242 19.97 -51.10 -6.43
N HIS A 243 20.96 -50.38 -5.93
CA HIS A 243 21.88 -49.61 -6.75
C HIS A 243 22.50 -50.49 -7.83
N ASN A 244 22.74 -51.77 -7.56
CA ASN A 244 23.28 -52.66 -8.56
C ASN A 244 22.24 -52.94 -9.63
N ARG A 245 20.96 -52.99 -9.35
CA ARG A 245 20.02 -53.26 -10.44
C ARG A 245 19.78 -52.02 -11.30
N ILE A 246 20.14 -50.83 -10.86
CA ILE A 246 19.98 -49.68 -11.73
C ILE A 246 21.36 -49.24 -12.27
N ASN A 247 22.29 -50.19 -12.32
CA ASN A 247 23.60 -50.08 -12.86
C ASN A 247 24.54 -49.09 -12.22
N VAL A 248 24.59 -48.97 -10.91
CA VAL A 248 25.58 -48.18 -10.19
C VAL A 248 26.25 -49.09 -9.17
N THR A 249 27.04 -50.04 -9.63
CA THR A 249 27.62 -51.11 -8.85
C THR A 249 28.71 -50.76 -7.88
N ASP A 250 29.17 -49.54 -7.78
CA ASP A 250 30.18 -49.13 -6.82
C ASP A 250 29.60 -48.30 -5.68
N PHE A 251 28.28 -48.23 -5.59
CA PHE A 251 27.68 -47.42 -4.52
C PHE A 251 27.83 -48.10 -3.16
N TYR A 252 27.55 -49.40 -3.04
CA TYR A 252 27.63 -50.05 -1.74
C TYR A 252 28.36 -51.38 -1.79
N GLY A 253 29.31 -51.59 -0.90
CA GLY A 253 30.06 -52.86 -0.91
C GLY A 253 31.15 -52.86 0.15
N ARG A 254 31.90 -53.96 0.22
CA ARG A 254 32.97 -54.00 1.21
C ARG A 254 34.22 -53.27 0.70
N GLY A 255 34.67 -52.28 1.45
CA GLY A 255 35.91 -51.61 1.12
C GLY A 255 35.90 -50.18 0.69
N LYS A 256 37.07 -49.62 0.38
CA LYS A 256 37.25 -48.22 0.01
C LYS A 256 36.80 -47.94 -1.41
N GLN A 257 36.60 -49.00 -2.22
CA GLN A 257 36.19 -48.79 -3.60
C GLN A 257 34.70 -48.63 -3.79
N TYR A 258 33.94 -48.43 -2.71
CA TYR A 258 32.49 -48.26 -2.73
C TYR A 258 32.20 -46.94 -2.03
N LYS A 259 31.14 -46.28 -2.46
CA LYS A 259 30.73 -44.99 -1.84
C LYS A 259 30.31 -45.20 -0.40
N VAL A 260 29.52 -46.22 -0.12
CA VAL A 260 29.21 -46.52 1.27
C VAL A 260 29.97 -47.79 1.56
N ASP A 261 30.80 -47.79 2.58
CA ASP A 261 31.57 -48.97 2.93
C ASP A 261 30.89 -49.81 4.01
N SER A 262 30.37 -50.95 3.55
CA SER A 262 29.64 -51.91 4.33
C SER A 262 30.45 -52.63 5.38
N THR A 263 31.76 -52.50 5.43
CA THR A 263 32.55 -53.11 6.50
C THR A 263 32.60 -52.15 7.67
N ARG A 264 32.07 -50.93 7.52
CA ARG A 264 32.11 -49.97 8.60
C ARG A 264 30.69 -49.46 8.90
N LYS A 265 30.51 -48.89 10.08
CA LYS A 265 29.28 -48.30 10.46
C LYS A 265 28.82 -47.14 9.57
N PHE A 266 27.52 -47.02 9.38
CA PHE A 266 26.98 -45.91 8.61
C PHE A 266 25.51 -45.66 9.01
N THR A 267 25.02 -44.46 8.72
CA THR A 267 23.66 -44.10 8.96
C THR A 267 22.89 -44.22 7.65
N VAL A 268 21.68 -44.75 7.77
CA VAL A 268 20.74 -44.90 6.68
C VAL A 268 19.57 -43.98 7.00
N THR A 269 19.28 -43.00 6.19
CA THR A 269 18.20 -42.08 6.40
C THR A 269 17.22 -42.33 5.26
N SER A 270 15.94 -42.48 5.58
CA SER A 270 14.89 -42.63 4.59
C SER A 270 13.87 -41.51 4.82
N GLN A 271 13.33 -40.98 3.73
CA GLN A 271 12.42 -39.85 3.78
C GLN A 271 11.19 -40.13 2.95
N PHE A 272 10.06 -40.27 3.63
CA PHE A 272 8.79 -40.61 2.96
C PHE A 272 8.05 -39.33 2.63
N VAL A 273 8.16 -38.85 1.40
CA VAL A 273 7.54 -37.59 1.02
C VAL A 273 6.10 -37.65 0.60
N ALA A 274 5.35 -36.70 1.17
CA ALA A 274 3.91 -36.62 0.81
C ALA A 274 3.56 -35.39 -0.02
N ASN A 275 2.50 -35.52 -0.80
CA ASN A 275 2.01 -34.37 -1.57
C ASN A 275 1.08 -33.50 -0.72
N LYS A 276 0.43 -32.52 -1.34
CA LYS A 276 -0.48 -31.61 -0.65
C LYS A 276 -1.59 -32.36 0.09
N GLN A 277 -2.21 -33.33 -0.58
CA GLN A 277 -3.27 -34.13 -0.05
C GLN A 277 -2.85 -35.09 1.04
N GLY A 278 -1.60 -35.14 1.45
CA GLY A 278 -1.07 -36.01 2.45
C GLY A 278 -0.68 -37.39 1.96
N ASP A 279 -0.84 -37.73 0.70
CA ASP A 279 -0.49 -39.02 0.16
C ASP A 279 1.01 -39.20 -0.07
N LEU A 280 1.49 -40.42 0.14
CA LEU A 280 2.90 -40.68 -0.08
C LEU A 280 3.19 -40.60 -1.59
N ILE A 281 4.22 -39.80 -1.96
CA ILE A 281 4.43 -39.77 -3.41
C ILE A 281 5.81 -40.27 -3.79
N GLU A 282 6.78 -40.05 -2.92
CA GLU A 282 8.14 -40.49 -3.22
C GLU A 282 8.94 -40.92 -2.00
N LEU A 283 9.76 -41.95 -2.15
CA LEU A 283 10.60 -42.47 -1.06
C LEU A 283 12.06 -42.12 -1.29
N HIS A 284 12.64 -41.30 -0.45
CA HIS A 284 14.03 -40.90 -0.58
C HIS A 284 15.00 -41.63 0.35
N ARG A 285 16.24 -41.84 -0.12
CA ARG A 285 17.29 -42.45 0.69
C ARG A 285 18.62 -41.70 0.55
N HIS A 286 19.37 -41.61 1.62
CA HIS A 286 20.69 -41.00 1.66
C HIS A 286 21.42 -41.57 2.87
N TYR A 287 22.74 -41.69 2.77
CA TYR A 287 23.53 -42.33 3.83
C TYR A 287 24.46 -41.33 4.48
N ILE A 288 25.07 -41.66 5.60
CA ILE A 288 26.04 -40.84 6.29
C ILE A 288 27.18 -41.77 6.78
N GLN A 289 28.35 -41.56 6.23
CA GLN A 289 29.52 -42.32 6.64
C GLN A 289 30.64 -41.28 6.76
N ASP A 290 31.33 -41.32 7.88
CA ASP A 290 32.43 -40.43 8.17
C ASP A 290 32.04 -38.98 8.25
N ASN A 291 30.79 -38.65 8.60
CA ASN A 291 30.38 -37.24 8.63
C ASN A 291 30.17 -36.69 7.23
N LYS A 292 29.78 -37.54 6.30
CA LYS A 292 29.62 -37.14 4.92
C LYS A 292 28.27 -37.63 4.42
N VAL A 293 27.44 -36.70 3.93
CA VAL A 293 26.17 -37.13 3.39
C VAL A 293 26.45 -37.85 2.07
N ILE A 294 26.18 -39.12 1.88
CA ILE A 294 26.37 -39.77 0.61
C ILE A 294 24.98 -39.78 0.00
N GLU A 295 24.68 -39.04 -1.02
CA GLU A 295 23.42 -39.07 -1.72
C GLU A 295 23.29 -40.38 -2.49
N SER A 296 22.05 -40.84 -2.65
CA SER A 296 21.77 -42.03 -3.45
C SER A 296 22.14 -41.71 -4.88
N ALA A 297 22.32 -42.69 -5.73
CA ALA A 297 22.72 -42.39 -7.11
C ALA A 297 21.54 -42.46 -8.06
N VAL A 298 21.57 -41.62 -9.09
CA VAL A 298 20.55 -41.64 -10.13
C VAL A 298 20.47 -42.94 -10.89
N VAL A 299 19.34 -43.25 -11.50
CA VAL A 299 19.16 -44.51 -12.23
C VAL A 299 20.17 -44.45 -13.37
N ASN A 300 20.89 -45.53 -13.60
CA ASN A 300 21.93 -45.56 -14.62
C ASN A 300 21.64 -46.65 -15.64
N ILE A 301 20.36 -46.85 -15.94
CA ILE A 301 19.96 -47.73 -17.01
C ILE A 301 18.88 -46.98 -17.79
N SER A 302 18.67 -47.35 -19.05
CA SER A 302 17.62 -46.61 -19.78
C SER A 302 16.29 -47.27 -19.41
N GLY A 303 15.22 -46.51 -19.31
CA GLY A 303 13.89 -46.98 -18.94
C GLY A 303 13.30 -46.02 -17.90
N PRO A 304 13.68 -46.24 -16.66
CA PRO A 304 13.24 -45.45 -15.53
C PRO A 304 13.62 -44.00 -15.71
N PRO A 305 12.96 -43.10 -15.02
CA PRO A 305 13.24 -41.68 -15.01
C PRO A 305 14.63 -41.53 -14.43
N LYS A 306 15.41 -40.54 -14.77
CA LYS A 306 16.75 -40.45 -14.19
C LYS A 306 16.63 -39.83 -12.80
N ILE A 307 16.21 -40.59 -11.80
CA ILE A 307 16.09 -40.05 -10.43
C ILE A 307 16.86 -40.93 -9.46
N ASN A 308 16.93 -40.51 -8.18
CA ASN A 308 17.60 -41.34 -7.17
C ASN A 308 16.68 -41.78 -6.01
N PHE A 309 15.38 -41.85 -6.30
CA PHE A 309 14.36 -42.17 -5.32
C PHE A 309 13.20 -42.95 -5.91
N ILE A 310 12.35 -43.55 -5.10
CA ILE A 310 11.21 -44.29 -5.61
C ILE A 310 9.92 -43.47 -5.77
N ASN A 311 9.24 -43.74 -6.87
CA ASN A 311 8.01 -43.04 -7.16
C ASN A 311 7.25 -43.93 -8.14
N ASP A 312 6.02 -43.58 -8.48
CA ASP A 312 5.24 -44.46 -9.32
C ASP A 312 5.82 -44.57 -10.72
N LYS A 313 6.36 -43.48 -11.24
CA LYS A 313 6.91 -43.52 -12.61
C LYS A 313 8.07 -44.51 -12.58
N TYR A 314 8.91 -44.48 -11.56
CA TYR A 314 10.01 -45.43 -11.51
C TYR A 314 9.55 -46.89 -11.39
N CYS A 315 8.61 -47.12 -10.47
CA CYS A 315 8.08 -48.46 -10.29
C CYS A 315 7.43 -48.96 -11.56
N ALA A 316 6.69 -48.09 -12.25
CA ALA A 316 5.99 -48.51 -13.46
C ALA A 316 7.04 -48.91 -14.50
N ALA A 317 8.07 -48.08 -14.57
CA ALA A 317 9.15 -48.26 -15.52
C ALA A 317 9.97 -49.50 -15.20
N THR A 318 10.02 -49.90 -13.95
CA THR A 318 10.85 -51.06 -13.63
C THR A 318 10.09 -52.37 -13.57
N GLY A 319 8.86 -52.43 -14.05
CA GLY A 319 8.13 -53.68 -14.09
C GLY A 319 7.58 -54.19 -12.78
N ALA A 320 7.20 -53.27 -11.91
CA ALA A 320 6.56 -53.54 -10.64
C ALA A 320 5.03 -53.52 -10.85
N ASN A 321 4.53 -54.47 -11.62
CA ASN A 321 3.17 -54.56 -12.03
C ASN A 321 2.17 -54.69 -10.92
N GLU A 322 2.44 -55.60 -10.00
CA GLU A 322 1.49 -55.82 -8.91
C GLU A 322 1.44 -54.59 -8.02
N TYR A 323 2.61 -54.00 -7.81
CA TYR A 323 2.73 -52.76 -7.07
C TYR A 323 1.78 -51.72 -7.65
N MET A 324 1.81 -51.47 -8.93
CA MET A 324 1.00 -50.51 -9.62
C MET A 324 -0.44 -50.96 -9.58
N ARG A 325 -0.66 -52.23 -9.83
CA ARG A 325 -2.02 -52.78 -9.82
C ARG A 325 -2.76 -52.68 -8.50
N LEU A 326 -2.09 -52.72 -7.36
CA LEU A 326 -2.66 -52.74 -6.05
C LEU A 326 -2.62 -51.37 -5.43
N GLY A 327 -2.38 -50.35 -6.25
CA GLY A 327 -2.36 -49.00 -5.72
C GLY A 327 -1.06 -48.24 -5.60
N GLY A 328 0.07 -48.84 -5.85
CA GLY A 328 1.33 -48.16 -5.85
C GLY A 328 1.64 -47.40 -4.59
N THR A 329 2.38 -46.29 -4.76
CA THR A 329 2.89 -45.52 -3.64
C THR A 329 1.82 -44.94 -2.74
N LYS A 330 0.68 -44.54 -3.33
CA LYS A 330 -0.42 -44.04 -2.51
C LYS A 330 -0.94 -45.15 -1.59
N GLN A 331 -1.20 -46.34 -2.12
CA GLN A 331 -1.69 -47.45 -1.32
C GLN A 331 -0.73 -47.81 -0.20
N MET A 332 0.56 -47.89 -0.47
CA MET A 332 1.56 -48.15 0.55
C MET A 332 1.50 -47.08 1.63
N GLY A 333 1.50 -45.82 1.23
CA GLY A 333 1.48 -44.74 2.22
C GLY A 333 0.13 -44.67 2.95
N ASP A 334 -0.98 -45.24 2.43
CA ASP A 334 -2.14 -45.26 3.33
C ASP A 334 -1.90 -46.21 4.50
N ALA A 335 -1.33 -47.38 4.30
CA ALA A 335 -0.95 -48.24 5.40
C ALA A 335 0.05 -47.52 6.31
N MET A 336 0.99 -46.79 5.73
CA MET A 336 1.96 -46.11 6.60
C MET A 336 1.29 -45.08 7.49
N SER A 337 0.32 -44.37 6.94
CA SER A 337 -0.46 -43.33 7.62
C SER A 337 -1.29 -43.94 8.76
N ARG A 338 -1.92 -45.09 8.53
CA ARG A 338 -2.59 -45.81 9.60
C ARG A 338 -1.67 -46.33 10.70
N GLY A 339 -0.38 -46.55 10.48
CA GLY A 339 0.52 -46.99 11.54
C GLY A 339 0.90 -48.45 11.32
N MET A 340 2.21 -48.72 11.40
CA MET A 340 2.73 -50.05 11.16
C MET A 340 3.74 -50.43 12.23
N VAL A 341 3.93 -51.71 12.41
CA VAL A 341 4.84 -52.21 13.44
C VAL A 341 6.27 -52.32 12.93
N LEU A 342 7.27 -51.92 13.72
CA LEU A 342 8.66 -52.03 13.30
C LEU A 342 9.20 -53.44 13.56
N ALA A 343 9.60 -54.14 12.50
CA ALA A 343 10.14 -55.50 12.66
C ALA A 343 11.62 -55.59 12.36
N MET A 344 12.47 -56.27 13.08
CA MET A 344 13.89 -56.42 12.71
C MET A 344 14.22 -57.90 12.71
N SER A 345 14.97 -58.37 11.70
CA SER A 345 15.36 -59.78 11.71
C SER A 345 16.73 -60.04 11.10
N VAL A 346 17.22 -61.26 11.27
CA VAL A 346 18.43 -61.78 10.69
C VAL A 346 17.99 -63.13 10.06
N TRP A 347 18.31 -63.37 8.81
CA TRP A 347 17.96 -64.67 8.27
C TRP A 347 18.71 -64.97 6.97
N TRP A 348 18.67 -66.23 6.60
CA TRP A 348 19.29 -66.80 5.43
C TRP A 348 18.23 -67.69 4.74
N SER A 349 18.49 -68.26 3.59
CA SER A 349 17.55 -69.07 2.86
C SER A 349 18.22 -70.29 2.29
N GLU A 350 17.70 -71.44 2.56
CA GLU A 350 18.20 -72.71 2.08
C GLU A 350 17.58 -72.95 0.74
N GLY A 351 16.68 -72.10 0.32
CA GLY A 351 15.99 -72.29 -0.93
C GLY A 351 16.48 -71.53 -2.13
N ASP A 352 16.89 -70.30 -1.98
CA ASP A 352 17.27 -69.52 -3.18
C ASP A 352 18.51 -68.70 -2.86
N PHE A 353 18.91 -68.85 -1.61
CA PHE A 353 20.12 -68.26 -1.06
C PHE A 353 20.13 -66.74 -1.14
N MET A 354 19.00 -66.07 -1.15
CA MET A 354 18.91 -64.63 -1.19
C MET A 354 19.40 -64.05 -2.51
N ALA A 355 19.38 -64.85 -3.57
CA ALA A 355 19.83 -64.45 -4.87
C ALA A 355 19.21 -63.16 -5.42
N TRP A 356 17.92 -62.89 -5.10
CA TRP A 356 17.26 -61.66 -5.47
C TRP A 356 17.99 -60.46 -4.87
N LEU A 357 18.70 -60.62 -3.77
CA LEU A 357 19.37 -59.52 -3.13
C LEU A 357 20.80 -59.34 -3.59
N ASP A 358 21.64 -60.35 -3.78
CA ASP A 358 23.04 -60.11 -4.05
C ASP A 358 23.69 -60.90 -5.17
N GLN A 359 22.99 -61.31 -6.20
CA GLN A 359 23.52 -62.12 -7.29
C GLN A 359 23.07 -61.57 -8.63
N GLY A 360 23.82 -61.88 -9.69
CA GLY A 360 23.48 -61.40 -11.03
C GLY A 360 23.51 -59.88 -11.05
N VAL A 361 22.39 -59.28 -11.47
CA VAL A 361 22.26 -57.83 -11.51
C VAL A 361 22.04 -57.25 -10.14
N ALA A 362 21.71 -58.10 -9.16
CA ALA A 362 21.50 -57.60 -7.80
C ALA A 362 22.82 -57.39 -7.06
N GLY A 363 23.83 -58.22 -7.39
CA GLY A 363 25.11 -58.04 -6.70
C GLY A 363 26.27 -58.85 -7.22
N PRO A 364 27.31 -58.90 -6.42
CA PRO A 364 28.55 -59.57 -6.68
C PRO A 364 28.70 -60.99 -6.17
N CYS A 365 27.67 -61.74 -5.84
CA CYS A 365 27.86 -63.08 -5.29
C CYS A 365 27.67 -64.13 -6.33
N ASP A 366 28.28 -65.28 -6.12
CA ASP A 366 28.07 -66.36 -7.11
C ASP A 366 26.82 -67.16 -6.71
N ALA A 367 26.58 -68.23 -7.43
CA ALA A 367 25.40 -69.06 -7.18
C ALA A 367 25.52 -69.99 -5.99
N THR A 368 26.59 -70.06 -5.20
CA THR A 368 26.70 -71.02 -4.16
C THR A 368 27.30 -70.43 -2.90
N GLU A 369 28.03 -69.31 -2.91
CA GLU A 369 28.64 -68.88 -1.65
C GLU A 369 27.55 -68.53 -0.64
N GLY A 370 26.38 -68.14 -1.12
CA GLY A 370 25.24 -67.74 -0.36
C GLY A 370 24.55 -68.89 0.28
N ASP A 371 24.78 -70.11 -0.16
CA ASP A 371 24.27 -71.32 0.51
C ASP A 371 24.66 -71.23 1.98
N PRO A 372 23.74 -71.57 2.87
CA PRO A 372 23.91 -71.48 4.32
C PRO A 372 25.11 -72.27 4.83
N LYS A 373 25.41 -73.40 4.25
CA LYS A 373 26.55 -74.27 4.43
C LYS A 373 27.90 -73.65 4.10
N ASN A 374 27.95 -72.76 3.10
CA ASN A 374 29.11 -71.94 2.75
C ASN A 374 29.11 -70.67 3.59
N ILE A 375 27.94 -70.07 3.84
CA ILE A 375 27.92 -68.86 4.64
C ILE A 375 28.71 -69.04 5.92
N VAL A 376 28.56 -70.13 6.63
CA VAL A 376 29.26 -70.28 7.92
C VAL A 376 30.76 -70.56 7.77
N LYS A 377 31.21 -70.86 6.57
CA LYS A 377 32.61 -71.03 6.24
C LYS A 377 33.22 -69.62 6.13
N VAL A 378 32.55 -68.79 5.34
CA VAL A 378 33.01 -67.40 5.23
C VAL A 378 32.94 -66.65 6.55
N GLN A 379 31.80 -66.72 7.20
CA GLN A 379 31.55 -66.02 8.48
C GLN A 379 30.83 -67.02 9.36
N PRO A 380 31.53 -67.55 10.34
CA PRO A 380 31.06 -68.58 11.24
C PRO A 380 29.84 -68.14 12.05
N ASN A 381 29.82 -66.89 12.50
CA ASN A 381 28.69 -66.38 13.25
C ASN A 381 28.14 -65.09 12.66
N PRO A 382 27.33 -65.20 11.63
CA PRO A 382 26.71 -64.05 10.99
C PRO A 382 25.85 -63.26 11.96
N GLU A 383 25.97 -61.95 11.96
CA GLU A 383 25.14 -61.15 12.90
C GLU A 383 24.96 -59.76 12.31
N VAL A 384 24.15 -58.94 12.94
CA VAL A 384 23.93 -57.56 12.49
C VAL A 384 23.58 -56.70 13.70
N THR A 385 24.01 -55.44 13.79
CA THR A 385 23.59 -54.62 14.92
C THR A 385 22.87 -53.36 14.41
N PHE A 386 21.58 -53.16 14.73
CA PHE A 386 20.85 -51.98 14.32
C PHE A 386 20.84 -51.05 15.55
N SER A 387 21.10 -49.76 15.35
CA SER A 387 21.13 -48.88 16.52
C SER A 387 20.67 -47.47 16.21
N ASN A 388 20.53 -46.72 17.30
CA ASN A 388 20.17 -45.31 17.16
C ASN A 388 19.02 -45.04 16.23
N ILE A 389 17.88 -45.67 16.32
CA ILE A 389 16.66 -45.43 15.59
C ILE A 389 16.08 -44.09 15.99
N ARG A 390 15.80 -43.23 15.00
CA ARG A 390 15.29 -41.88 15.31
C ARG A 390 14.27 -41.55 14.22
N ILE A 391 13.03 -41.32 14.60
CA ILE A 391 11.91 -41.00 13.73
C ILE A 391 11.52 -39.55 14.01
N GLY A 392 11.08 -38.77 13.03
CA GLY A 392 10.76 -37.37 13.32
C GLY A 392 10.67 -36.54 12.06
N GLU A 393 10.77 -35.21 12.21
CA GLU A 393 10.58 -34.39 11.01
C GLU A 393 11.71 -34.54 9.99
N ILE A 394 11.24 -34.54 8.73
CA ILE A 394 12.15 -34.61 7.61
C ILE A 394 13.17 -33.50 7.81
N GLY A 395 14.42 -33.86 7.89
CA GLY A 395 15.54 -32.95 8.07
C GLY A 395 16.05 -33.00 9.50
N SER A 396 15.49 -33.81 10.40
CA SER A 396 15.99 -33.71 11.77
C SER A 396 16.55 -34.98 12.34
N THR A 397 16.48 -36.11 11.64
CA THR A 397 16.97 -37.33 12.27
C THR A 397 18.43 -37.68 12.06
N SER A 398 19.03 -37.30 10.94
CA SER A 398 20.42 -37.74 10.68
C SER A 398 21.42 -36.59 10.81
N THR B 2 -36.01 -8.79 28.60
CA THR B 2 -35.88 -8.42 29.98
C THR B 2 -34.44 -8.66 30.48
N PRO B 3 -33.82 -7.53 30.76
CA PRO B 3 -32.47 -7.48 31.24
C PRO B 3 -32.32 -8.35 32.49
N ASP B 4 -31.22 -9.08 32.58
CA ASP B 4 -30.99 -9.89 33.78
C ASP B 4 -30.44 -8.92 34.80
N LYS B 5 -29.92 -9.43 35.88
CA LYS B 5 -29.39 -8.72 37.01
C LYS B 5 -27.90 -8.46 36.98
N ALA B 6 -27.19 -8.88 35.92
CA ALA B 6 -25.74 -8.65 35.84
C ALA B 6 -25.35 -7.18 35.71
N LYS B 7 -24.18 -6.82 36.24
CA LYS B 7 -23.78 -5.41 36.18
C LYS B 7 -23.39 -4.99 34.77
N GLU B 8 -23.84 -3.79 34.39
CA GLU B 8 -23.51 -3.27 33.07
C GLU B 8 -22.38 -2.27 33.28
N GLN B 9 -21.20 -2.57 32.71
CA GLN B 9 -20.14 -1.53 32.86
C GLN B 9 -19.84 -0.81 31.55
N HIS B 10 -20.57 0.27 31.27
CA HIS B 10 -20.44 0.96 29.99
C HIS B 10 -19.10 1.69 30.01
N PRO B 11 -18.30 1.51 28.99
CA PRO B 11 -17.08 2.24 28.76
C PRO B 11 -17.31 3.74 28.73
N LYS B 12 -16.50 4.52 29.41
CA LYS B 12 -16.55 5.96 29.46
C LYS B 12 -16.01 6.60 28.21
N LEU B 13 -16.61 7.67 27.70
CA LEU B 13 -16.07 8.42 26.58
C LEU B 13 -16.17 9.92 26.80
N GLU B 14 -15.05 10.63 26.72
CA GLU B 14 -15.10 12.10 26.84
C GLU B 14 -15.39 12.74 25.49
N THR B 15 -16.34 13.65 25.38
CA THR B 15 -16.70 14.34 24.14
C THR B 15 -16.72 15.84 24.42
N TYR B 16 -16.82 16.76 23.45
CA TYR B 16 -16.70 18.18 23.78
C TYR B 16 -17.82 19.01 23.18
N ARG B 17 -18.27 20.07 23.85
CA ARG B 17 -19.28 20.96 23.26
C ARG B 17 -18.56 22.30 23.07
N CYS B 18 -18.70 22.92 21.90
CA CYS B 18 -17.89 24.07 21.57
C CYS B 18 -18.65 25.30 21.12
N THR B 19 -17.98 26.44 21.35
CA THR B 19 -18.44 27.73 20.90
C THR B 19 -17.24 28.55 20.49
N LYS B 20 -17.46 29.42 19.53
CA LYS B 20 -16.41 30.33 19.06
C LYS B 20 -15.89 31.12 20.25
N ALA B 21 -16.79 31.70 21.04
CA ALA B 21 -16.42 32.44 22.23
C ALA B 21 -15.84 31.68 23.39
N SER B 22 -16.23 30.43 23.65
CA SER B 22 -15.63 29.76 24.83
C SER B 22 -14.77 28.56 24.52
N GLY B 23 -14.73 28.10 23.27
CA GLY B 23 -13.97 26.92 22.90
C GLY B 23 -14.78 25.64 23.19
N CYS B 24 -14.03 24.54 23.31
CA CYS B 24 -14.64 23.25 23.59
C CYS B 24 -14.50 22.87 25.05
N LYS B 25 -15.62 22.40 25.58
CA LYS B 25 -15.67 21.95 26.95
C LYS B 25 -15.96 20.46 27.02
N LYS B 26 -15.17 19.79 27.82
CA LYS B 26 -15.31 18.35 28.07
C LYS B 26 -16.63 17.97 28.73
N GLN B 27 -17.17 16.83 28.34
CA GLN B 27 -18.39 16.22 28.78
C GLN B 27 -18.19 14.72 29.06
N THR B 28 -18.81 14.18 30.08
CA THR B 28 -18.73 12.74 30.26
C THR B 28 -19.95 12.11 29.55
N ASN B 29 -19.59 11.13 28.73
CA ASN B 29 -20.57 10.40 27.95
C ASN B 29 -20.25 8.91 28.10
N TYR B 30 -21.22 8.03 27.86
CA TYR B 30 -20.96 6.60 27.98
C TYR B 30 -21.21 5.95 26.62
N ILE B 31 -20.63 4.77 26.45
CA ILE B 31 -20.79 4.04 25.19
C ILE B 31 -21.62 2.81 25.50
N VAL B 32 -22.55 2.45 24.64
CA VAL B 32 -23.35 1.25 24.99
C VAL B 32 -23.39 0.33 23.78
N ALA B 33 -23.17 -0.95 23.98
CA ALA B 33 -23.27 -1.91 22.89
C ALA B 33 -24.72 -2.14 22.49
N ASP B 34 -25.00 -2.37 21.21
CA ASP B 34 -26.36 -2.71 20.80
C ASP B 34 -26.97 -3.78 21.71
N ALA B 35 -28.32 -3.77 21.84
CA ALA B 35 -28.98 -4.75 22.68
C ALA B 35 -28.59 -6.17 22.27
N GLY B 36 -28.59 -6.45 20.96
CA GLY B 36 -28.17 -7.70 20.40
C GLY B 36 -26.83 -8.25 20.88
N ILE B 37 -25.76 -7.48 20.89
CA ILE B 37 -24.44 -7.90 21.29
C ILE B 37 -24.39 -8.29 22.74
N HIS B 38 -25.39 -7.91 23.55
CA HIS B 38 -25.41 -8.15 25.00
C HIS B 38 -25.70 -9.63 25.23
N GLY B 39 -26.46 -10.20 24.28
CA GLY B 39 -26.83 -11.60 24.42
C GLY B 39 -28.32 -11.68 24.82
N ILE B 40 -29.16 -12.03 23.88
CA ILE B 40 -30.58 -12.21 24.22
C ILE B 40 -30.95 -13.70 24.06
N ARG B 41 -31.15 -14.38 25.19
CA ARG B 41 -31.45 -15.80 25.13
C ARG B 41 -32.63 -16.31 25.95
N GLN B 42 -33.06 -17.51 25.54
CA GLN B 42 -34.09 -18.25 26.29
C GLN B 42 -33.38 -19.01 27.40
N LYS B 43 -34.08 -19.54 28.37
CA LYS B 43 -33.48 -20.20 29.54
C LYS B 43 -32.83 -21.50 29.12
N ASN B 44 -33.28 -22.08 27.99
CA ASN B 44 -32.69 -23.33 27.54
C ASN B 44 -31.48 -23.09 26.62
N GLY B 45 -30.98 -21.88 26.69
CA GLY B 45 -29.92 -21.37 25.92
C GLY B 45 -30.26 -21.09 24.47
N ALA B 46 -31.45 -21.39 23.99
CA ALA B 46 -31.76 -21.02 22.60
C ALA B 46 -31.82 -19.49 22.49
N GLY B 47 -31.79 -19.04 21.24
CA GLY B 47 -31.83 -17.60 20.96
C GLY B 47 -33.25 -17.16 20.68
N CYS B 48 -33.48 -15.84 20.63
CA CYS B 48 -34.85 -15.38 20.41
C CYS B 48 -35.13 -14.89 19.00
N GLY B 49 -34.35 -15.25 18.00
CA GLY B 49 -34.63 -14.92 16.60
C GLY B 49 -33.39 -14.34 15.93
N ASP B 50 -33.38 -14.34 14.62
CA ASP B 50 -32.27 -13.92 13.80
C ASP B 50 -32.52 -12.65 13.00
N TRP B 51 -31.47 -11.85 12.84
CA TRP B 51 -31.62 -10.63 12.06
C TRP B 51 -32.37 -10.96 10.78
N GLY B 52 -33.35 -10.16 10.41
CA GLY B 52 -34.07 -10.34 9.15
C GLY B 52 -35.37 -11.10 9.34
N GLN B 53 -35.56 -11.64 10.53
CA GLN B 53 -36.66 -12.52 10.88
C GLN B 53 -37.44 -12.02 12.09
N LYS B 54 -38.69 -12.49 12.31
CA LYS B 54 -39.34 -12.11 13.58
C LYS B 54 -38.81 -13.03 14.67
N PRO B 55 -39.19 -12.82 15.90
CA PRO B 55 -38.62 -13.51 17.05
C PRO B 55 -39.04 -14.97 17.21
N ASN B 56 -38.34 -15.67 18.12
CA ASN B 56 -38.71 -17.08 18.33
C ASN B 56 -40.23 -17.18 18.49
N ALA B 57 -40.86 -18.02 17.66
CA ALA B 57 -42.30 -18.18 17.73
C ALA B 57 -42.72 -18.86 19.03
N THR B 58 -41.89 -19.80 19.51
CA THR B 58 -42.34 -20.49 20.72
C THR B 58 -42.05 -19.57 21.91
N ALA B 59 -40.97 -18.81 21.90
CA ALA B 59 -40.65 -17.94 23.03
C ALA B 59 -41.47 -16.66 23.02
N CYS B 60 -41.90 -16.26 21.82
CA CYS B 60 -42.59 -15.02 21.60
C CYS B 60 -43.84 -15.11 20.72
N PRO B 61 -44.84 -15.82 21.20
CA PRO B 61 -46.14 -15.97 20.56
C PRO B 61 -46.86 -14.62 20.63
N ASP B 62 -46.54 -13.87 21.67
CA ASP B 62 -46.98 -12.53 21.90
C ASP B 62 -45.91 -11.75 22.70
N GLU B 63 -46.11 -10.43 22.70
CA GLU B 63 -45.20 -9.47 23.26
C GLU B 63 -44.77 -9.67 24.69
N ALA B 64 -45.73 -10.10 25.50
CA ALA B 64 -45.53 -10.32 26.93
C ALA B 64 -44.78 -11.62 27.20
N SER B 65 -45.12 -12.58 26.33
CA SER B 65 -44.47 -13.88 26.46
C SER B 65 -43.00 -13.67 26.11
N CYS B 66 -42.80 -12.92 25.03
CA CYS B 66 -41.45 -12.55 24.53
C CYS B 66 -40.68 -11.81 25.61
N ALA B 67 -41.34 -10.85 26.23
CA ALA B 67 -40.70 -10.11 27.30
C ALA B 67 -40.26 -11.02 28.42
N LYS B 68 -41.07 -12.05 28.71
CA LYS B 68 -40.74 -12.93 29.84
C LYS B 68 -39.69 -13.98 29.47
N ASN B 69 -39.84 -14.59 28.30
CA ASN B 69 -38.98 -15.67 27.89
C ASN B 69 -37.60 -15.29 27.38
N CYS B 70 -37.40 -14.09 26.82
CA CYS B 70 -36.11 -13.68 26.30
C CYS B 70 -35.32 -12.79 27.26
N ILE B 71 -34.23 -13.19 27.89
CA ILE B 71 -33.45 -12.45 28.82
C ILE B 71 -32.19 -11.86 28.16
N LEU B 72 -31.85 -10.65 28.51
CA LEU B 72 -30.77 -9.88 27.97
C LEU B 72 -29.69 -9.85 29.03
N SER B 73 -28.48 -10.33 28.67
CA SER B 73 -27.41 -10.31 29.65
C SER B 73 -26.66 -8.98 29.74
N GLY B 74 -26.45 -8.54 30.96
CA GLY B 74 -25.71 -7.30 31.19
C GLY B 74 -24.29 -7.60 30.74
N MET B 75 -23.63 -6.53 30.27
CA MET B 75 -22.25 -6.59 29.82
C MET B 75 -21.34 -5.85 30.76
N ASP B 76 -20.43 -6.51 31.42
CA ASP B 76 -19.42 -5.86 32.26
C ASP B 76 -18.20 -5.47 31.40
N SER B 77 -17.17 -4.91 32.01
CA SER B 77 -15.97 -4.48 31.29
C SER B 77 -15.35 -5.53 30.38
N ASN B 78 -15.21 -6.77 30.85
CA ASN B 78 -14.60 -7.81 30.02
C ASN B 78 -15.54 -8.20 28.91
N ALA B 79 -16.83 -8.14 29.16
CA ALA B 79 -17.82 -8.40 28.11
C ALA B 79 -17.65 -7.38 26.99
N TYR B 80 -17.44 -6.11 27.39
CA TYR B 80 -17.28 -5.05 26.44
C TYR B 80 -16.00 -5.27 25.64
N LYS B 81 -14.91 -5.45 26.38
CA LYS B 81 -13.65 -5.80 25.74
C LYS B 81 -13.78 -7.01 24.84
N ASN B 82 -14.51 -8.09 25.19
CA ASN B 82 -14.56 -9.20 24.22
C ASN B 82 -15.48 -8.95 23.04
N ALA B 83 -16.24 -7.87 23.07
CA ALA B 83 -17.16 -7.56 22.00
C ALA B 83 -16.43 -6.63 21.03
N GLY B 84 -15.23 -6.21 21.43
CA GLY B 84 -14.42 -5.37 20.58
C GLY B 84 -14.52 -3.90 20.89
N ILE B 85 -15.08 -3.58 22.05
CA ILE B 85 -15.31 -2.19 22.41
C ILE B 85 -14.41 -1.80 23.52
N THR B 86 -13.72 -0.68 23.47
CA THR B 86 -12.82 -0.19 24.48
C THR B 86 -12.74 1.31 24.34
N THR B 87 -12.56 2.04 25.44
CA THR B 87 -12.45 3.48 25.21
C THR B 87 -11.26 3.96 26.01
N SER B 88 -10.71 5.11 25.69
CA SER B 88 -9.62 5.66 26.50
C SER B 88 -9.69 7.18 26.39
N GLY B 89 -9.87 7.91 27.47
CA GLY B 89 -10.01 9.37 27.35
C GLY B 89 -11.10 9.63 26.31
N ASN B 90 -10.78 10.33 25.23
CA ASN B 90 -11.76 10.66 24.21
C ASN B 90 -11.70 9.74 22.99
N LYS B 91 -11.01 8.63 23.12
CA LYS B 91 -10.90 7.65 22.05
C LYS B 91 -11.82 6.43 22.18
N LEU B 92 -12.41 5.99 21.09
CA LEU B 92 -13.22 4.79 21.11
C LEU B 92 -12.59 3.81 20.13
N ARG B 93 -12.21 2.63 20.59
CA ARG B 93 -11.63 1.69 19.63
C ARG B 93 -12.55 0.53 19.30
N LEU B 94 -12.86 0.33 18.04
CA LEU B 94 -13.70 -0.79 17.68
C LEU B 94 -12.92 -1.81 16.87
N GLN B 95 -12.84 -3.04 17.36
CA GLN B 95 -12.15 -4.14 16.69
C GLN B 95 -13.17 -5.05 16.06
N GLN B 96 -12.85 -5.54 14.88
CA GLN B 96 -13.76 -6.41 14.16
C GLN B 96 -13.76 -7.86 14.64
N LEU B 97 -12.59 -8.30 15.15
CA LEU B 97 -12.45 -9.69 15.55
C LEU B 97 -11.73 -9.76 16.87
N ILE B 98 -12.14 -10.74 17.66
CA ILE B 98 -11.46 -10.93 18.95
C ILE B 98 -11.22 -12.44 18.98
N ASN B 99 -10.00 -12.88 19.26
CA ASN B 99 -9.65 -14.29 19.31
C ASN B 99 -10.30 -15.11 18.20
N ASN B 100 -10.21 -14.72 16.95
CA ASN B 100 -10.80 -15.39 15.82
C ASN B 100 -12.32 -15.40 15.89
N GLN B 101 -12.90 -14.55 16.68
CA GLN B 101 -14.35 -14.45 16.69
C GLN B 101 -14.80 -13.14 16.05
N LEU B 102 -15.69 -13.26 15.06
CA LEU B 102 -16.28 -12.09 14.44
C LEU B 102 -17.11 -11.37 15.50
N VAL B 103 -16.71 -10.21 16.03
CA VAL B 103 -17.56 -9.49 16.97
C VAL B 103 -18.27 -8.28 16.38
N SER B 104 -17.75 -7.69 15.33
CA SER B 104 -18.26 -6.52 14.64
C SER B 104 -19.22 -5.60 15.39
N PRO B 105 -18.71 -4.84 16.35
CA PRO B 105 -19.46 -3.97 17.22
C PRO B 105 -20.24 -2.85 16.60
N ARG B 106 -21.40 -2.56 17.19
CA ARG B 106 -22.19 -1.38 16.90
C ARG B 106 -22.51 -0.75 18.25
N VAL B 107 -22.11 0.47 18.52
CA VAL B 107 -22.28 1.13 19.79
C VAL B 107 -23.01 2.46 19.67
N TYR B 108 -23.69 2.91 20.76
CA TYR B 108 -24.47 4.14 20.67
C TYR B 108 -23.97 5.05 21.78
N LEU B 109 -24.10 6.35 21.67
CA LEU B 109 -23.63 7.24 22.72
C LEU B 109 -24.69 7.49 23.78
N LEU B 110 -24.45 7.32 25.06
CA LEU B 110 -25.41 7.64 26.10
C LEU B 110 -25.19 8.98 26.79
N GLU B 111 -26.24 9.57 27.34
CA GLU B 111 -26.05 10.77 28.17
C GLU B 111 -25.25 10.35 29.41
N GLU B 112 -24.74 11.30 30.18
CA GLU B 112 -23.97 10.94 31.35
C GLU B 112 -24.70 10.06 32.34
N ASN B 113 -26.00 10.12 32.50
CA ASN B 113 -26.84 9.35 33.39
C ASN B 113 -27.01 7.92 32.92
N LYS B 114 -26.78 7.63 31.67
CA LYS B 114 -26.92 6.30 31.11
C LYS B 114 -28.35 5.89 30.83
N LYS B 115 -29.34 6.74 31.05
CA LYS B 115 -30.73 6.31 30.87
C LYS B 115 -31.28 6.82 29.55
N LYS B 116 -30.73 7.86 28.98
CA LYS B 116 -31.14 8.36 27.68
C LYS B 116 -29.93 8.35 26.72
N TYR B 117 -30.18 8.28 25.42
CA TYR B 117 -29.10 8.40 24.44
C TYR B 117 -28.79 9.90 24.36
N GLU B 118 -27.55 10.31 24.17
CA GLU B 118 -27.24 11.71 23.99
C GLU B 118 -27.87 12.12 22.66
N MET B 119 -28.94 12.85 22.56
CA MET B 119 -29.56 13.23 21.30
C MET B 119 -28.86 14.42 20.67
N LEU B 120 -28.49 14.35 19.40
CA LEU B 120 -27.75 15.45 18.77
C LEU B 120 -28.60 16.16 17.73
N HIS B 121 -28.61 17.49 17.84
CA HIS B 121 -29.41 18.30 16.89
C HIS B 121 -28.39 18.97 15.97
N LEU B 122 -28.04 18.36 14.84
CA LEU B 122 -26.95 18.87 14.02
C LEU B 122 -27.30 19.93 13.00
N THR B 123 -28.54 20.09 12.55
CA THR B 123 -28.89 21.18 11.68
C THR B 123 -28.43 22.55 12.18
N GLY B 124 -27.66 23.25 11.33
CA GLY B 124 -27.12 24.56 11.69
C GLY B 124 -25.88 24.44 12.56
N THR B 125 -25.37 23.24 12.83
CA THR B 125 -24.18 23.15 13.68
C THR B 125 -23.02 22.48 12.97
N GLU B 126 -21.95 22.22 13.72
CA GLU B 126 -20.77 21.52 13.20
C GLU B 126 -20.41 20.30 14.03
N PHE B 127 -19.97 19.25 13.37
CA PHE B 127 -19.53 18.00 14.01
C PHE B 127 -18.13 17.62 13.52
N SER B 128 -17.24 17.31 14.44
CA SER B 128 -15.91 16.87 14.09
C SER B 128 -15.42 15.65 14.88
N PHE B 129 -14.69 14.78 14.15
CA PHE B 129 -13.98 13.72 14.88
C PHE B 129 -12.62 13.50 14.22
N ASP B 130 -11.78 12.78 14.95
CA ASP B 130 -10.48 12.33 14.50
C ASP B 130 -10.68 10.83 14.22
N VAL B 131 -10.07 10.33 13.17
CA VAL B 131 -10.16 8.90 12.94
C VAL B 131 -8.82 8.27 12.58
N GLU B 132 -8.67 6.99 12.95
CA GLU B 132 -7.49 6.17 12.65
C GLU B 132 -7.91 5.07 11.69
N MET B 133 -7.85 5.32 10.39
CA MET B 133 -8.28 4.40 9.37
C MET B 133 -7.26 3.43 8.82
N GLU B 134 -5.99 3.46 9.25
CA GLU B 134 -5.03 2.59 8.55
C GLU B 134 -5.34 1.11 8.51
N LYS B 135 -5.88 0.53 9.58
CA LYS B 135 -6.12 -0.90 9.66
C LYS B 135 -7.44 -1.29 9.02
N LEU B 136 -7.91 -0.55 8.05
CA LEU B 136 -9.10 -0.90 7.34
C LEU B 136 -8.90 -0.97 5.82
N PRO B 137 -8.62 -2.19 5.36
CA PRO B 137 -8.52 -2.54 3.98
C PRO B 137 -9.84 -2.44 3.25
N CYS B 138 -9.84 -2.72 1.96
CA CYS B 138 -10.98 -2.81 1.10
C CYS B 138 -11.97 -3.78 1.76
N GLY B 139 -13.25 -3.51 1.51
CA GLY B 139 -14.27 -4.41 2.03
C GLY B 139 -14.71 -4.04 3.45
N MET B 140 -13.88 -3.39 4.23
CA MET B 140 -14.28 -2.97 5.56
C MET B 140 -15.04 -1.62 5.54
N ASN B 141 -15.80 -1.43 6.62
CA ASN B 141 -16.60 -0.22 6.86
C ASN B 141 -16.52 0.12 8.36
N GLY B 142 -15.84 1.25 8.58
CA GLY B 142 -15.71 1.88 9.90
C GLY B 142 -16.72 3.04 9.78
N ALA B 143 -17.90 2.93 10.35
CA ALA B 143 -18.98 3.92 10.18
C ALA B 143 -19.31 4.78 11.40
N LEU B 144 -19.37 6.09 11.16
CA LEU B 144 -19.75 7.02 12.21
C LEU B 144 -21.03 7.67 11.65
N TYR B 145 -22.20 7.34 12.20
CA TYR B 145 -23.46 7.86 11.69
C TYR B 145 -24.54 8.06 12.75
N LEU B 146 -25.63 8.65 12.32
CA LEU B 146 -26.77 8.95 13.20
C LEU B 146 -28.08 8.34 12.72
N SER B 147 -28.86 7.91 13.68
CA SER B 147 -30.19 7.32 13.43
C SER B 147 -31.19 8.01 14.32
N GLU B 148 -32.41 8.28 13.88
CA GLU B 148 -33.48 8.83 14.75
C GLU B 148 -34.21 7.76 15.59
N MET B 149 -33.49 7.19 16.52
CA MET B 149 -33.87 6.16 17.46
C MET B 149 -34.54 6.82 18.66
N PRO B 150 -35.45 6.16 19.29
CA PRO B 150 -36.12 6.60 20.49
C PRO B 150 -35.09 6.88 21.56
N GLN B 151 -35.08 8.02 22.17
CA GLN B 151 -34.14 8.38 23.21
C GLN B 151 -34.10 7.41 24.37
N ASP B 152 -35.21 6.80 24.72
CA ASP B 152 -35.28 5.89 25.84
C ASP B 152 -35.12 4.48 25.36
N GLY B 153 -34.80 4.18 24.12
CA GLY B 153 -34.66 2.83 23.64
C GLY B 153 -35.99 2.22 23.33
N GLY B 154 -37.09 2.96 23.44
CA GLY B 154 -38.42 2.42 23.13
C GLY B 154 -39.30 2.11 24.35
N LYS B 155 -38.70 2.19 25.52
CA LYS B 155 -39.26 1.89 26.82
C LYS B 155 -40.67 2.43 27.08
N SER B 156 -40.96 3.68 26.78
CA SER B 156 -42.27 4.27 26.91
C SER B 156 -43.33 3.73 25.97
N THR B 157 -42.99 2.96 24.92
CA THR B 157 -43.99 2.54 23.94
C THR B 157 -44.84 1.40 24.51
N SER B 158 -44.34 0.68 25.48
CA SER B 158 -45.06 -0.51 25.93
C SER B 158 -44.71 -0.83 27.36
N ARG B 159 -45.61 -1.63 27.90
CA ARG B 159 -45.47 -2.13 29.25
C ARG B 159 -44.41 -3.22 29.30
N ASN B 160 -44.31 -3.96 28.20
CA ASN B 160 -43.32 -5.00 27.99
C ASN B 160 -41.93 -4.53 27.59
N SER B 161 -41.74 -3.26 27.16
CA SER B 161 -40.44 -2.78 26.74
C SER B 161 -39.63 -2.47 27.95
N LYS B 162 -38.57 -3.21 28.18
CA LYS B 162 -37.78 -3.03 29.41
C LYS B 162 -36.32 -2.69 29.14
N ALA B 163 -35.73 -3.10 28.03
CA ALA B 163 -34.28 -2.86 27.89
C ALA B 163 -33.91 -1.38 27.95
N GLY B 164 -34.49 -0.50 27.14
CA GLY B 164 -34.15 0.88 27.14
C GLY B 164 -32.81 1.22 26.49
N ALA B 165 -32.41 2.49 26.56
CA ALA B 165 -31.16 3.01 26.06
C ALA B 165 -30.01 2.43 26.89
N TYR B 166 -30.24 2.27 28.19
CA TYR B 166 -29.27 1.65 29.07
C TYR B 166 -28.74 0.32 28.55
N TYR B 167 -29.49 -0.51 27.86
CA TYR B 167 -28.95 -1.76 27.30
C TYR B 167 -28.88 -1.79 25.77
N GLY B 168 -28.88 -0.69 25.06
CA GLY B 168 -28.79 -0.66 23.64
C GLY B 168 -30.03 -0.98 22.87
N ALA B 169 -31.23 -0.83 23.34
CA ALA B 169 -32.44 -1.13 22.57
C ALA B 169 -32.90 0.03 21.67
N GLY B 170 -33.87 -0.28 20.80
CA GLY B 170 -34.38 0.66 19.86
C GLY B 170 -33.65 1.06 18.61
N TYR B 171 -32.77 0.20 18.06
CA TYR B 171 -32.08 0.56 16.83
C TYR B 171 -33.00 0.65 15.62
N CYS B 172 -32.71 1.48 14.65
CA CYS B 172 -33.39 1.53 13.36
C CYS B 172 -32.46 2.20 12.34
N ASP B 173 -32.83 2.18 11.07
CA ASP B 173 -32.03 2.99 10.13
C ASP B 173 -32.83 3.08 8.82
N ALA B 174 -32.25 3.67 7.77
CA ALA B 174 -33.04 3.83 6.55
C ALA B 174 -33.16 2.54 5.75
N GLN B 175 -32.58 1.43 6.20
CA GLN B 175 -32.80 0.21 5.41
C GLN B 175 -34.14 -0.45 5.74
N CYS B 176 -34.76 -0.25 6.91
CA CYS B 176 -36.08 -0.78 7.21
C CYS B 176 -36.03 -2.30 7.33
N TYR B 177 -34.95 -2.83 7.86
CA TYR B 177 -34.76 -4.25 8.02
C TYR B 177 -35.69 -4.87 9.05
N VAL B 178 -36.12 -6.11 8.81
CA VAL B 178 -36.94 -6.80 9.81
C VAL B 178 -36.08 -7.35 10.92
N THR B 179 -36.15 -6.80 12.11
CA THR B 179 -35.36 -7.32 13.23
C THR B 179 -36.31 -7.92 14.26
N PRO B 180 -35.84 -8.92 14.98
CA PRO B 180 -36.61 -9.67 15.95
C PRO B 180 -37.17 -8.80 17.07
N PHE B 181 -36.60 -7.64 17.33
CA PHE B 181 -37.10 -6.73 18.34
C PHE B 181 -37.25 -5.34 17.73
N ILE B 182 -38.32 -4.62 18.01
CA ILE B 182 -38.60 -3.24 17.67
C ILE B 182 -38.86 -2.54 19.02
N ASN B 183 -38.35 -1.34 19.22
CA ASN B 183 -38.54 -0.60 20.45
C ASN B 183 -38.39 -1.41 21.71
N GLY B 184 -37.54 -2.43 21.78
CA GLY B 184 -37.30 -3.15 23.04
C GLY B 184 -38.39 -4.17 23.21
N VAL B 185 -39.16 -4.46 22.14
CA VAL B 185 -40.20 -5.48 22.28
C VAL B 185 -40.19 -6.46 21.10
N GLY B 186 -40.64 -7.71 21.33
CA GLY B 186 -40.64 -8.68 20.27
C GLY B 186 -41.31 -8.12 19.03
N ASN B 187 -40.74 -8.22 17.82
CA ASN B 187 -41.37 -7.74 16.60
C ASN B 187 -42.31 -8.76 15.98
N ILE B 188 -43.32 -9.14 16.76
CA ILE B 188 -44.33 -10.12 16.35
C ILE B 188 -44.90 -9.92 14.97
N LYS B 189 -45.25 -8.71 14.56
CA LYS B 189 -45.72 -8.52 13.20
C LYS B 189 -44.62 -8.65 12.15
N GLY B 190 -43.34 -8.73 12.50
CA GLY B 190 -42.27 -8.80 11.52
C GLY B 190 -42.18 -7.57 10.59
N GLN B 191 -42.22 -6.39 11.21
CA GLN B 191 -42.12 -5.18 10.44
C GLN B 191 -40.65 -4.73 10.24
N GLY B 192 -40.52 -3.86 9.24
CA GLY B 192 -39.15 -3.38 9.01
C GLY B 192 -38.96 -2.28 10.06
N VAL B 193 -37.74 -2.15 10.58
CA VAL B 193 -37.62 -1.09 11.58
C VAL B 193 -36.99 0.14 10.95
N CYS B 194 -37.81 1.14 10.57
CA CYS B 194 -37.29 2.32 9.88
C CYS B 194 -37.08 3.61 10.67
N CYS B 195 -36.29 4.52 10.08
CA CYS B 195 -36.00 5.83 10.62
C CYS B 195 -34.90 6.61 9.88
N ASN B 196 -35.12 7.92 9.79
CA ASN B 196 -34.24 8.86 9.15
C ASN B 196 -32.80 8.55 9.56
N GLU B 197 -31.88 8.68 8.61
CA GLU B 197 -30.50 8.39 9.01
C GLU B 197 -29.46 9.25 8.29
N LEU B 198 -28.49 9.74 9.05
CA LEU B 198 -27.45 10.59 8.48
C LEU B 198 -26.11 9.86 8.52
N ASP B 199 -25.59 9.43 7.37
CA ASP B 199 -24.28 8.82 7.38
C ASP B 199 -23.19 9.84 7.14
N ILE B 200 -22.67 10.38 8.22
CA ILE B 200 -21.53 11.30 8.17
C ILE B 200 -20.26 10.61 7.62
N TRP B 201 -19.94 9.42 8.17
CA TRP B 201 -18.71 8.74 7.74
C TRP B 201 -18.82 7.26 7.46
N GLU B 202 -18.67 6.82 6.21
CA GLU B 202 -18.67 5.36 5.97
C GLU B 202 -17.42 5.04 5.12
N ALA B 203 -16.44 4.40 5.75
CA ALA B 203 -15.16 4.25 5.08
C ALA B 203 -14.21 3.12 5.36
N ASN B 204 -13.20 3.06 4.48
CA ASN B 204 -12.03 2.18 4.79
C ASN B 204 -10.82 3.01 4.36
N SER B 205 -9.60 2.51 4.37
CA SER B 205 -8.46 3.35 4.00
C SER B 205 -8.35 3.62 2.52
N ARG B 206 -9.20 3.05 1.68
CA ARG B 206 -9.20 3.19 0.25
C ARG B 206 -10.36 4.01 -0.29
N ALA B 207 -11.42 4.28 0.46
CA ALA B 207 -12.51 5.12 -0.05
C ALA B 207 -13.42 5.63 1.06
N THR B 208 -13.98 6.81 0.97
CA THR B 208 -14.91 7.31 1.96
C THR B 208 -16.25 7.69 1.32
N HIS B 209 -17.30 7.74 2.16
CA HIS B 209 -18.63 8.08 1.65
C HIS B 209 -19.46 8.92 2.62
N ILE B 210 -20.19 9.91 2.11
CA ILE B 210 -21.05 10.71 2.96
C ILE B 210 -22.48 10.44 2.49
N ALA B 211 -23.49 10.27 3.37
CA ALA B 211 -24.84 10.12 2.81
C ALA B 211 -26.03 10.20 3.77
N PRO B 212 -26.77 11.28 3.53
CA PRO B 212 -28.03 11.54 4.19
C PRO B 212 -29.12 10.65 3.66
N HIS B 213 -29.87 9.97 4.54
CA HIS B 213 -30.99 9.18 4.08
C HIS B 213 -32.27 9.63 4.81
N PRO B 214 -33.05 10.45 4.15
CA PRO B 214 -34.33 10.89 4.62
C PRO B 214 -35.42 9.83 4.57
N CYS B 215 -36.34 9.93 5.54
CA CYS B 215 -37.53 9.07 5.47
C CYS B 215 -38.75 9.97 5.64
N SER B 216 -39.86 9.56 5.07
CA SER B 216 -41.10 10.33 5.16
C SER B 216 -41.88 10.17 6.46
N LYS B 217 -41.48 9.32 7.38
CA LYS B 217 -42.14 9.21 8.67
C LYS B 217 -41.14 9.59 9.74
N PRO B 218 -41.51 10.39 10.70
CA PRO B 218 -40.70 10.83 11.81
C PRO B 218 -40.43 9.75 12.86
N GLY B 219 -39.25 9.81 13.46
CA GLY B 219 -38.95 8.83 14.51
C GLY B 219 -38.94 7.39 14.01
N LEU B 220 -38.97 6.41 14.91
CA LEU B 220 -38.89 4.99 14.53
C LEU B 220 -40.23 4.50 14.02
N TYR B 221 -40.27 3.90 12.84
CA TYR B 221 -41.54 3.47 12.24
C TYR B 221 -41.49 2.03 11.73
N GLY B 222 -42.44 1.22 12.16
CA GLY B 222 -42.50 -0.18 11.77
C GLY B 222 -43.25 -0.25 10.44
N CYS B 223 -42.47 -0.40 9.37
CA CYS B 223 -43.10 -0.39 8.04
C CYS B 223 -43.76 -1.73 7.77
N THR B 224 -44.65 -1.78 6.80
CA THR B 224 -45.33 -3.01 6.43
C THR B 224 -45.44 -3.03 4.90
N GLY B 225 -45.23 -4.19 4.33
CA GLY B 225 -45.25 -4.27 2.87
C GLY B 225 -44.39 -3.22 2.19
N ASP B 226 -44.96 -2.61 1.15
CA ASP B 226 -44.27 -1.64 0.33
C ASP B 226 -43.67 -0.46 1.09
N GLU B 227 -44.11 -0.17 2.30
CA GLU B 227 -43.58 0.94 3.05
C GLU B 227 -42.09 0.71 3.25
N CYS B 228 -41.74 -0.57 3.48
CA CYS B 228 -40.35 -0.99 3.57
C CYS B 228 -39.51 -1.04 2.30
N GLY B 229 -40.05 -0.93 1.11
CA GLY B 229 -39.31 -1.15 -0.12
C GLY B 229 -38.56 0.04 -0.65
N SER B 230 -38.02 -0.01 -1.84
CA SER B 230 -37.30 1.05 -2.54
C SER B 230 -38.11 2.33 -2.70
N SER B 231 -39.37 2.19 -3.07
CA SER B 231 -40.23 3.36 -3.20
C SER B 231 -41.08 3.55 -1.95
N GLY B 232 -40.60 3.00 -0.82
CA GLY B 232 -41.27 3.00 0.45
C GLY B 232 -41.06 4.28 1.20
N ILE B 233 -41.01 4.20 2.52
CA ILE B 233 -40.91 5.47 3.29
C ILE B 233 -39.48 5.91 3.52
N CYS B 234 -38.47 5.04 3.27
CA CYS B 234 -37.08 5.53 3.46
C CYS B 234 -36.28 5.49 2.17
N ASP B 235 -35.29 6.36 2.10
CA ASP B 235 -34.38 6.43 0.96
C ASP B 235 -33.22 5.47 1.23
N LYS B 236 -33.36 4.22 0.80
CA LYS B 236 -32.37 3.19 1.09
C LYS B 236 -31.00 3.61 0.55
N ALA B 237 -30.97 4.19 -0.66
CA ALA B 237 -29.70 4.56 -1.27
C ALA B 237 -29.02 5.79 -0.68
N GLY B 238 -29.82 6.81 -0.37
CA GLY B 238 -29.21 8.04 0.16
C GLY B 238 -28.67 8.91 -0.96
N CYS B 239 -28.25 10.12 -0.64
CA CYS B 239 -27.66 11.01 -1.64
C CYS B 239 -26.18 11.05 -1.31
N GLY B 240 -25.37 10.18 -1.89
CA GLY B 240 -23.96 10.10 -1.49
C GLY B 240 -22.99 11.08 -2.13
N TRP B 241 -21.84 11.19 -1.48
CA TRP B 241 -20.67 11.93 -1.89
C TRP B 241 -19.41 11.10 -1.53
N ASN B 242 -18.84 10.58 -2.61
CA ASN B 242 -17.55 9.88 -2.63
C ASN B 242 -16.65 10.59 -3.64
N HIS B 243 -15.52 11.17 -3.23
CA HIS B 243 -14.70 11.93 -4.17
C HIS B 243 -14.35 11.13 -5.41
N ASN B 244 -14.20 9.81 -5.33
CA ASN B 244 -13.91 8.98 -6.49
C ASN B 244 -15.13 8.95 -7.40
N ARG B 245 -16.36 9.11 -6.91
CA ARG B 245 -17.47 9.03 -7.89
C ARG B 245 -17.64 10.35 -8.62
N ILE B 246 -17.07 11.44 -8.09
CA ILE B 246 -17.23 12.71 -8.80
C ILE B 246 -15.88 13.07 -9.46
N ASN B 247 -15.13 11.99 -9.76
CA ASN B 247 -13.89 11.95 -10.50
C ASN B 247 -12.67 12.61 -9.89
N VAL B 248 -12.52 12.65 -8.58
CA VAL B 248 -11.34 13.27 -7.98
C VAL B 248 -10.67 12.17 -7.18
N THR B 249 -10.04 11.21 -7.90
CA THR B 249 -9.54 9.99 -7.30
C THR B 249 -8.30 10.11 -6.46
N ASP B 250 -7.67 11.27 -6.36
CA ASP B 250 -6.45 11.43 -5.57
C ASP B 250 -6.68 12.20 -4.28
N PHE B 251 -7.98 12.38 -3.96
CA PHE B 251 -8.33 13.12 -2.76
C PHE B 251 -8.09 12.28 -1.51
N TYR B 252 -8.49 11.02 -1.53
CA TYR B 252 -8.37 10.24 -0.29
C TYR B 252 -7.80 8.86 -0.56
N GLY B 253 -6.75 8.46 0.20
CA GLY B 253 -6.21 7.11 -0.07
C GLY B 253 -4.99 6.83 0.79
N ARG B 254 -4.42 5.63 0.58
CA ARG B 254 -3.20 5.32 1.39
C ARG B 254 -1.94 5.95 0.79
N GLY B 255 -1.21 6.73 1.56
CA GLY B 255 0.02 7.31 1.14
C GLY B 255 0.15 8.79 0.89
N LYS B 256 1.30 9.19 0.36
CA LYS B 256 1.60 10.59 0.09
C LYS B 256 0.96 11.07 -1.21
N GLN B 257 0.49 10.16 -2.05
CA GLN B 257 -0.07 10.60 -3.34
C GLN B 257 -1.52 11.02 -3.25
N TYR B 258 -2.03 11.12 -2.03
CA TYR B 258 -3.43 11.51 -1.83
C TYR B 258 -3.45 12.78 -0.98
N LYS B 259 -4.44 13.62 -1.18
CA LYS B 259 -4.58 14.84 -0.38
C LYS B 259 -4.80 14.46 1.08
N VAL B 260 -5.72 13.53 1.34
CA VAL B 260 -5.87 13.10 2.74
C VAL B 260 -5.32 11.68 2.83
N ASP B 261 -4.33 11.51 3.67
CA ASP B 261 -3.63 10.23 3.81
C ASP B 261 -4.28 9.36 4.88
N SER B 262 -5.02 8.40 4.33
CA SER B 262 -5.73 7.43 5.14
C SER B 262 -4.84 6.58 6.01
N THR B 263 -3.53 6.52 5.84
CA THR B 263 -2.67 5.68 6.68
C THR B 263 -2.34 6.42 7.95
N ARG B 264 -2.75 7.67 8.04
CA ARG B 264 -2.37 8.47 9.21
C ARG B 264 -3.66 9.10 9.76
N LYS B 265 -3.53 9.57 10.99
CA LYS B 265 -4.63 10.26 11.62
C LYS B 265 -5.09 11.51 10.90
N PHE B 266 -6.39 11.82 11.00
CA PHE B 266 -6.83 13.09 10.41
C PHE B 266 -8.14 13.51 11.09
N THR B 267 -8.50 14.81 10.91
CA THR B 267 -9.73 15.32 11.44
C THR B 267 -10.71 15.46 10.27
N VAL B 268 -11.96 15.09 10.53
CA VAL B 268 -13.11 15.13 9.67
C VAL B 268 -14.14 16.12 10.23
N THR B 269 -14.26 17.28 9.64
CA THR B 269 -15.16 18.31 10.06
C THR B 269 -16.35 18.32 9.11
N SER B 270 -17.57 18.27 9.59
CA SER B 270 -18.75 18.35 8.75
C SER B 270 -19.57 19.54 9.23
N GLN B 271 -20.19 20.27 8.33
CA GLN B 271 -20.92 21.49 8.66
C GLN B 271 -22.30 21.46 8.02
N PHE B 272 -23.32 21.39 8.88
CA PHE B 272 -24.71 21.29 8.37
C PHE B 272 -25.35 22.66 8.32
N VAL B 273 -25.39 23.24 7.12
CA VAL B 273 -25.80 24.64 6.95
C VAL B 273 -27.29 24.83 6.77
N ALA B 274 -27.77 25.78 7.59
CA ALA B 274 -29.22 26.07 7.50
C ALA B 274 -29.50 27.43 6.83
N ASN B 275 -30.68 27.53 6.25
CA ASN B 275 -31.14 28.81 5.69
C ASN B 275 -31.76 29.66 6.81
N LYS B 276 -32.38 30.78 6.40
CA LYS B 276 -33.00 31.72 7.34
C LYS B 276 -34.12 31.06 8.15
N GLN B 277 -35.00 30.32 7.49
CA GLN B 277 -36.07 29.55 8.07
C GLN B 277 -35.63 28.41 9.00
N GLY B 278 -34.34 28.15 9.18
CA GLY B 278 -33.77 27.12 10.00
C GLY B 278 -33.70 25.74 9.32
N ASP B 279 -34.02 25.59 8.06
CA ASP B 279 -33.97 24.34 7.34
C ASP B 279 -32.56 24.06 6.87
N LEU B 280 -32.19 22.79 6.84
CA LEU B 280 -30.92 22.32 6.35
C LEU B 280 -30.92 22.59 4.84
N ILE B 281 -29.85 23.21 4.34
CA ILE B 281 -29.85 23.37 2.88
C ILE B 281 -28.60 22.72 2.29
N GLU B 282 -27.46 22.78 3.00
CA GLU B 282 -26.26 22.19 2.45
C GLU B 282 -25.37 21.54 3.49
N LEU B 283 -24.73 20.44 3.07
CA LEU B 283 -23.82 19.69 3.91
C LEU B 283 -22.38 19.86 3.45
N HIS B 284 -21.51 20.48 4.21
CA HIS B 284 -20.13 20.74 3.94
C HIS B 284 -19.16 19.81 4.67
N ARG B 285 -18.03 19.53 3.99
CA ARG B 285 -17.00 18.67 4.55
C ARG B 285 -15.62 19.25 4.31
N HIS B 286 -14.73 19.11 5.28
CA HIS B 286 -13.33 19.54 5.13
C HIS B 286 -12.54 18.70 6.14
N TYR B 287 -11.27 18.49 5.82
CA TYR B 287 -10.38 17.65 6.62
C TYR B 287 -9.22 18.43 7.19
N ILE B 288 -8.53 17.89 8.17
CA ILE B 288 -7.37 18.49 8.77
C ILE B 288 -6.32 17.38 8.99
N GLN B 289 -5.24 17.49 8.26
CA GLN B 289 -4.12 16.57 8.41
C GLN B 289 -2.89 17.46 8.50
N ASP B 290 -1.99 17.18 9.42
CA ASP B 290 -0.77 17.94 9.59
C ASP B 290 -0.97 19.43 9.79
N ASN B 291 -2.03 19.87 10.45
CA ASN B 291 -2.27 21.28 10.69
C ASN B 291 -2.61 22.01 9.40
N LYS B 292 -3.19 21.32 8.45
CA LYS B 292 -3.54 21.91 7.17
C LYS B 292 -5.01 21.70 6.90
N VAL B 293 -5.75 22.73 6.57
CA VAL B 293 -7.16 22.53 6.24
C VAL B 293 -7.26 21.93 4.82
N ILE B 294 -7.70 20.70 4.59
CA ILE B 294 -7.76 20.18 3.25
C ILE B 294 -9.19 20.39 2.78
N GLU B 295 -9.48 21.35 1.93
CA GLU B 295 -10.85 21.52 1.47
C GLU B 295 -11.33 20.34 0.63
N SER B 296 -12.63 20.09 0.60
CA SER B 296 -13.22 19.04 -0.21
C SER B 296 -13.03 19.46 -1.65
N ALA B 297 -13.07 18.53 -2.61
CA ALA B 297 -12.86 18.98 -3.98
C ALA B 297 -14.14 19.16 -4.77
N VAL B 298 -14.15 20.09 -5.69
CA VAL B 298 -15.33 20.35 -6.51
C VAL B 298 -15.75 19.16 -7.34
N VAL B 299 -17.00 19.10 -7.80
CA VAL B 299 -17.41 17.98 -8.65
C VAL B 299 -16.58 18.07 -9.94
N ASN B 300 -16.08 16.91 -10.37
CA ASN B 300 -15.22 16.88 -11.55
C ASN B 300 -15.74 16.00 -12.67
N ILE B 301 -17.06 15.97 -12.81
CA ILE B 301 -17.76 15.25 -13.85
C ILE B 301 -18.85 16.21 -14.35
N SER B 302 -19.33 16.03 -15.56
CA SER B 302 -20.36 16.98 -16.04
C SER B 302 -21.70 16.46 -15.56
N GLY B 303 -22.58 17.37 -15.23
CA GLY B 303 -23.88 17.11 -14.64
C GLY B 303 -24.11 17.94 -13.38
N PRO B 304 -23.58 17.48 -12.26
CA PRO B 304 -23.79 18.14 -10.98
C PRO B 304 -23.28 19.55 -11.05
N PRO B 305 -23.74 20.42 -10.18
CA PRO B 305 -23.24 21.79 -10.13
C PRO B 305 -21.78 21.63 -9.79
N LYS B 306 -20.90 22.54 -10.13
CA LYS B 306 -19.48 22.41 -9.74
C LYS B 306 -19.30 22.88 -8.29
N ILE B 307 -19.63 22.11 -7.28
CA ILE B 307 -19.50 22.49 -5.88
C ILE B 307 -18.79 21.38 -5.12
N ASN B 308 -18.43 21.64 -3.86
CA ASN B 308 -17.76 20.59 -3.05
C ASN B 308 -18.54 20.14 -1.80
N PHE B 309 -19.86 20.34 -1.86
CA PHE B 309 -20.77 20.02 -0.78
C PHE B 309 -22.07 19.44 -1.29
N ILE B 310 -22.87 18.83 -0.46
CA ILE B 310 -24.16 18.31 -0.86
C ILE B 310 -25.32 19.33 -0.66
N ASN B 311 -26.15 19.36 -1.71
CA ASN B 311 -27.34 20.21 -1.66
C ASN B 311 -28.36 19.51 -2.58
N ASP B 312 -29.57 20.05 -2.69
CA ASP B 312 -30.58 19.35 -3.46
C ASP B 312 -30.30 19.36 -4.96
N LYS B 313 -29.67 20.44 -5.43
CA LYS B 313 -29.31 20.50 -6.85
C LYS B 313 -28.32 19.37 -7.15
N TYR B 314 -27.35 19.20 -6.23
CA TYR B 314 -26.40 18.11 -6.46
C TYR B 314 -27.06 16.75 -6.44
N CYS B 315 -27.93 16.52 -5.44
CA CYS B 315 -28.56 15.22 -5.27
C CYS B 315 -29.45 14.91 -6.47
N ALA B 316 -30.20 15.94 -6.87
CA ALA B 316 -31.08 15.76 -8.04
C ALA B 316 -30.25 15.36 -9.26
N ALA B 317 -29.19 16.19 -9.50
CA ALA B 317 -28.28 15.93 -10.60
C ALA B 317 -27.61 14.59 -10.51
N THR B 318 -27.45 13.98 -9.35
CA THR B 318 -26.70 12.73 -9.30
C THR B 318 -27.61 11.53 -9.25
N GLY B 319 -28.92 11.69 -9.53
CA GLY B 319 -29.79 10.51 -9.55
C GLY B 319 -30.22 9.90 -8.23
N ALA B 320 -30.33 10.77 -7.21
CA ALA B 320 -30.80 10.45 -5.87
C ALA B 320 -32.31 10.70 -5.80
N ASN B 321 -33.05 9.88 -6.54
CA ASN B 321 -34.48 10.04 -6.73
C ASN B 321 -35.32 9.89 -5.48
N GLU B 322 -35.10 8.81 -4.77
CA GLU B 322 -35.84 8.61 -3.51
C GLU B 322 -35.50 9.76 -2.55
N TYR B 323 -34.22 10.09 -2.42
CA TYR B 323 -33.85 11.24 -1.59
C TYR B 323 -34.72 12.45 -1.87
N MET B 324 -34.85 12.85 -3.15
CA MET B 324 -35.63 14.01 -3.55
C MET B 324 -37.11 13.73 -3.35
N ARG B 325 -37.54 12.51 -3.66
CA ARG B 325 -38.95 12.14 -3.53
C ARG B 325 -39.43 12.12 -2.10
N LEU B 326 -38.57 11.85 -1.12
CA LEU B 326 -39.01 11.79 0.26
C LEU B 326 -38.69 13.07 1.01
N GLY B 327 -38.45 14.14 0.22
CA GLY B 327 -38.16 15.42 0.85
C GLY B 327 -36.77 15.97 0.90
N GLY B 328 -35.77 15.29 0.31
CA GLY B 328 -34.43 15.81 0.20
C GLY B 328 -33.80 16.37 1.46
N THR B 329 -32.99 17.41 1.26
CA THR B 329 -32.23 17.94 2.38
C THR B 329 -33.07 18.54 3.47
N LYS B 330 -34.19 19.20 3.16
CA LYS B 330 -35.03 19.70 4.23
C LYS B 330 -35.60 18.55 5.10
N GLN B 331 -35.98 17.44 4.46
CA GLN B 331 -36.57 16.37 5.27
C GLN B 331 -35.52 15.80 6.23
N MET B 332 -34.30 15.57 5.74
CA MET B 332 -33.21 15.06 6.55
C MET B 332 -32.94 16.04 7.68
N GLY B 333 -32.86 17.31 7.34
CA GLY B 333 -32.60 18.29 8.42
C GLY B 333 -33.73 18.34 9.46
N ASP B 334 -34.99 17.98 9.12
CA ASP B 334 -36.01 17.98 10.15
C ASP B 334 -35.74 16.87 11.16
N ALA B 335 -35.30 15.70 10.71
CA ALA B 335 -34.91 14.64 11.67
C ALA B 335 -33.70 15.11 12.44
N MET B 336 -32.78 15.82 11.76
CA MET B 336 -31.60 16.27 12.53
C MET B 336 -31.98 17.29 13.55
N SER B 337 -32.93 18.16 13.21
CA SER B 337 -33.39 19.14 14.21
C SER B 337 -34.08 18.46 15.38
N ARG B 338 -34.88 17.43 15.21
CA ARG B 338 -35.55 16.76 16.30
C ARG B 338 -34.55 16.06 17.22
N GLY B 339 -33.38 15.64 16.74
CA GLY B 339 -32.43 14.96 17.62
C GLY B 339 -32.24 13.49 17.19
N MET B 340 -30.97 13.09 16.98
CA MET B 340 -30.67 11.76 16.51
C MET B 340 -29.57 11.17 17.37
N VAL B 341 -29.50 9.85 17.38
CA VAL B 341 -28.60 9.04 18.16
C VAL B 341 -27.27 8.74 17.44
N LEU B 342 -26.15 9.00 18.11
CA LEU B 342 -24.86 8.75 17.45
C LEU B 342 -24.53 7.24 17.47
N ALA B 343 -24.39 6.66 16.29
CA ALA B 343 -24.03 5.24 16.17
C ALA B 343 -22.64 5.06 15.57
N MET B 344 -21.85 4.11 16.07
CA MET B 344 -20.50 3.90 15.56
C MET B 344 -20.30 2.42 15.35
N SER B 345 -19.85 1.96 14.20
CA SER B 345 -19.62 0.51 14.02
C SER B 345 -18.44 0.20 13.13
N VAL B 346 -18.07 -1.07 13.07
CA VAL B 346 -17.05 -1.71 12.29
C VAL B 346 -17.71 -2.95 11.65
N TRP B 347 -17.67 -3.08 10.34
CA TRP B 347 -18.28 -4.25 9.72
C TRP B 347 -17.74 -4.48 8.30
N TRP B 348 -18.12 -5.66 7.82
CA TRP B 348 -17.72 -6.11 6.48
C TRP B 348 -18.93 -6.83 5.88
N SER B 349 -18.91 -7.21 4.64
CA SER B 349 -20.07 -7.84 4.06
C SER B 349 -19.69 -9.06 3.21
N GLU B 350 -20.24 -10.21 3.55
CA GLU B 350 -20.01 -11.43 2.80
C GLU B 350 -20.82 -11.39 1.52
N GLY B 351 -21.86 -10.56 1.40
CA GLY B 351 -22.75 -10.47 0.27
C GLY B 351 -22.39 -9.56 -0.89
N ASP B 352 -21.75 -8.40 -0.67
CA ASP B 352 -21.43 -7.58 -1.85
C ASP B 352 -20.01 -7.01 -1.65
N PHE B 353 -19.42 -7.39 -0.52
CA PHE B 353 -18.09 -6.95 -0.08
C PHE B 353 -17.87 -5.43 0.00
N MET B 354 -18.88 -4.61 0.21
CA MET B 354 -18.75 -3.18 0.32
C MET B 354 -18.40 -2.53 -1.02
N ALA B 355 -18.71 -3.20 -2.12
CA ALA B 355 -18.37 -2.66 -3.44
C ALA B 355 -18.90 -1.26 -3.70
N TRP B 356 -20.02 -0.84 -3.15
CA TRP B 356 -20.65 0.45 -3.32
C TRP B 356 -19.73 1.52 -2.73
N LEU B 357 -18.88 1.09 -1.80
CA LEU B 357 -17.94 2.00 -1.18
C LEU B 357 -16.55 2.08 -1.82
N ASP B 358 -15.92 0.99 -2.29
CA ASP B 358 -14.53 1.06 -2.76
C ASP B 358 -14.17 0.35 -4.05
N GLN B 359 -15.06 0.14 -5.00
CA GLN B 359 -14.82 -0.55 -6.24
C GLN B 359 -15.38 0.28 -7.40
N GLY B 360 -14.83 0.02 -8.57
CA GLY B 360 -15.33 0.66 -9.79
C GLY B 360 -15.12 2.15 -9.66
N VAL B 361 -16.16 2.91 -9.95
CA VAL B 361 -16.14 4.35 -9.75
C VAL B 361 -16.07 4.76 -8.28
N ALA B 362 -16.35 3.89 -7.34
CA ALA B 362 -16.30 4.23 -5.92
C ALA B 362 -14.86 4.14 -5.42
N GLY B 363 -14.05 3.24 -5.92
CA GLY B 363 -12.68 3.20 -5.43
C GLY B 363 -11.75 2.37 -6.26
N PRO B 364 -10.62 2.06 -5.65
CA PRO B 364 -9.51 1.31 -6.23
C PRO B 364 -9.47 -0.18 -5.92
N CYS B 365 -10.58 -0.80 -5.49
CA CYS B 365 -10.48 -2.21 -5.13
C CYS B 365 -10.97 -3.09 -6.26
N ASP B 366 -10.52 -4.36 -6.23
CA ASP B 366 -10.99 -5.30 -7.25
C ASP B 366 -12.22 -6.00 -6.71
N ALA B 367 -12.70 -6.99 -7.46
CA ALA B 367 -13.93 -7.65 -7.09
C ALA B 367 -13.77 -8.75 -6.05
N THR B 368 -12.60 -8.98 -5.49
CA THR B 368 -12.46 -10.06 -4.54
C THR B 368 -11.57 -9.71 -3.35
N GLU B 369 -10.66 -8.73 -3.45
CA GLU B 369 -9.90 -8.44 -2.21
C GLU B 369 -10.78 -7.99 -1.04
N GLY B 370 -11.97 -7.43 -1.28
CA GLY B 370 -12.92 -7.06 -0.25
C GLY B 370 -13.60 -8.27 0.43
N ASP B 371 -13.65 -9.41 -0.22
CA ASP B 371 -14.18 -10.60 0.39
C ASP B 371 -13.59 -10.70 1.79
N PRO B 372 -14.42 -10.96 2.81
CA PRO B 372 -14.01 -11.10 4.18
C PRO B 372 -12.90 -12.11 4.37
N LYS B 373 -12.88 -13.21 3.61
CA LYS B 373 -11.83 -14.23 3.61
C LYS B 373 -10.50 -13.69 3.12
N ASN B 374 -10.51 -12.69 2.22
CA ASN B 374 -9.29 -12.03 1.74
C ASN B 374 -8.92 -10.91 2.69
N ILE B 375 -9.95 -10.17 3.17
CA ILE B 375 -9.65 -9.06 4.11
C ILE B 375 -8.74 -9.47 5.25
N VAL B 376 -8.95 -10.62 5.89
CA VAL B 376 -8.06 -11.02 7.00
C VAL B 376 -6.67 -11.42 6.52
N LYS B 377 -6.51 -11.70 5.22
CA LYS B 377 -5.15 -12.00 4.70
C LYS B 377 -4.41 -10.67 4.70
N VAL B 378 -5.02 -9.67 4.09
CA VAL B 378 -4.39 -8.36 4.04
C VAL B 378 -4.18 -7.80 5.43
N GLN B 379 -5.27 -7.78 6.20
CA GLN B 379 -5.15 -7.20 7.57
C GLN B 379 -5.88 -8.19 8.47
N PRO B 380 -5.12 -8.90 9.27
CA PRO B 380 -5.59 -9.99 10.09
C PRO B 380 -6.58 -9.50 11.14
N ASN B 381 -6.40 -8.27 11.61
CA ASN B 381 -7.25 -7.76 12.67
C ASN B 381 -7.71 -6.35 12.30
N PRO B 382 -8.67 -6.27 11.42
CA PRO B 382 -9.26 -5.00 11.00
C PRO B 382 -9.83 -4.22 12.19
N GLU B 383 -9.58 -2.93 12.28
CA GLU B 383 -10.07 -2.14 13.40
C GLU B 383 -10.17 -0.66 13.00
N VAL B 384 -10.66 0.17 13.89
CA VAL B 384 -10.81 1.59 13.61
C VAL B 384 -10.87 2.31 14.95
N THR B 385 -10.31 3.48 15.07
CA THR B 385 -10.40 4.26 16.30
C THR B 385 -11.02 5.64 16.02
N PHE B 386 -12.23 5.90 16.53
CA PHE B 386 -12.79 7.24 16.38
C PHE B 386 -12.47 8.01 17.66
N SER B 387 -12.12 9.28 17.62
CA SER B 387 -11.82 9.97 18.87
C SER B 387 -12.05 11.47 18.79
N ASN B 388 -11.98 12.11 19.97
CA ASN B 388 -12.12 13.56 20.01
C ASN B 388 -13.34 14.10 19.26
N ILE B 389 -14.52 13.59 19.57
CA ILE B 389 -15.76 14.04 18.99
C ILE B 389 -16.09 15.40 19.61
N ARG B 390 -16.40 16.37 18.76
CA ARG B 390 -16.69 17.68 19.34
C ARG B 390 -17.81 18.25 18.46
N ILE B 391 -18.92 18.64 19.03
CA ILE B 391 -20.08 19.22 18.39
C ILE B 391 -20.20 20.67 18.84
N GLY B 392 -20.58 21.60 17.98
CA GLY B 392 -20.64 22.99 18.51
C GLY B 392 -20.95 23.98 17.40
N GLU B 393 -20.68 25.28 17.66
CA GLU B 393 -21.02 26.23 16.60
C GLU B 393 -20.05 26.08 15.43
N ILE B 394 -20.66 26.27 14.26
CA ILE B 394 -19.94 26.27 13.01
C ILE B 394 -18.75 27.23 13.22
N GLY B 395 -17.56 26.68 12.95
CA GLY B 395 -16.33 27.43 13.06
C GLY B 395 -15.64 27.16 14.38
N SER B 396 -16.16 26.32 15.28
CA SER B 396 -15.44 26.16 16.54
C SER B 396 -14.98 24.76 16.90
N THR B 397 -15.26 23.74 16.11
CA THR B 397 -14.85 22.39 16.48
C THR B 397 -13.49 21.95 16.00
N SER B 398 -13.03 22.33 14.82
CA SER B 398 -11.76 21.77 14.33
C SER B 398 -10.61 22.75 14.51
N THR C 2 36.50 8.19 -27.37
CA THR C 2 37.74 8.74 -26.82
C THR C 2 37.46 9.74 -25.69
N PRO C 3 37.87 9.37 -24.51
CA PRO C 3 37.69 10.14 -23.30
C PRO C 3 38.28 11.52 -23.46
N ASP C 4 37.58 12.54 -23.02
CA ASP C 4 38.10 13.90 -23.07
C ASP C 4 39.02 14.02 -21.87
N LYS C 5 39.45 15.22 -21.62
CA LYS C 5 40.45 15.54 -20.61
C LYS C 5 39.88 15.93 -19.26
N ALA C 6 38.56 15.86 -19.07
CA ALA C 6 37.92 16.24 -17.81
C ALA C 6 38.19 15.27 -16.68
N LYS C 7 38.27 15.77 -15.45
CA LYS C 7 38.56 14.88 -14.32
C LYS C 7 37.38 13.94 -14.02
N GLU C 8 37.75 12.69 -13.73
CA GLU C 8 36.75 11.68 -13.38
C GLU C 8 36.81 11.47 -11.87
N GLN C 9 35.72 11.79 -11.17
CA GLN C 9 35.79 11.61 -9.71
C GLN C 9 34.87 10.46 -9.31
N HIS C 10 35.46 9.27 -9.36
CA HIS C 10 34.64 8.11 -9.02
C HIS C 10 34.31 8.13 -7.54
N PRO C 11 33.04 7.98 -7.18
CA PRO C 11 32.62 7.84 -5.81
C PRO C 11 33.35 6.70 -5.12
N LYS C 12 33.79 6.86 -3.90
CA LYS C 12 34.41 5.77 -3.13
C LYS C 12 33.42 4.81 -2.47
N LEU C 13 33.72 3.52 -2.34
CA LEU C 13 32.84 2.55 -1.72
C LEU C 13 33.61 1.48 -0.96
N GLU C 14 33.46 1.42 0.35
CA GLU C 14 34.08 0.36 1.13
C GLU C 14 33.33 -0.95 0.93
N THR C 15 34.06 -2.07 0.89
CA THR C 15 33.45 -3.39 0.76
C THR C 15 34.33 -4.30 1.61
N TYR C 16 33.97 -5.55 1.90
CA TYR C 16 34.73 -6.33 2.83
C TYR C 16 35.00 -7.72 2.25
N ARG C 17 36.14 -8.29 2.67
CA ARG C 17 36.44 -9.67 2.29
C ARG C 17 36.50 -10.44 3.61
N CYS C 18 35.89 -11.61 3.68
CA CYS C 18 35.70 -12.30 4.94
C CYS C 18 36.09 -13.75 4.96
N THR C 19 36.46 -14.14 6.17
CA THR C 19 36.84 -15.52 6.47
C THR C 19 36.27 -15.89 7.83
N LYS C 20 35.93 -17.16 8.01
CA LYS C 20 35.43 -17.60 9.31
C LYS C 20 36.45 -17.27 10.38
N ALA C 21 37.73 -17.61 10.16
CA ALA C 21 38.80 -17.32 11.08
C ALA C 21 39.16 -15.87 11.23
N SER C 22 39.09 -15.03 10.22
CA SER C 22 39.53 -13.63 10.45
C SER C 22 38.46 -12.56 10.33
N GLY C 23 37.28 -12.98 9.91
CA GLY C 23 36.21 -12.00 9.84
C GLY C 23 36.37 -11.14 8.60
N CYS C 24 35.68 -10.01 8.58
CA CYS C 24 35.60 -9.17 7.41
C CYS C 24 36.57 -8.02 7.50
N LYS C 25 37.30 -7.85 6.39
CA LYS C 25 38.33 -6.82 6.29
C LYS C 25 37.93 -5.79 5.25
N LYS C 26 37.99 -4.52 5.61
CA LYS C 26 37.54 -3.47 4.71
C LYS C 26 38.56 -3.16 3.62
N GLN C 27 38.00 -2.97 2.43
CA GLN C 27 38.71 -2.69 1.20
C GLN C 27 38.22 -1.39 0.58
N THR C 28 39.11 -0.68 -0.11
CA THR C 28 38.62 0.50 -0.82
C THR C 28 38.32 0.08 -2.25
N ASN C 29 37.15 0.49 -2.73
CA ASN C 29 36.75 0.13 -4.09
C ASN C 29 36.12 1.40 -4.63
N TYR C 30 35.96 1.52 -5.94
CA TYR C 30 35.42 2.73 -6.53
C TYR C 30 34.22 2.35 -7.38
N ILE C 31 33.37 3.31 -7.65
CA ILE C 31 32.15 3.05 -8.38
C ILE C 31 32.32 3.81 -9.69
N VAL C 32 31.82 3.20 -10.79
CA VAL C 32 31.95 3.91 -12.05
C VAL C 32 30.64 3.85 -12.80
N ALA C 33 30.23 4.98 -13.30
CA ALA C 33 29.01 5.04 -14.10
C ALA C 33 29.26 4.39 -15.46
N ASP C 34 28.28 3.77 -16.09
CA ASP C 34 28.43 3.15 -17.41
C ASP C 34 29.02 4.19 -18.34
N ALA C 35 29.59 3.77 -19.45
CA ALA C 35 30.25 4.68 -20.37
C ALA C 35 29.25 5.69 -20.92
N GLY C 36 28.12 5.19 -21.36
CA GLY C 36 26.98 5.92 -21.85
C GLY C 36 26.48 7.01 -20.94
N ILE C 37 26.40 6.82 -19.64
CA ILE C 37 25.99 7.87 -18.70
C ILE C 37 26.98 9.02 -18.63
N HIS C 38 28.22 8.82 -19.05
CA HIS C 38 29.27 9.83 -19.03
C HIS C 38 29.01 10.88 -20.12
N GLY C 39 28.27 10.48 -21.15
CA GLY C 39 28.04 11.41 -22.26
C GLY C 39 29.04 11.11 -23.36
N ILE C 40 28.56 10.56 -24.47
CA ILE C 40 29.35 10.27 -25.64
C ILE C 40 28.84 11.15 -26.76
N ARG C 41 29.59 12.18 -27.14
CA ARG C 41 29.09 13.05 -28.21
C ARG C 41 30.06 13.43 -29.33
N GLN C 42 29.51 13.83 -30.48
CA GLN C 42 30.25 14.39 -31.59
C GLN C 42 30.50 15.89 -31.27
N LYS C 43 31.33 16.54 -32.08
CA LYS C 43 31.74 17.91 -31.76
C LYS C 43 30.67 18.92 -32.10
N ASN C 44 29.69 18.54 -32.90
CA ASN C 44 28.56 19.42 -33.19
C ASN C 44 27.40 19.18 -32.22
N GLY C 45 27.68 18.63 -31.05
CA GLY C 45 26.77 18.15 -30.07
C GLY C 45 25.94 16.92 -30.38
N ALA C 46 25.84 16.39 -31.60
CA ALA C 46 25.07 15.21 -31.92
C ALA C 46 25.59 13.98 -31.18
N GLY C 47 24.71 12.99 -31.09
CA GLY C 47 25.08 11.79 -30.32
C GLY C 47 25.70 10.73 -31.22
N CYS C 48 26.29 9.70 -30.60
CA CYS C 48 26.93 8.69 -31.47
C CYS C 48 26.09 7.42 -31.66
N GLY C 49 24.84 7.39 -31.34
CA GLY C 49 23.94 6.30 -31.62
C GLY C 49 23.06 5.97 -30.42
N ASP C 50 21.93 5.33 -30.68
CA ASP C 50 21.00 4.92 -29.66
C ASP C 50 21.01 3.43 -29.28
N TRP C 51 20.63 3.15 -28.03
CA TRP C 51 20.55 1.77 -27.54
C TRP C 51 19.71 0.98 -28.51
N GLY C 52 20.16 -0.20 -28.89
CA GLY C 52 19.46 -1.03 -29.86
C GLY C 52 19.88 -0.85 -31.29
N GLN C 53 20.77 0.08 -31.54
CA GLN C 53 21.21 0.52 -32.86
C GLN C 53 22.73 0.53 -32.97
N LYS C 54 23.23 0.58 -34.22
CA LYS C 54 24.67 0.71 -34.42
C LYS C 54 24.98 2.19 -34.32
N PRO C 55 26.21 2.57 -34.14
CA PRO C 55 26.59 3.95 -33.94
C PRO C 55 26.32 4.88 -35.12
N ASN C 56 26.39 6.19 -34.80
CA ASN C 56 26.18 7.18 -35.88
C ASN C 56 27.07 6.83 -37.10
N ALA C 57 26.41 6.53 -38.21
CA ALA C 57 27.01 6.14 -39.47
C ALA C 57 27.92 7.24 -40.05
N THR C 58 27.55 8.52 -39.82
CA THR C 58 28.47 9.52 -40.37
C THR C 58 29.64 9.65 -39.43
N ALA C 59 29.47 9.56 -38.14
CA ALA C 59 30.59 9.77 -37.24
C ALA C 59 31.44 8.52 -37.13
N CYS C 60 30.80 7.38 -37.42
CA CYS C 60 31.41 6.07 -37.34
C CYS C 60 31.16 5.16 -38.55
N PRO C 61 31.75 5.52 -39.66
CA PRO C 61 31.76 4.72 -40.88
C PRO C 61 32.58 3.46 -40.57
N ASP C 62 33.61 3.66 -39.76
CA ASP C 62 34.51 2.65 -39.30
C ASP C 62 34.96 2.93 -37.87
N GLU C 63 35.55 1.92 -37.27
CA GLU C 63 36.04 1.95 -35.91
C GLU C 63 36.96 3.07 -35.56
N ALA C 64 37.92 3.41 -36.41
CA ALA C 64 38.88 4.48 -36.18
C ALA C 64 38.22 5.86 -36.18
N SER C 65 37.36 6.00 -37.18
CA SER C 65 36.59 7.21 -37.43
C SER C 65 35.73 7.45 -36.20
N CYS C 66 35.08 6.38 -35.78
CA CYS C 66 34.29 6.41 -34.56
C CYS C 66 35.18 6.82 -33.41
N ALA C 67 36.29 6.12 -33.16
CA ALA C 67 37.13 6.48 -32.04
C ALA C 67 37.49 7.96 -32.06
N LYS C 68 37.72 8.54 -33.23
CA LYS C 68 38.08 9.94 -33.33
C LYS C 68 36.92 10.90 -33.09
N ASN C 69 35.82 10.69 -33.79
CA ASN C 69 34.66 11.53 -33.77
C ASN C 69 33.72 11.49 -32.58
N CYS C 70 33.78 10.53 -31.68
CA CYS C 70 32.95 10.37 -30.52
C CYS C 70 33.74 10.53 -29.24
N ILE C 71 33.49 11.60 -28.50
CA ILE C 71 34.16 11.97 -27.28
C ILE C 71 33.27 11.60 -26.08
N LEU C 72 33.88 11.17 -25.03
CA LEU C 72 33.28 10.68 -23.83
C LEU C 72 33.75 11.69 -22.77
N SER C 73 32.78 12.29 -22.10
CA SER C 73 33.08 13.29 -21.11
C SER C 73 33.30 12.63 -19.78
N GLY C 74 34.32 13.02 -19.08
CA GLY C 74 34.62 12.46 -17.75
C GLY C 74 33.57 13.12 -16.85
N MET C 75 33.31 12.38 -15.79
CA MET C 75 32.32 12.78 -14.82
C MET C 75 32.97 13.15 -13.49
N ASP C 76 32.72 14.39 -13.06
CA ASP C 76 33.25 14.76 -11.73
C ASP C 76 32.21 14.40 -10.66
N SER C 77 32.50 14.66 -9.40
CA SER C 77 31.52 14.47 -8.33
C SER C 77 30.15 15.04 -8.62
N ASN C 78 30.01 16.25 -9.13
CA ASN C 78 28.64 16.74 -9.35
C ASN C 78 28.04 15.98 -10.50
N ALA C 79 28.83 15.57 -11.48
CA ALA C 79 28.28 14.80 -12.61
C ALA C 79 27.70 13.48 -12.08
N TYR C 80 28.42 12.90 -11.13
CA TYR C 80 27.97 11.65 -10.54
C TYR C 80 26.64 11.92 -9.83
N LYS C 81 26.70 12.92 -8.94
CA LYS C 81 25.51 13.29 -8.19
C LYS C 81 24.35 13.52 -9.13
N ASN C 82 24.46 14.25 -10.21
CA ASN C 82 23.31 14.49 -11.09
C ASN C 82 22.86 13.29 -11.92
N ALA C 83 23.66 12.23 -11.87
CA ALA C 83 23.38 10.99 -12.61
C ALA C 83 22.61 10.04 -11.66
N GLY C 84 22.57 10.45 -10.37
CA GLY C 84 21.85 9.71 -9.38
C GLY C 84 22.73 8.80 -8.58
N ILE C 85 24.04 9.05 -8.58
CA ILE C 85 24.97 8.12 -7.96
C ILE C 85 25.59 8.84 -6.81
N THR C 86 25.66 8.30 -5.63
CA THR C 86 26.28 8.88 -4.47
C THR C 86 26.69 7.73 -3.57
N THR C 87 27.76 7.85 -2.82
CA THR C 87 28.12 6.75 -1.90
C THR C 87 28.50 7.41 -0.57
N SER C 88 28.54 6.62 0.47
CA SER C 88 28.90 7.10 1.78
C SER C 88 29.39 5.88 2.54
N GLY C 89 30.65 5.90 2.95
CA GLY C 89 31.08 4.70 3.72
C GLY C 89 30.78 3.49 2.84
N ASN C 90 30.07 2.49 3.39
CA ASN C 90 29.84 1.29 2.58
C ASN C 90 28.50 1.26 1.91
N LYS C 91 27.89 2.42 1.75
CA LYS C 91 26.58 2.53 1.16
C LYS C 91 26.65 3.08 -0.24
N LEU C 92 25.72 2.66 -1.11
CA LEU C 92 25.73 3.17 -2.48
C LEU C 92 24.27 3.54 -2.72
N ARG C 93 24.00 4.78 -3.10
CA ARG C 93 22.58 5.14 -3.30
C ARG C 93 22.28 5.46 -4.74
N LEU C 94 21.31 4.78 -5.32
CA LEU C 94 20.99 5.03 -6.71
C LEU C 94 19.58 5.60 -6.79
N GLN C 95 19.48 6.77 -7.38
CA GLN C 95 18.23 7.47 -7.53
C GLN C 95 17.84 7.34 -9.00
N GLN C 96 16.56 7.21 -9.25
CA GLN C 96 16.01 7.03 -10.57
C GLN C 96 15.83 8.37 -11.23
N LEU C 97 15.57 9.43 -10.45
CA LEU C 97 15.28 10.70 -11.13
C LEU C 97 15.99 11.77 -10.33
N ILE C 98 16.38 12.82 -11.05
CA ILE C 98 17.05 13.97 -10.40
C ILE C 98 16.41 15.18 -11.10
N ASN C 99 15.94 16.15 -10.36
CA ASN C 99 15.22 17.31 -10.88
C ASN C 99 14.27 17.00 -12.02
N ASN C 100 13.38 16.02 -11.96
CA ASN C 100 12.47 15.63 -13.01
C ASN C 100 13.18 15.05 -14.23
N GLN C 101 14.41 14.60 -14.04
CA GLN C 101 15.15 13.99 -15.14
C GLN C 101 15.37 12.51 -14.83
N LEU C 102 14.94 11.73 -15.82
CA LEU C 102 15.14 10.29 -15.71
C LEU C 102 16.63 10.05 -15.81
N VAL C 103 17.35 9.72 -14.77
CA VAL C 103 18.75 9.37 -14.91
C VAL C 103 19.03 7.88 -14.90
N SER C 104 18.22 7.02 -14.32
CA SER C 104 18.34 5.57 -14.17
C SER C 104 19.73 4.99 -14.24
N PRO C 105 20.55 5.18 -13.21
CA PRO C 105 21.95 4.80 -13.20
C PRO C 105 22.25 3.33 -13.31
N ARG C 106 23.36 3.05 -13.98
CA ARG C 106 23.97 1.72 -13.96
C ARG C 106 25.46 1.95 -13.63
N VAL C 107 25.98 1.33 -12.59
CA VAL C 107 27.35 1.49 -12.13
C VAL C 107 28.04 0.13 -11.99
N TYR C 108 29.39 0.16 -12.02
CA TYR C 108 30.18 -1.07 -11.96
C TYR C 108 31.23 -0.89 -10.87
N LEU C 109 31.71 -1.97 -10.27
CA LEU C 109 32.68 -1.83 -9.17
C LEU C 109 34.10 -1.93 -9.69
N LEU C 110 34.92 -0.92 -9.45
CA LEU C 110 36.32 -0.87 -9.83
C LEU C 110 37.29 -1.32 -8.74
N GLU C 111 38.42 -1.86 -9.19
CA GLU C 111 39.48 -2.18 -8.24
C GLU C 111 39.94 -0.86 -7.61
N GLU C 112 40.72 -0.91 -6.51
CA GLU C 112 41.20 0.30 -5.87
C GLU C 112 41.99 1.22 -6.81
N ASN C 113 42.67 0.74 -7.83
CA ASN C 113 43.45 1.52 -8.74
C ASN C 113 42.60 2.21 -9.76
N LYS C 114 41.35 1.82 -9.92
CA LYS C 114 40.49 2.40 -10.95
C LYS C 114 40.77 1.97 -12.38
N LYS C 115 41.68 1.04 -12.68
CA LYS C 115 41.98 0.71 -14.07
C LYS C 115 41.37 -0.63 -14.42
N LYS C 116 41.11 -1.50 -13.47
CA LYS C 116 40.42 -2.76 -13.76
C LYS C 116 39.07 -2.86 -12.95
N TYR C 117 38.10 -3.61 -13.50
CA TYR C 117 36.92 -3.86 -12.70
C TYR C 117 37.27 -4.80 -11.56
N GLU C 118 36.70 -4.70 -10.38
CA GLU C 118 37.07 -5.71 -9.36
C GLU C 118 36.47 -7.04 -9.74
N MET C 119 37.16 -8.04 -10.20
CA MET C 119 36.54 -9.27 -10.65
C MET C 119 36.20 -10.21 -9.49
N LEU C 120 34.94 -10.71 -9.48
CA LEU C 120 34.53 -11.60 -8.41
C LEU C 120 34.41 -13.04 -8.90
N HIS C 121 34.88 -13.97 -8.07
CA HIS C 121 34.82 -15.39 -8.40
C HIS C 121 33.91 -16.01 -7.38
N LEU C 122 32.59 -16.05 -7.61
CA LEU C 122 31.70 -16.46 -6.53
C LEU C 122 31.50 -17.95 -6.43
N THR C 123 31.76 -18.79 -7.42
CA THR C 123 31.55 -20.22 -7.19
C THR C 123 32.26 -20.70 -5.92
N GLY C 124 31.57 -21.44 -5.06
CA GLY C 124 32.13 -21.92 -3.82
C GLY C 124 32.22 -20.83 -2.78
N THR C 125 31.74 -19.61 -2.99
CA THR C 125 31.86 -18.61 -1.95
C THR C 125 30.49 -18.03 -1.58
N GLU C 126 30.52 -17.02 -0.72
CA GLU C 126 29.28 -16.38 -0.28
C GLU C 126 29.32 -14.90 -0.59
N PHE C 127 28.13 -14.33 -0.80
CA PHE C 127 27.98 -12.90 -1.09
C PHE C 127 26.84 -12.31 -0.29
N SER C 128 27.06 -11.23 0.41
CA SER C 128 26.02 -10.57 1.21
C SER C 128 25.95 -9.08 1.06
N PHE C 129 24.72 -8.59 0.98
CA PHE C 129 24.55 -7.12 0.99
C PHE C 129 23.33 -6.75 1.85
N ASP C 130 23.26 -5.48 2.20
CA ASP C 130 22.15 -4.90 2.91
C ASP C 130 21.37 -4.08 1.88
N VAL C 131 20.05 -4.09 1.90
CA VAL C 131 19.35 -3.22 0.97
C VAL C 131 18.18 -2.49 1.60
N GLU C 132 17.94 -1.28 1.10
CA GLU C 132 16.88 -0.39 1.50
C GLU C 132 15.89 -0.38 0.34
N MET C 133 14.91 -1.27 0.35
CA MET C 133 13.92 -1.33 -0.71
C MET C 133 12.65 -0.50 -0.61
N GLU C 134 12.39 0.20 0.53
CA GLU C 134 11.08 0.81 0.70
C GLU C 134 10.64 1.73 -0.42
N LYS C 135 11.47 2.57 -0.99
CA LYS C 135 11.07 3.53 -2.00
C LYS C 135 11.01 2.93 -3.38
N LEU C 136 10.73 1.64 -3.48
CA LEU C 136 10.58 1.02 -4.79
C LEU C 136 9.26 0.29 -4.98
N PRO C 137 8.33 0.98 -5.63
CA PRO C 137 6.99 0.54 -5.90
C PRO C 137 7.00 -0.57 -6.93
N CYS C 138 5.85 -1.06 -7.32
CA CYS C 138 5.61 -1.94 -8.39
C CYS C 138 6.19 -1.25 -9.61
N GLY C 139 6.65 -1.99 -10.60
CA GLY C 139 7.20 -1.43 -11.82
C GLY C 139 8.69 -1.16 -11.77
N MET C 140 9.26 -0.83 -10.63
CA MET C 140 10.66 -0.56 -10.48
C MET C 140 11.50 -1.84 -10.34
N ASN C 141 12.80 -1.63 -10.57
CA ASN C 141 13.83 -2.68 -10.47
C ASN C 141 15.13 -2.06 -9.97
N GLY C 142 15.46 -2.48 -8.76
CA GLY C 142 16.71 -2.08 -8.10
C GLY C 142 17.49 -3.41 -8.19
N ALA C 143 18.42 -3.46 -9.12
CA ALA C 143 19.17 -4.69 -9.38
C ALA C 143 20.60 -4.73 -8.89
N LEU C 144 20.96 -5.86 -8.25
CA LEU C 144 22.37 -6.12 -7.89
C LEU C 144 22.77 -7.43 -8.60
N TYR C 145 23.59 -7.32 -9.65
CA TYR C 145 23.97 -8.48 -10.46
C TYR C 145 25.40 -8.46 -11.01
N LEU C 146 25.78 -9.61 -11.59
CA LEU C 146 27.07 -9.74 -12.24
C LEU C 146 26.99 -10.12 -13.72
N SER C 147 27.94 -9.57 -14.46
CA SER C 147 28.07 -9.78 -15.89
C SER C 147 29.52 -10.18 -16.20
N GLU C 148 29.78 -11.06 -17.13
CA GLU C 148 31.16 -11.40 -17.51
C GLU C 148 31.76 -10.45 -18.53
N MET C 149 32.07 -9.24 -18.07
CA MET C 149 32.61 -8.12 -18.81
C MET C 149 34.13 -8.15 -18.78
N PRO C 150 34.74 -7.63 -19.80
CA PRO C 150 36.18 -7.55 -19.93
C PRO C 150 36.68 -6.71 -18.78
N GLN C 151 37.72 -7.17 -18.07
CA GLN C 151 38.17 -6.50 -16.87
C GLN C 151 38.71 -5.11 -17.18
N ASP C 152 39.24 -4.94 -18.36
CA ASP C 152 39.87 -3.67 -18.77
C ASP C 152 38.90 -2.85 -19.58
N GLY C 153 37.61 -3.25 -19.63
CA GLY C 153 36.58 -2.56 -20.39
C GLY C 153 36.70 -2.79 -21.89
N GLY C 154 37.63 -3.67 -22.30
CA GLY C 154 37.74 -4.04 -23.71
C GLY C 154 38.94 -3.40 -24.40
N LYS C 155 39.69 -2.59 -23.67
CA LYS C 155 40.84 -1.86 -24.13
C LYS C 155 41.86 -2.70 -24.91
N SER C 156 42.14 -3.91 -24.48
CA SER C 156 43.05 -4.78 -25.21
C SER C 156 42.56 -5.45 -26.47
N THR C 157 41.35 -5.29 -26.91
CA THR C 157 40.82 -5.95 -28.12
C THR C 157 41.14 -5.10 -29.33
N SER C 158 41.37 -3.81 -29.09
CA SER C 158 41.62 -2.90 -30.22
C SER C 158 42.52 -1.72 -29.90
N ARG C 159 43.07 -1.24 -31.00
CA ARG C 159 43.95 -0.10 -31.01
C ARG C 159 43.11 1.14 -30.72
N ASN C 160 41.85 1.11 -31.15
CA ASN C 160 40.86 2.13 -31.09
C ASN C 160 40.07 2.15 -29.79
N SER C 161 40.23 1.12 -28.97
CA SER C 161 39.43 0.98 -27.75
C SER C 161 40.13 1.78 -26.68
N LYS C 162 39.55 2.91 -26.30
CA LYS C 162 40.30 3.74 -25.33
C LYS C 162 39.65 3.94 -23.98
N ALA C 163 38.33 3.83 -23.92
CA ALA C 163 37.60 4.11 -22.69
C ALA C 163 38.10 3.30 -21.52
N GLY C 164 37.94 1.99 -21.59
CA GLY C 164 38.36 1.07 -20.53
C GLY C 164 37.42 1.01 -19.33
N ALA C 165 37.81 0.27 -18.29
CA ALA C 165 37.04 0.13 -17.06
C ALA C 165 36.96 1.49 -16.37
N TYR C 166 38.03 2.27 -16.39
CA TYR C 166 38.04 3.59 -15.78
C TYR C 166 36.82 4.44 -16.16
N TYR C 167 36.26 4.42 -17.36
CA TYR C 167 35.13 5.18 -17.80
C TYR C 167 33.87 4.37 -18.02
N GLY C 168 33.73 3.17 -17.46
CA GLY C 168 32.57 2.32 -17.61
C GLY C 168 32.33 1.61 -18.92
N ALA C 169 33.36 1.28 -19.71
CA ALA C 169 33.10 0.64 -21.02
C ALA C 169 32.99 -0.87 -20.88
N GLY C 170 32.58 -1.50 -21.98
CA GLY C 170 32.53 -2.95 -21.99
C GLY C 170 31.37 -3.68 -21.37
N TYR C 171 30.20 -3.07 -21.24
CA TYR C 171 29.05 -3.72 -20.67
C TYR C 171 28.50 -4.79 -21.57
N CYS C 172 27.89 -5.82 -21.02
CA CYS C 172 27.23 -6.86 -21.78
C CYS C 172 26.26 -7.55 -20.80
N ASP C 173 25.41 -8.49 -21.27
CA ASP C 173 24.58 -9.27 -20.36
C ASP C 173 23.88 -10.33 -21.23
N ALA C 174 23.02 -11.17 -20.63
CA ALA C 174 22.44 -12.30 -21.35
C ALA C 174 21.32 -11.91 -22.28
N GLN C 175 21.06 -10.61 -22.43
CA GLN C 175 20.04 -10.28 -23.43
C GLN C 175 20.64 -10.22 -24.82
N CYS C 176 21.93 -9.97 -24.98
CA CYS C 176 22.57 -9.86 -26.29
C CYS C 176 22.01 -8.68 -27.07
N TYR C 177 21.80 -7.53 -26.44
CA TYR C 177 21.28 -6.39 -27.12
C TYR C 177 22.28 -5.73 -28.06
N VAL C 178 21.82 -5.20 -29.19
CA VAL C 178 22.67 -4.37 -30.03
C VAL C 178 22.94 -3.01 -29.38
N THR C 179 24.17 -2.69 -29.05
CA THR C 179 24.49 -1.39 -28.50
C THR C 179 25.51 -0.74 -29.42
N PRO C 180 25.46 0.57 -29.56
CA PRO C 180 26.34 1.35 -30.38
C PRO C 180 27.81 1.11 -30.10
N PHE C 181 28.20 0.76 -28.88
CA PHE C 181 29.58 0.43 -28.58
C PHE C 181 29.71 -0.98 -28.02
N ILE C 182 30.74 -1.74 -28.46
CA ILE C 182 31.10 -3.07 -27.97
C ILE C 182 32.57 -2.92 -27.52
N ASN C 183 32.92 -3.35 -26.32
CA ASN C 183 34.33 -3.34 -25.92
C ASN C 183 35.03 -1.99 -26.09
N GLY C 184 34.34 -0.88 -25.86
CA GLY C 184 34.97 0.44 -25.99
C GLY C 184 35.19 0.85 -27.44
N VAL C 185 34.58 0.27 -28.47
CA VAL C 185 34.70 0.57 -29.87
C VAL C 185 33.32 0.59 -30.54
N GLY C 186 33.18 1.34 -31.62
CA GLY C 186 31.91 1.49 -32.30
C GLY C 186 31.51 0.11 -32.76
N ASN C 187 30.26 -0.31 -32.62
CA ASN C 187 29.73 -1.59 -33.01
C ASN C 187 29.21 -1.56 -34.43
N ILE C 188 30.17 -1.36 -35.34
CA ILE C 188 29.90 -1.21 -36.77
C ILE C 188 29.11 -2.34 -37.33
N LYS C 189 29.40 -3.59 -36.95
CA LYS C 189 28.62 -4.71 -37.47
C LYS C 189 27.25 -4.83 -36.85
N GLY C 190 26.95 -4.06 -35.78
CA GLY C 190 25.66 -4.05 -35.14
C GLY C 190 25.34 -5.37 -34.49
N GLN C 191 26.30 -5.88 -33.72
CA GLN C 191 26.14 -7.17 -33.09
C GLN C 191 25.44 -7.03 -31.74
N GLY C 192 24.91 -8.17 -31.29
CA GLY C 192 24.31 -8.15 -29.95
C GLY C 192 25.50 -8.23 -29.03
N VAL C 193 25.44 -7.58 -27.86
CA VAL C 193 26.61 -7.67 -26.97
C VAL C 193 26.29 -8.69 -25.88
N CYS C 194 26.70 -9.97 -26.02
CA CYS C 194 26.41 -10.98 -25.04
C CYS C 194 27.46 -11.30 -23.97
N CYS C 195 27.04 -12.02 -22.92
CA CYS C 195 27.84 -12.60 -21.87
C CYS C 195 27.03 -13.15 -20.69
N ASN C 196 27.60 -14.20 -20.09
CA ASN C 196 27.09 -14.89 -18.95
C ASN C 196 26.69 -13.89 -17.87
N GLU C 197 25.52 -14.16 -17.24
CA GLU C 197 25.09 -13.19 -16.24
C GLU C 197 24.38 -13.80 -15.06
N LEU C 198 24.72 -13.34 -13.85
CA LEU C 198 24.14 -13.86 -12.63
C LEU C 198 23.28 -12.81 -11.96
N ASP C 199 21.97 -13.00 -11.96
CA ASP C 199 21.12 -12.00 -11.31
C ASP C 199 20.90 -12.35 -9.87
N ILE C 200 21.69 -11.76 -9.00
CA ILE C 200 21.58 -12.08 -7.58
C ILE C 200 20.32 -11.46 -6.99
N TRP C 201 20.14 -10.18 -7.32
CA TRP C 201 18.98 -9.48 -6.82
C TRP C 201 18.25 -8.63 -7.82
N GLU C 202 17.03 -8.93 -8.17
CA GLU C 202 16.23 -8.00 -9.02
C GLU C 202 14.88 -7.85 -8.28
N ALA C 203 14.61 -6.61 -7.87
CA ALA C 203 13.47 -6.38 -7.02
C ALA C 203 12.83 -5.03 -6.87
N ASN C 204 11.72 -5.05 -6.15
CA ASN C 204 11.01 -3.82 -5.72
C ASN C 204 10.42 -4.19 -4.36
N SER C 205 9.66 -3.32 -3.72
CA SER C 205 9.19 -3.64 -2.36
C SER C 205 8.08 -4.68 -2.35
N ARG C 206 7.62 -5.08 -3.50
CA ARG C 206 6.53 -5.99 -3.67
C ARG C 206 6.87 -7.38 -4.16
N ALA C 207 8.07 -7.61 -4.74
CA ALA C 207 8.47 -8.90 -5.25
C ALA C 207 9.98 -8.91 -5.47
N THR C 208 10.65 -10.04 -5.36
CA THR C 208 12.07 -10.20 -5.58
C THR C 208 12.31 -11.41 -6.50
N HIS C 209 13.47 -11.42 -7.16
CA HIS C 209 13.80 -12.45 -8.13
C HIS C 209 15.28 -12.80 -8.10
N ILE C 210 15.64 -14.05 -8.26
CA ILE C 210 16.99 -14.51 -8.36
C ILE C 210 17.07 -15.14 -9.75
N ALA C 211 18.12 -14.95 -10.53
CA ALA C 211 18.23 -15.73 -11.78
C ALA C 211 19.59 -15.71 -12.45
N PRO C 212 20.21 -16.87 -12.50
CA PRO C 212 21.38 -17.19 -13.25
C PRO C 212 21.09 -17.25 -14.74
N HIS C 213 21.88 -16.60 -15.59
CA HIS C 213 21.69 -16.71 -17.03
C HIS C 213 22.98 -17.18 -17.71
N PRO C 214 23.10 -18.44 -18.00
CA PRO C 214 24.26 -19.01 -18.65
C PRO C 214 24.28 -18.67 -20.12
N CYS C 215 25.49 -18.61 -20.66
CA CYS C 215 25.67 -18.48 -22.11
C CYS C 215 26.69 -19.55 -22.54
N SER C 216 26.57 -20.01 -23.78
CA SER C 216 27.52 -21.01 -24.27
C SER C 216 28.83 -20.45 -24.80
N LYS C 217 29.04 -19.13 -24.80
CA LYS C 217 30.32 -18.55 -25.20
C LYS C 217 30.92 -17.82 -24.04
N PRO C 218 32.16 -18.03 -23.69
CA PRO C 218 32.89 -17.38 -22.61
C PRO C 218 33.17 -15.92 -22.85
N GLY C 219 33.23 -15.13 -21.80
CA GLY C 219 33.46 -13.71 -21.93
C GLY C 219 32.47 -12.96 -22.80
N LEU C 220 32.88 -11.75 -23.21
CA LEU C 220 31.95 -10.93 -24.01
C LEU C 220 31.94 -11.43 -25.44
N TYR C 221 30.79 -11.77 -25.99
CA TYR C 221 30.68 -12.27 -27.35
C TYR C 221 29.76 -11.44 -28.24
N GLY C 222 30.19 -10.95 -29.39
CA GLY C 222 29.40 -10.23 -30.33
C GLY C 222 28.57 -11.19 -31.16
N CYS C 223 27.27 -11.32 -30.94
CA CYS C 223 26.52 -12.35 -31.63
C CYS C 223 26.06 -11.79 -32.96
N THR C 224 25.68 -12.69 -33.85
CA THR C 224 25.16 -12.32 -35.15
C THR C 224 23.97 -13.23 -35.45
N GLY C 225 22.96 -12.73 -36.09
CA GLY C 225 21.72 -13.40 -36.39
C GLY C 225 21.13 -14.16 -35.22
N ASP C 226 20.81 -15.42 -35.42
CA ASP C 226 20.25 -16.33 -34.46
C ASP C 226 21.08 -16.49 -33.23
N GLU C 227 22.38 -16.17 -33.23
CA GLU C 227 23.16 -16.37 -32.00
C GLU C 227 22.52 -15.52 -30.90
N CYS C 228 22.02 -14.36 -31.27
CA CYS C 228 21.37 -13.40 -30.47
C CYS C 228 19.92 -13.69 -30.05
N GLY C 229 19.20 -14.63 -30.65
CA GLY C 229 17.84 -14.93 -30.33
C GLY C 229 17.63 -15.84 -29.14
N SER C 230 16.40 -16.35 -29.03
CA SER C 230 15.95 -17.18 -27.93
C SER C 230 16.67 -18.52 -27.80
N SER C 231 16.90 -19.11 -28.96
CA SER C 231 17.67 -20.35 -28.98
C SER C 231 19.10 -20.07 -29.42
N GLY C 232 19.64 -18.91 -29.10
CA GLY C 232 20.95 -18.50 -29.51
C GLY C 232 21.94 -18.92 -28.42
N ILE C 233 22.94 -18.10 -28.17
CA ILE C 233 23.97 -18.50 -27.22
C ILE C 233 23.69 -18.14 -25.79
N CYS C 234 22.70 -17.27 -25.53
CA CYS C 234 22.46 -16.90 -24.13
C CYS C 234 21.05 -17.16 -23.67
N ASP C 235 20.91 -17.42 -22.39
CA ASP C 235 19.63 -17.80 -21.78
C ASP C 235 18.98 -16.49 -21.36
N LYS C 236 18.19 -15.95 -22.30
CA LYS C 236 17.49 -14.68 -22.05
C LYS C 236 16.65 -14.81 -20.78
N ALA C 237 15.82 -15.81 -20.65
CA ALA C 237 14.90 -15.98 -19.54
C ALA C 237 15.53 -16.26 -18.18
N GLY C 238 16.50 -17.16 -18.18
CA GLY C 238 17.21 -17.49 -16.95
C GLY C 238 16.45 -18.57 -16.20
N CYS C 239 17.08 -19.04 -15.11
CA CYS C 239 16.35 -20.01 -14.30
C CYS C 239 15.96 -19.25 -13.02
N GLY C 240 14.74 -18.75 -12.94
CA GLY C 240 14.47 -17.91 -11.78
C GLY C 240 13.91 -18.51 -10.51
N TRP C 241 14.02 -17.72 -9.45
CA TRP C 241 13.38 -17.98 -8.18
C TRP C 241 12.75 -16.67 -7.60
N ASN C 242 11.42 -16.73 -7.58
CA ASN C 242 10.57 -15.73 -6.95
C ASN C 242 9.69 -16.53 -6.00
N HIS C 243 9.69 -16.30 -4.71
CA HIS C 243 8.83 -17.03 -3.78
C HIS C 243 7.35 -16.98 -4.20
N ASN C 244 6.86 -15.89 -4.83
CA ASN C 244 5.48 -15.88 -5.25
C ASN C 244 5.26 -16.90 -6.33
N ARG C 245 6.23 -17.18 -7.19
CA ARG C 245 6.02 -18.13 -8.29
C ARG C 245 6.07 -19.57 -7.83
N ILE C 246 6.65 -19.81 -6.65
CA ILE C 246 6.58 -21.16 -6.14
C ILE C 246 5.55 -21.29 -5.01
N ASN C 247 4.50 -20.47 -5.07
CA ASN C 247 3.39 -20.28 -4.23
C ASN C 247 3.62 -19.93 -2.75
N VAL C 248 4.60 -19.15 -2.38
CA VAL C 248 4.79 -18.76 -0.99
C VAL C 248 4.75 -17.21 -0.98
N THR C 249 3.54 -16.72 -1.18
CA THR C 249 3.23 -15.31 -1.31
C THR C 249 3.34 -14.40 -0.08
N ASP C 250 3.62 -14.89 1.10
CA ASP C 250 3.79 -14.11 2.30
C ASP C 250 5.22 -14.00 2.80
N PHE C 251 6.14 -14.50 1.96
CA PHE C 251 7.57 -14.49 2.27
C PHE C 251 8.14 -13.08 2.17
N TYR C 252 7.85 -12.32 1.11
CA TYR C 252 8.46 -11.00 0.94
C TYR C 252 7.46 -9.92 0.51
N GLY C 253 7.42 -8.79 1.24
CA GLY C 253 6.43 -7.77 0.88
C GLY C 253 6.43 -6.60 1.86
N ARG C 254 5.58 -5.63 1.62
CA ARG C 254 5.51 -4.48 2.53
C ARG C 254 4.71 -4.78 3.81
N GLY C 255 5.36 -4.66 4.97
CA GLY C 255 4.67 -4.81 6.21
C GLY C 255 5.00 -5.92 7.15
N LYS C 256 4.19 -6.12 8.18
CA LYS C 256 4.41 -7.11 9.23
C LYS C 256 3.84 -8.45 8.79
N GLN C 257 2.99 -8.45 7.77
CA GLN C 257 2.39 -9.72 7.33
C GLN C 257 3.29 -10.50 6.39
N TYR C 258 4.55 -10.11 6.24
CA TYR C 258 5.51 -10.79 5.39
C TYR C 258 6.71 -11.23 6.22
N LYS C 259 7.28 -12.39 5.93
CA LYS C 259 8.46 -12.89 6.64
C LYS C 259 9.61 -11.92 6.48
N VAL C 260 9.86 -11.38 5.27
CA VAL C 260 10.93 -10.39 5.14
C VAL C 260 10.19 -9.09 4.82
N ASP C 261 10.38 -8.07 5.64
CA ASP C 261 9.62 -6.83 5.42
C ASP C 261 10.41 -5.83 4.58
N SER C 262 9.97 -5.74 3.33
CA SER C 262 10.55 -4.83 2.35
C SER C 262 10.45 -3.35 2.65
N THR C 263 9.78 -2.89 3.68
CA THR C 263 9.72 -1.48 4.04
C THR C 263 10.87 -1.17 4.98
N ARG C 264 11.59 -2.20 5.40
CA ARG C 264 12.69 -1.97 6.33
C ARG C 264 13.96 -2.63 5.79
N LYS C 265 15.09 -2.26 6.38
CA LYS C 265 16.37 -2.79 5.95
C LYS C 265 16.48 -4.27 6.25
N PHE C 266 17.19 -4.96 5.36
CA PHE C 266 17.49 -6.39 5.62
C PHE C 266 18.79 -6.76 4.88
N THR C 267 19.38 -7.85 5.31
CA THR C 267 20.54 -8.45 4.70
C THR C 267 20.07 -9.59 3.81
N VAL C 268 20.69 -9.69 2.67
CA VAL C 268 20.49 -10.72 1.67
C VAL C 268 21.79 -11.52 1.57
N THR C 269 21.75 -12.78 1.92
CA THR C 269 22.95 -13.63 1.86
C THR C 269 22.73 -14.67 0.78
N SER C 270 23.64 -14.79 -0.16
CA SER C 270 23.58 -15.82 -1.21
C SER C 270 24.82 -16.74 -1.11
N GLN C 271 24.56 -18.04 -1.30
CA GLN C 271 25.63 -19.02 -1.17
C GLN C 271 25.69 -19.90 -2.42
N PHE C 272 26.86 -19.83 -3.07
CA PHE C 272 27.10 -20.53 -4.33
C PHE C 272 27.87 -21.80 -4.12
N VAL C 273 27.19 -22.90 -3.95
CA VAL C 273 27.77 -24.16 -3.54
C VAL C 273 28.33 -24.97 -4.70
N ALA C 274 29.60 -25.40 -4.44
CA ALA C 274 30.29 -26.24 -5.42
C ALA C 274 30.46 -27.69 -4.98
N ASN C 275 30.52 -28.60 -5.94
CA ASN C 275 30.75 -30.01 -5.63
C ASN C 275 32.25 -30.29 -5.47
N LYS C 276 32.60 -31.57 -5.39
CA LYS C 276 34.00 -31.94 -5.21
C LYS C 276 34.87 -31.42 -6.33
N GLN C 277 34.43 -31.58 -7.58
CA GLN C 277 35.14 -31.12 -8.76
C GLN C 277 35.28 -29.61 -8.94
N GLY C 278 34.69 -28.80 -8.06
CA GLY C 278 34.76 -27.34 -8.12
C GLY C 278 33.64 -26.71 -8.94
N ASP C 279 32.72 -27.49 -9.50
CA ASP C 279 31.58 -26.99 -10.22
C ASP C 279 30.46 -26.44 -9.35
N LEU C 280 29.76 -25.41 -9.80
CA LEU C 280 28.61 -24.87 -9.10
C LEU C 280 27.47 -25.89 -9.18
N ILE C 281 26.89 -26.26 -8.04
CA ILE C 281 25.77 -27.18 -8.17
C ILE C 281 24.49 -26.58 -7.60
N GLU C 282 24.58 -25.71 -6.59
CA GLU C 282 23.33 -25.16 -6.06
C GLU C 282 23.46 -23.74 -5.57
N LEU C 283 22.41 -22.93 -5.77
CA LEU C 283 22.46 -21.55 -5.29
C LEU C 283 21.55 -21.33 -4.08
N HIS C 284 22.07 -20.95 -2.94
CA HIS C 284 21.33 -20.80 -1.71
C HIS C 284 21.05 -19.37 -1.32
N ARG C 285 19.87 -19.10 -0.73
CA ARG C 285 19.48 -17.75 -0.31
C ARG C 285 18.89 -17.74 1.09
N HIS C 286 19.17 -16.71 1.87
CA HIS C 286 18.65 -16.55 3.22
C HIS C 286 18.87 -15.09 3.58
N TYR C 287 17.96 -14.59 4.39
CA TYR C 287 17.87 -13.18 4.77
C TYR C 287 18.08 -13.01 6.28
N ILE C 288 18.40 -11.76 6.63
CA ILE C 288 18.54 -11.38 8.01
C ILE C 288 17.81 -10.05 8.26
N GLN C 289 16.79 -10.07 9.10
CA GLN C 289 16.02 -8.89 9.46
C GLN C 289 15.79 -9.01 10.97
N ASP C 290 16.08 -7.96 11.68
CA ASP C 290 15.97 -7.86 13.13
C ASP C 290 16.85 -8.84 13.87
N ASN C 291 17.98 -9.30 13.33
CA ASN C 291 18.82 -10.26 14.05
C ASN C 291 18.18 -11.63 13.99
N LYS C 292 17.45 -11.90 12.95
CA LYS C 292 16.83 -13.21 12.79
C LYS C 292 17.18 -13.79 11.44
N VAL C 293 17.61 -15.05 11.39
CA VAL C 293 17.92 -15.63 10.10
C VAL C 293 16.61 -16.04 9.45
N ILE C 294 16.19 -15.46 8.34
CA ILE C 294 14.93 -15.91 7.79
C ILE C 294 15.30 -16.88 6.67
N GLU C 295 15.07 -18.17 6.82
CA GLU C 295 15.39 -19.12 5.78
C GLU C 295 14.50 -18.89 4.57
N SER C 296 14.95 -19.23 3.37
CA SER C 296 14.10 -19.16 2.20
C SER C 296 13.02 -20.24 2.40
N ALA C 297 11.96 -20.18 1.59
CA ALA C 297 10.92 -21.19 1.75
C ALA C 297 10.94 -22.27 0.70
N VAL C 298 10.55 -23.47 1.10
CA VAL C 298 10.52 -24.60 0.17
C VAL C 298 9.56 -24.38 -0.99
N VAL C 299 9.73 -25.03 -2.13
CA VAL C 299 8.82 -24.94 -3.25
C VAL C 299 7.46 -25.40 -2.75
N ASN C 300 6.41 -24.67 -3.05
CA ASN C 300 5.07 -24.97 -2.56
C ASN C 300 4.08 -25.18 -3.68
N ILE C 301 4.60 -25.73 -4.78
CA ILE C 301 3.79 -26.11 -5.92
C ILE C 301 4.20 -27.53 -6.29
N SER C 302 3.34 -28.26 -6.99
CA SER C 302 3.77 -29.64 -7.34
C SER C 302 4.56 -29.50 -8.64
N GLY C 303 5.59 -30.34 -8.74
CA GLY C 303 6.52 -30.30 -9.85
C GLY C 303 7.96 -30.29 -9.39
N PRO C 304 8.46 -29.13 -9.04
CA PRO C 304 9.82 -28.98 -8.61
C PRO C 304 10.13 -29.88 -7.42
N PRO C 305 11.37 -30.18 -7.15
CA PRO C 305 11.79 -30.87 -5.95
C PRO C 305 11.39 -29.96 -4.78
N LYS C 306 11.03 -30.49 -3.63
CA LYS C 306 10.61 -29.63 -2.52
C LYS C 306 11.85 -29.05 -1.86
N ILE C 307 12.48 -28.03 -2.44
CA ILE C 307 13.70 -27.43 -1.87
C ILE C 307 13.60 -25.91 -1.78
N ASN C 308 14.56 -25.24 -1.13
CA ASN C 308 14.51 -23.79 -1.04
C ASN C 308 15.69 -23.09 -1.73
N PHE C 309 16.24 -23.71 -2.75
CA PHE C 309 17.42 -23.23 -3.44
C PHE C 309 17.38 -23.63 -4.91
N ILE C 310 18.20 -23.00 -5.73
CA ILE C 310 18.29 -23.39 -7.13
C ILE C 310 19.33 -24.46 -7.44
N ASN C 311 18.89 -25.42 -8.25
CA ASN C 311 19.78 -26.49 -8.73
C ASN C 311 19.26 -26.91 -10.08
N ASP C 312 19.87 -27.84 -10.79
CA ASP C 312 19.40 -28.18 -12.13
C ASP C 312 18.08 -28.89 -12.09
N LYS C 313 17.82 -29.66 -11.05
CA LYS C 313 16.55 -30.42 -10.99
C LYS C 313 15.42 -29.42 -10.89
N TYR C 314 15.62 -28.41 -10.04
CA TYR C 314 14.61 -27.37 -9.99
C TYR C 314 14.44 -26.62 -11.31
N CYS C 315 15.55 -26.18 -11.92
CA CYS C 315 15.47 -25.44 -13.16
C CYS C 315 14.78 -26.25 -14.26
N ALA C 316 15.15 -27.53 -14.36
CA ALA C 316 14.52 -28.42 -15.34
C ALA C 316 13.01 -28.52 -15.10
N ALA C 317 12.67 -28.75 -13.81
CA ALA C 317 11.30 -28.83 -13.35
C ALA C 317 10.52 -27.53 -13.54
N THR C 318 11.18 -26.39 -13.59
CA THR C 318 10.39 -25.17 -13.78
C THR C 318 10.37 -24.64 -15.20
N GLY C 319 10.72 -25.39 -16.22
CA GLY C 319 10.63 -24.96 -17.61
C GLY C 319 11.73 -24.04 -18.07
N ALA C 320 12.91 -24.09 -17.47
CA ALA C 320 14.07 -23.29 -17.81
C ALA C 320 14.88 -24.03 -18.87
N ASN C 321 14.30 -24.19 -20.03
CA ASN C 321 14.82 -24.97 -21.13
C ASN C 321 16.13 -24.48 -21.71
N GLU C 322 16.23 -23.18 -21.96
CA GLU C 322 17.46 -22.62 -22.49
C GLU C 322 18.53 -22.74 -21.43
N TYR C 323 18.15 -22.56 -20.18
CA TYR C 323 19.11 -22.66 -19.09
C TYR C 323 19.80 -24.02 -19.19
N MET C 324 18.97 -25.05 -19.17
CA MET C 324 19.45 -26.44 -19.24
C MET C 324 20.18 -26.70 -20.57
N ARG C 325 19.63 -26.19 -21.66
CA ARG C 325 20.23 -26.36 -22.97
C ARG C 325 21.61 -25.73 -23.15
N LEU C 326 21.89 -24.64 -22.45
CA LEU C 326 23.17 -23.95 -22.56
C LEU C 326 24.14 -24.36 -21.47
N GLY C 327 23.76 -25.41 -20.73
CA GLY C 327 24.66 -25.91 -19.73
C GLY C 327 24.32 -25.65 -18.30
N GLY C 328 23.15 -25.07 -18.03
CA GLY C 328 22.65 -24.95 -16.68
C GLY C 328 23.57 -24.46 -15.61
N THR C 329 23.55 -25.01 -14.42
CA THR C 329 24.31 -24.45 -13.31
C THR C 329 25.81 -24.55 -13.47
N LYS C 330 26.30 -25.64 -14.07
CA LYS C 330 27.75 -25.80 -14.25
C LYS C 330 28.30 -24.69 -15.17
N GLN C 331 27.56 -24.44 -16.26
CA GLN C 331 27.96 -23.41 -17.19
C GLN C 331 27.97 -22.04 -16.51
N MET C 332 26.96 -21.74 -15.68
CA MET C 332 26.92 -20.44 -15.00
C MET C 332 28.10 -20.33 -14.04
N GLY C 333 28.29 -21.38 -13.23
CA GLY C 333 29.46 -21.37 -12.31
C GLY C 333 30.80 -21.31 -13.06
N ASP C 334 30.93 -21.76 -14.33
CA ASP C 334 32.20 -21.59 -15.02
C ASP C 334 32.47 -20.11 -15.29
N ALA C 335 31.54 -19.33 -15.79
CA ALA C 335 31.76 -17.87 -15.87
C ALA C 335 31.99 -17.33 -14.48
N MET C 336 31.24 -17.74 -13.42
CA MET C 336 31.55 -17.23 -12.08
C MET C 336 33.00 -17.49 -11.69
N SER C 337 33.49 -18.70 -11.99
CA SER C 337 34.85 -19.08 -11.61
C SER C 337 35.84 -18.23 -12.35
N ARG C 338 35.67 -17.96 -13.64
CA ARG C 338 36.56 -17.06 -14.35
C ARG C 338 36.53 -15.63 -13.81
N GLY C 339 35.45 -15.10 -13.21
CA GLY C 339 35.52 -13.75 -12.63
C GLY C 339 34.51 -12.86 -13.32
N MET C 340 33.63 -12.21 -12.57
CA MET C 340 32.55 -11.42 -13.23
C MET C 340 32.45 -10.04 -12.60
N VAL C 341 31.93 -9.09 -13.35
CA VAL C 341 31.90 -7.71 -12.87
C VAL C 341 30.60 -7.43 -12.12
N LEU C 342 30.69 -6.74 -10.99
CA LEU C 342 29.53 -6.44 -10.15
C LEU C 342 28.81 -5.23 -10.70
N ALA C 343 27.55 -5.41 -11.05
CA ALA C 343 26.80 -4.28 -11.63
C ALA C 343 25.63 -3.94 -10.69
N MET C 344 25.29 -2.65 -10.63
CA MET C 344 24.17 -2.25 -9.77
C MET C 344 23.34 -1.23 -10.51
N SER C 345 22.01 -1.40 -10.55
CA SER C 345 21.21 -0.36 -11.23
C SER C 345 19.85 -0.12 -10.60
N VAL C 346 19.15 0.91 -11.04
CA VAL C 346 17.80 1.29 -10.74
C VAL C 346 17.13 1.49 -12.11
N TRP C 347 16.02 0.87 -12.38
CA TRP C 347 15.32 1.16 -13.64
C TRP C 347 13.85 0.78 -13.61
N TRP C 348 13.15 1.18 -14.65
CA TRP C 348 11.77 0.89 -14.85
C TRP C 348 11.57 0.54 -16.32
N SER C 349 10.37 0.20 -16.77
CA SER C 349 10.13 -0.20 -18.13
C SER C 349 8.80 0.29 -18.65
N GLU C 350 8.86 1.12 -19.67
CA GLU C 350 7.76 1.64 -20.42
C GLU C 350 7.17 0.53 -21.28
N GLY C 351 7.85 -0.58 -21.48
CA GLY C 351 7.42 -1.64 -22.36
C GLY C 351 6.64 -2.79 -21.79
N ASP C 352 6.97 -3.24 -20.57
CA ASP C 352 6.17 -4.31 -19.99
C ASP C 352 5.94 -4.03 -18.52
N PHE C 353 6.46 -2.92 -18.04
CA PHE C 353 6.30 -2.45 -16.69
C PHE C 353 6.80 -3.42 -15.63
N MET C 354 7.75 -4.29 -15.94
CA MET C 354 8.35 -5.20 -15.01
C MET C 354 7.40 -6.30 -14.53
N ALA C 355 6.41 -6.58 -15.36
CA ALA C 355 5.39 -7.56 -15.04
C ALA C 355 5.94 -8.93 -14.66
N TRP C 356 7.09 -9.33 -15.21
CA TRP C 356 7.71 -10.61 -14.98
C TRP C 356 8.19 -10.70 -13.55
N LEU C 357 8.41 -9.54 -12.95
CA LEU C 357 8.85 -9.44 -11.57
C LEU C 357 7.74 -9.34 -10.53
N ASP C 358 6.66 -8.55 -10.73
CA ASP C 358 5.68 -8.31 -9.68
C ASP C 358 4.22 -8.43 -10.06
N GLN C 359 3.81 -9.18 -11.05
CA GLN C 359 2.43 -9.26 -11.45
C GLN C 359 2.03 -10.73 -11.67
N GLY C 360 0.73 -11.00 -11.64
CA GLY C 360 0.19 -12.33 -11.77
C GLY C 360 0.81 -13.22 -10.69
N VAL C 361 1.37 -14.34 -11.11
CA VAL C 361 2.06 -15.26 -10.22
C VAL C 361 3.37 -14.72 -9.69
N ALA C 362 3.86 -13.61 -10.23
CA ALA C 362 5.12 -13.07 -9.76
C ALA C 362 4.88 -12.14 -8.56
N GLY C 363 3.67 -11.54 -8.50
CA GLY C 363 3.48 -10.63 -7.37
C GLY C 363 2.05 -10.11 -7.25
N PRO C 364 1.92 -9.11 -6.39
CA PRO C 364 0.71 -8.43 -6.05
C PRO C 364 0.39 -7.17 -6.83
N CYS C 365 0.98 -6.83 -7.96
CA CYS C 365 0.68 -5.65 -8.71
C CYS C 365 -0.36 -5.83 -9.80
N ASP C 366 -1.05 -4.74 -10.14
CA ASP C 366 -2.03 -4.89 -11.22
C ASP C 366 -1.30 -4.62 -12.55
N ALA C 367 -2.03 -4.55 -13.64
CA ALA C 367 -1.44 -4.30 -14.93
C ALA C 367 -1.10 -2.86 -15.26
N THR C 368 -1.27 -1.93 -14.33
CA THR C 368 -1.05 -0.54 -14.69
C THR C 368 -0.32 0.23 -13.60
N GLU C 369 -0.35 -0.18 -12.33
CA GLU C 369 0.35 0.67 -11.35
C GLU C 369 1.86 0.74 -11.64
N GLY C 370 2.40 -0.27 -12.31
CA GLY C 370 3.79 -0.40 -12.69
C GLY C 370 4.20 0.52 -13.83
N ASP C 371 3.24 1.02 -14.61
CA ASP C 371 3.53 2.01 -15.64
C ASP C 371 4.31 3.12 -14.96
N PRO C 372 5.32 3.62 -15.66
CA PRO C 372 6.22 4.64 -15.16
C PRO C 372 5.53 5.93 -14.78
N LYS C 373 4.46 6.28 -15.47
CA LYS C 373 3.56 7.39 -15.24
C LYS C 373 2.77 7.24 -13.94
N ASN C 374 2.46 6.02 -13.53
CA ASN C 374 1.78 5.80 -12.24
C ASN C 374 2.84 5.64 -11.17
N ILE C 375 3.99 5.01 -11.56
CA ILE C 375 5.04 4.88 -10.54
C ILE C 375 5.30 6.20 -9.84
N VAL C 376 5.53 7.29 -10.56
CA VAL C 376 5.83 8.57 -9.86
C VAL C 376 4.70 9.16 -9.04
N LYS C 377 3.46 8.70 -9.28
CA LYS C 377 2.32 9.08 -8.45
C LYS C 377 2.47 8.39 -7.08
N VAL C 378 2.65 7.07 -7.10
CA VAL C 378 2.87 6.38 -5.84
C VAL C 378 4.10 6.87 -5.12
N GLN C 379 5.21 6.86 -5.82
CA GLN C 379 6.51 7.26 -5.22
C GLN C 379 7.19 8.20 -6.21
N PRO C 380 7.22 9.48 -5.86
CA PRO C 380 7.67 10.55 -6.72
C PRO C 380 9.13 10.41 -7.07
N ASN C 381 9.96 9.94 -6.15
CA ASN C 381 11.40 9.78 -6.40
C ASN C 381 11.84 8.37 -6.02
N PRO C 382 11.55 7.40 -6.85
CA PRO C 382 11.94 6.01 -6.61
C PRO C 382 13.45 5.82 -6.44
N GLU C 383 13.88 5.17 -5.37
CA GLU C 383 15.33 5.01 -5.21
C GLU C 383 15.69 3.69 -4.55
N VAL C 384 16.96 3.40 -4.33
CA VAL C 384 17.40 2.16 -3.68
C VAL C 384 18.80 2.34 -3.15
N THR C 385 19.12 1.86 -1.97
CA THR C 385 20.44 1.95 -1.40
C THR C 385 20.98 0.57 -1.09
N PHE C 386 22.02 0.17 -1.79
CA PHE C 386 22.75 -1.07 -1.53
C PHE C 386 23.95 -0.73 -0.65
N SER C 387 24.21 -1.52 0.37
CA SER C 387 25.32 -1.25 1.27
C SER C 387 25.93 -2.51 1.88
N ASN C 388 27.07 -2.27 2.54
CA ASN C 388 27.75 -3.34 3.26
C ASN C 388 27.97 -4.62 2.46
N ILE C 389 28.50 -4.52 1.24
CA ILE C 389 28.79 -5.68 0.43
C ILE C 389 29.92 -6.49 1.04
N ARG C 390 29.81 -7.79 1.23
CA ARG C 390 30.90 -8.54 1.83
C ARG C 390 30.88 -9.93 1.20
N ILE C 391 32.01 -10.24 0.57
CA ILE C 391 32.32 -11.47 -0.16
C ILE C 391 33.34 -12.30 0.61
N GLY C 392 33.22 -13.63 0.61
CA GLY C 392 34.12 -14.40 1.43
C GLY C 392 33.69 -15.82 1.69
N GLU C 393 34.32 -16.50 2.66
CA GLU C 393 33.94 -17.91 2.78
C GLU C 393 32.49 -18.05 3.24
N ILE C 394 31.87 -19.09 2.71
CA ILE C 394 30.53 -19.49 3.13
C ILE C 394 30.50 -19.66 4.64
N GLY C 395 29.64 -18.87 5.26
CA GLY C 395 29.46 -18.85 6.70
C GLY C 395 30.16 -17.67 7.31
N SER C 396 30.73 -16.76 6.54
CA SER C 396 31.39 -15.64 7.22
C SER C 396 30.95 -14.23 6.85
N THR C 397 30.04 -14.07 5.90
CA THR C 397 29.62 -12.72 5.52
C THR C 397 28.44 -12.15 6.29
N SER C 398 27.44 -12.94 6.71
CA SER C 398 26.25 -12.33 7.31
C SER C 398 26.25 -12.50 8.83
N THR D 2 4.29 73.21 -20.70
CA THR D 2 5.46 73.72 -20.01
C THR D 2 5.08 74.62 -18.84
N PRO D 3 5.32 74.15 -17.65
CA PRO D 3 5.03 74.84 -16.44
C PRO D 3 5.63 76.24 -16.53
N ASP D 4 4.88 77.23 -16.07
CA ASP D 4 5.41 78.58 -16.01
C ASP D 4 6.24 78.63 -14.72
N LYS D 5 6.70 79.79 -14.37
CA LYS D 5 7.56 80.10 -13.28
C LYS D 5 6.84 80.42 -11.97
N ALA D 6 5.54 80.30 -11.91
CA ALA D 6 4.79 80.62 -10.69
C ALA D 6 4.98 79.57 -9.60
N LYS D 7 4.96 80.02 -8.34
CA LYS D 7 5.15 79.11 -7.22
C LYS D 7 3.96 78.17 -7.04
N GLU D 8 4.27 76.89 -6.88
CA GLU D 8 3.28 75.86 -6.66
C GLU D 8 3.21 75.62 -5.16
N GLN D 9 2.08 75.86 -4.52
CA GLN D 9 2.01 75.61 -3.08
C GLN D 9 1.06 74.44 -2.81
N HIS D 10 1.61 73.24 -2.91
CA HIS D 10 0.79 72.06 -2.66
C HIS D 10 0.35 71.97 -1.20
N PRO D 11 -0.94 71.78 -0.96
CA PRO D 11 -1.48 71.55 0.36
C PRO D 11 -0.83 70.33 0.98
N LYS D 12 -0.40 70.41 2.22
CA LYS D 12 0.13 69.32 3.01
C LYS D 12 -0.93 68.37 3.51
N LEU D 13 -0.64 67.07 3.55
CA LEU D 13 -1.57 66.09 4.07
C LEU D 13 -0.86 65.06 4.93
N GLU D 14 -1.24 64.91 6.21
CA GLU D 14 -0.60 63.82 6.96
C GLU D 14 -1.39 62.54 6.77
N THR D 15 -0.69 61.42 6.60
CA THR D 15 -1.23 60.09 6.38
C THR D 15 -0.45 59.13 7.27
N TYR D 16 -0.86 57.86 7.47
CA TYR D 16 -0.12 57.03 8.44
C TYR D 16 0.23 55.68 7.85
N ARG D 17 1.36 55.10 8.27
CA ARG D 17 1.70 53.73 7.83
C ARG D 17 1.67 52.91 9.13
N CYS D 18 0.99 51.76 9.11
CA CYS D 18 0.76 50.99 10.32
C CYS D 18 1.15 49.51 10.27
N THR D 19 1.44 49.03 11.47
CA THR D 19 1.75 47.66 11.74
C THR D 19 1.08 47.25 13.07
N LYS D 20 0.65 46.00 13.20
CA LYS D 20 0.08 45.47 14.42
C LYS D 20 1.01 45.71 15.60
N ALA D 21 2.29 45.38 15.45
CA ALA D 21 3.30 45.60 16.46
C ALA D 21 3.64 47.04 16.78
N SER D 22 3.60 47.98 15.83
CA SER D 22 4.03 49.34 16.21
C SER D 22 2.91 50.38 16.09
N GLY D 23 1.79 50.04 15.49
CA GLY D 23 0.73 51.01 15.28
C GLY D 23 0.94 51.85 14.02
N CYS D 24 0.24 52.98 14.00
CA CYS D 24 0.32 53.87 12.86
C CYS D 24 1.32 54.97 13.12
N LYS D 25 2.11 55.28 12.12
CA LYS D 25 3.11 56.33 12.17
C LYS D 25 2.88 57.43 11.16
N LYS D 26 2.91 58.67 11.65
CA LYS D 26 2.65 59.83 10.84
C LYS D 26 3.66 60.05 9.75
N GLN D 27 3.22 60.42 8.56
CA GLN D 27 4.00 60.72 7.40
C GLN D 27 3.62 62.07 6.82
N THR D 28 4.53 62.78 6.17
CA THR D 28 4.13 64.01 5.47
C THR D 28 3.99 63.68 3.97
N ASN D 29 2.83 64.00 3.45
CA ASN D 29 2.49 63.81 2.05
C ASN D 29 1.98 65.16 1.54
N TYR D 30 1.83 65.34 0.24
CA TYR D 30 1.35 66.56 -0.40
C TYR D 30 0.28 66.14 -1.37
N ILE D 31 -0.55 67.08 -1.70
CA ILE D 31 -1.72 66.87 -2.53
C ILE D 31 -1.44 67.75 -3.75
N VAL D 32 -1.83 67.30 -4.91
CA VAL D 32 -1.60 68.06 -6.10
C VAL D 32 -2.83 67.96 -6.96
N ALA D 33 -3.26 69.10 -7.51
CA ALA D 33 -4.39 69.22 -8.40
C ALA D 33 -4.02 68.67 -9.77
N ASP D 34 -4.92 68.00 -10.44
CA ASP D 34 -4.61 67.52 -11.80
C ASP D 34 -3.99 68.65 -12.62
N ALA D 35 -3.24 68.31 -13.66
CA ALA D 35 -2.54 69.24 -14.53
C ALA D 35 -3.49 70.26 -15.16
N GLY D 36 -4.59 69.78 -15.70
CA GLY D 36 -5.68 70.54 -16.24
C GLY D 36 -6.23 71.63 -15.32
N ILE D 37 -6.44 71.42 -14.03
CA ILE D 37 -6.97 72.39 -13.10
C ILE D 37 -6.03 73.56 -12.82
N HIS D 38 -4.76 73.39 -13.16
CA HIS D 38 -3.74 74.40 -12.98
C HIS D 38 -3.93 75.46 -14.07
N GLY D 39 -4.55 75.04 -15.17
CA GLY D 39 -4.67 76.00 -16.26
C GLY D 39 -3.53 75.80 -17.27
N ILE D 40 -3.90 75.34 -18.43
CA ILE D 40 -2.99 75.12 -19.51
C ILE D 40 -3.43 76.04 -20.66
N ARG D 41 -2.62 77.06 -20.93
CA ARG D 41 -3.06 77.98 -21.98
C ARG D 41 -2.04 78.42 -23.01
N GLN D 42 -2.51 78.94 -24.15
CA GLN D 42 -1.63 79.55 -25.13
C GLN D 42 -1.36 80.98 -24.68
N LYS D 43 -0.47 81.70 -25.34
CA LYS D 43 -0.12 83.06 -24.96
C LYS D 43 -1.21 84.06 -25.36
N ASN D 44 -2.09 83.74 -26.30
CA ASN D 44 -3.21 84.63 -26.63
C ASN D 44 -4.44 84.36 -25.74
N GLY D 45 -4.22 83.63 -24.64
CA GLY D 45 -5.18 83.16 -23.70
C GLY D 45 -5.97 81.94 -24.14
N ALA D 46 -6.00 81.53 -25.40
CA ALA D 46 -6.75 80.35 -25.80
C ALA D 46 -6.24 79.11 -25.07
N GLY D 47 -7.08 78.08 -25.13
CA GLY D 47 -6.85 76.83 -24.45
C GLY D 47 -6.14 75.86 -25.39
N CYS D 48 -5.53 74.81 -24.83
CA CYS D 48 -4.89 73.83 -25.68
C CYS D 48 -5.68 72.59 -25.97
N GLY D 49 -6.97 72.52 -25.76
CA GLY D 49 -7.76 71.34 -26.15
C GLY D 49 -8.79 70.98 -25.08
N ASP D 50 -9.86 70.31 -25.47
CA ASP D 50 -10.91 69.93 -24.57
C ASP D 50 -10.95 68.46 -24.24
N TRP D 51 -11.40 68.13 -23.02
CA TRP D 51 -11.55 66.73 -22.66
C TRP D 51 -12.31 65.97 -23.75
N GLY D 52 -11.80 64.83 -24.20
CA GLY D 52 -12.42 64.04 -25.23
C GLY D 52 -11.89 64.26 -26.64
N GLN D 53 -11.04 65.25 -26.80
CA GLN D 53 -10.46 65.74 -28.01
C GLN D 53 -8.93 65.74 -27.97
N LYS D 54 -8.30 65.81 -29.18
CA LYS D 54 -6.83 65.95 -29.20
C LYS D 54 -6.54 67.42 -29.00
N PRO D 55 -5.31 67.81 -28.82
CA PRO D 55 -4.96 69.19 -28.49
C PRO D 55 -5.25 70.17 -29.58
N ASN D 56 -5.29 71.45 -29.28
CA ASN D 56 -5.48 72.46 -30.34
C ASN D 56 -4.35 72.30 -31.38
N ALA D 57 -4.78 72.09 -32.60
CA ALA D 57 -4.03 71.74 -33.77
C ALA D 57 -3.05 72.85 -34.16
N THR D 58 -3.45 74.11 -33.90
CA THR D 58 -2.53 75.17 -34.31
C THR D 58 -1.45 75.27 -33.25
N ALA D 59 -1.76 75.06 -31.99
CA ALA D 59 -0.75 75.19 -30.95
C ALA D 59 0.13 73.94 -30.87
N CYS D 60 -0.49 72.83 -31.30
CA CYS D 60 0.11 71.51 -31.20
C CYS D 60 0.00 70.71 -32.47
N PRO D 61 0.70 71.13 -33.49
CA PRO D 61 0.83 70.39 -34.75
C PRO D 61 1.69 69.16 -34.51
N ASP D 62 2.61 69.29 -33.58
CA ASP D 62 3.48 68.22 -33.10
C ASP D 62 3.80 68.44 -31.62
N GLU D 63 4.34 67.39 -31.04
CA GLU D 63 4.69 67.30 -29.64
C GLU D 63 5.48 68.45 -29.09
N ALA D 64 6.46 68.93 -29.85
CA ALA D 64 7.43 69.92 -29.44
C ALA D 64 6.86 71.31 -29.47
N SER D 65 6.06 71.50 -30.52
CA SER D 65 5.35 72.76 -30.72
C SER D 65 4.34 72.87 -29.57
N CYS D 66 3.65 71.74 -29.27
CA CYS D 66 2.74 71.67 -28.18
C CYS D 66 3.44 72.06 -26.89
N ALA D 67 4.57 71.41 -26.61
CA ALA D 67 5.32 71.70 -25.39
C ALA D 67 5.68 73.18 -25.29
N LYS D 68 6.01 73.80 -26.43
CA LYS D 68 6.39 75.20 -26.39
C LYS D 68 5.21 76.14 -26.23
N ASN D 69 4.16 75.89 -27.04
CA ASN D 69 3.01 76.77 -27.07
C ASN D 69 2.03 76.65 -25.93
N CYS D 70 1.99 75.59 -25.16
CA CYS D 70 1.01 75.47 -24.08
C CYS D 70 1.69 75.54 -22.72
N ILE D 71 1.47 76.59 -21.96
CA ILE D 71 1.97 76.86 -20.64
C ILE D 71 0.96 76.45 -19.56
N LEU D 72 1.46 75.83 -18.53
CA LEU D 72 0.77 75.36 -17.36
C LEU D 72 1.05 76.33 -16.21
N SER D 73 0.00 76.83 -15.57
CA SER D 73 0.19 77.82 -14.51
C SER D 73 0.33 77.16 -13.18
N GLY D 74 1.37 77.48 -12.45
CA GLY D 74 1.63 76.96 -11.10
C GLY D 74 0.50 77.52 -10.23
N MET D 75 0.00 76.71 -9.32
CA MET D 75 -1.05 77.03 -8.40
C MET D 75 -0.46 77.32 -7.04
N ASP D 76 -0.71 78.50 -6.51
CA ASP D 76 -0.34 78.82 -5.13
C ASP D 76 -1.50 78.42 -4.19
N SER D 77 -1.37 78.72 -2.90
CA SER D 77 -2.39 78.40 -1.93
C SER D 77 -3.76 78.93 -2.27
N ASN D 78 -3.88 80.17 -2.73
CA ASN D 78 -5.22 80.66 -3.04
C ASN D 78 -5.73 80.00 -4.27
N ALA D 79 -4.88 79.64 -5.23
CA ALA D 79 -5.29 78.96 -6.45
C ALA D 79 -5.87 77.60 -6.04
N TYR D 80 -5.26 77.00 -5.03
CA TYR D 80 -5.74 75.69 -4.55
C TYR D 80 -7.12 75.84 -3.91
N LYS D 81 -7.21 76.84 -3.01
CA LYS D 81 -8.45 77.17 -2.36
C LYS D 81 -9.55 77.49 -3.38
N ASN D 82 -9.26 78.18 -4.48
CA ASN D 82 -10.26 78.52 -5.47
C ASN D 82 -10.65 77.39 -6.41
N ALA D 83 -9.92 76.32 -6.34
CA ALA D 83 -10.17 75.12 -7.13
C ALA D 83 -10.95 74.15 -6.27
N GLY D 84 -11.14 74.51 -4.99
CA GLY D 84 -11.91 73.67 -4.09
C GLY D 84 -11.16 72.64 -3.27
N ILE D 85 -9.85 72.81 -3.16
CA ILE D 85 -8.95 71.91 -2.47
C ILE D 85 -8.41 72.59 -1.23
N THR D 86 -8.43 71.98 -0.07
CA THR D 86 -7.95 72.55 1.17
C THR D 86 -7.58 71.38 2.05
N THR D 87 -6.53 71.50 2.86
CA THR D 87 -6.27 70.33 3.72
C THR D 87 -6.04 70.87 5.11
N SER D 88 -6.19 70.05 6.13
CA SER D 88 -5.95 70.46 7.51
C SER D 88 -5.49 69.21 8.27
N GLY D 89 -4.29 69.21 8.80
CA GLY D 89 -3.82 67.99 9.46
C GLY D 89 -3.99 66.79 8.54
N ASN D 90 -4.78 65.80 8.87
CA ASN D 90 -4.95 64.62 8.04
C ASN D 90 -6.25 64.66 7.25
N LYS D 91 -6.87 65.84 7.20
CA LYS D 91 -8.12 65.96 6.47
C LYS D 91 -7.91 66.59 5.09
N LEU D 92 -8.73 66.19 4.10
CA LEU D 92 -8.67 66.77 2.79
C LEU D 92 -10.11 67.14 2.44
N ARG D 93 -10.35 68.43 2.18
CA ARG D 93 -11.69 68.83 1.84
C ARG D 93 -11.84 69.15 0.37
N LEU D 94 -12.80 68.56 -0.31
CA LEU D 94 -13.00 68.84 -1.73
C LEU D 94 -14.39 69.40 -1.97
N GLN D 95 -14.45 70.63 -2.45
CA GLN D 95 -15.64 71.39 -2.70
C GLN D 95 -15.98 71.37 -4.17
N GLN D 96 -17.25 71.13 -4.50
CA GLN D 96 -17.63 71.04 -5.89
C GLN D 96 -17.71 72.41 -6.51
N LEU D 97 -18.10 73.44 -5.74
CA LEU D 97 -18.29 74.76 -6.31
C LEU D 97 -17.65 75.78 -5.40
N ILE D 98 -17.16 76.84 -6.04
CA ILE D 98 -16.60 77.96 -5.30
C ILE D 98 -17.13 79.18 -6.04
N ASN D 99 -17.73 80.09 -5.27
CA ASN D 99 -18.35 81.30 -5.82
C ASN D 99 -19.23 81.05 -7.03
N ASN D 100 -20.15 80.11 -7.07
CA ASN D 100 -20.96 79.79 -8.22
C ASN D 100 -20.13 79.32 -9.40
N GLN D 101 -18.92 78.85 -9.16
CA GLN D 101 -18.13 78.28 -10.22
C GLN D 101 -17.97 76.79 -10.02
N LEU D 102 -18.34 76.02 -11.03
CA LEU D 102 -18.11 74.59 -10.97
C LEU D 102 -16.61 74.35 -10.87
N VAL D 103 -16.01 73.87 -9.81
CA VAL D 103 -14.57 73.59 -9.82
C VAL D 103 -14.29 72.09 -9.86
N SER D 104 -15.08 71.21 -9.33
CA SER D 104 -14.99 69.78 -9.24
C SER D 104 -13.62 69.15 -9.24
N PRO D 105 -12.82 69.39 -8.22
CA PRO D 105 -11.46 68.96 -8.06
C PRO D 105 -11.11 67.46 -8.13
N ARG D 106 -10.00 67.17 -8.80
CA ARG D 106 -9.40 65.84 -8.79
C ARG D 106 -7.97 66.04 -8.30
N VAL D 107 -7.55 65.43 -7.23
CA VAL D 107 -6.18 65.59 -6.70
C VAL D 107 -5.49 64.23 -6.54
N TYR D 108 -4.17 64.25 -6.46
CA TYR D 108 -3.36 63.03 -6.43
C TYR D 108 -2.42 63.13 -5.24
N LEU D 109 -2.00 62.03 -4.67
CA LEU D 109 -1.13 62.09 -3.49
C LEU D 109 0.36 62.08 -3.89
N LEU D 110 1.14 63.03 -3.41
CA LEU D 110 2.54 63.08 -3.73
C LEU D 110 3.40 62.52 -2.60
N GLU D 111 4.59 62.02 -2.97
CA GLU D 111 5.57 61.71 -1.95
C GLU D 111 5.96 63.00 -1.24
N GLU D 112 6.65 62.93 -0.11
CA GLU D 112 7.08 64.09 0.65
C GLU D 112 7.95 65.04 -0.14
N ASN D 113 8.74 64.59 -1.10
CA ASN D 113 9.59 65.41 -1.95
C ASN D 113 8.85 66.12 -3.06
N LYS D 114 7.63 65.78 -3.35
CA LYS D 114 6.82 66.40 -4.37
C LYS D 114 7.24 66.06 -5.77
N LYS D 115 8.19 65.20 -6.03
CA LYS D 115 8.59 64.93 -7.43
C LYS D 115 8.06 63.59 -7.89
N LYS D 116 7.61 62.69 -7.00
CA LYS D 116 7.00 61.45 -7.45
C LYS D 116 5.62 61.33 -6.79
N TYR D 117 4.71 60.59 -7.38
CA TYR D 117 3.44 60.29 -6.74
C TYR D 117 3.68 59.26 -5.64
N GLU D 118 3.02 59.26 -4.51
CA GLU D 118 3.26 58.25 -3.47
C GLU D 118 2.67 56.96 -4.01
N MET D 119 3.47 56.04 -4.51
CA MET D 119 2.91 54.79 -5.06
C MET D 119 2.45 53.79 -4.01
N LEU D 120 1.18 53.34 -4.07
CA LEU D 120 0.73 52.37 -3.08
C LEU D 120 0.65 50.96 -3.62
N HIS D 121 1.07 49.99 -2.82
CA HIS D 121 1.06 48.59 -3.25
C HIS D 121 0.03 47.95 -2.34
N LEU D 122 -1.25 47.91 -2.70
CA LEU D 122 -2.25 47.41 -1.75
C LEU D 122 -2.42 45.89 -1.70
N THR D 123 -2.15 45.10 -2.72
CA THR D 123 -2.30 43.65 -2.58
C THR D 123 -1.70 43.09 -1.31
N GLY D 124 -2.50 42.32 -0.55
CA GLY D 124 -2.13 41.77 0.73
C GLY D 124 -2.09 42.77 1.88
N THR D 125 -2.47 44.03 1.69
CA THR D 125 -2.47 44.96 2.80
C THR D 125 -3.86 45.50 3.04
N GLU D 126 -3.92 46.46 3.94
CA GLU D 126 -5.16 47.14 4.33
C GLU D 126 -5.15 48.64 4.12
N PHE D 127 -6.29 49.24 3.82
CA PHE D 127 -6.43 50.66 3.59
C PHE D 127 -7.66 51.22 4.28
N SER D 128 -7.44 52.26 5.10
CA SER D 128 -8.56 52.87 5.83
C SER D 128 -8.62 54.39 5.75
N PHE D 129 -9.84 54.89 5.66
CA PHE D 129 -10.06 56.32 5.67
C PHE D 129 -11.40 56.64 6.39
N ASP D 130 -11.50 57.89 6.78
CA ASP D 130 -12.67 58.44 7.43
C ASP D 130 -13.31 59.32 6.36
N VAL D 131 -14.63 59.30 6.25
CA VAL D 131 -15.21 60.25 5.29
C VAL D 131 -16.37 60.97 5.94
N GLU D 132 -16.60 62.15 5.43
CA GLU D 132 -17.73 63.02 5.75
C GLU D 132 -18.62 63.10 4.53
N MET D 133 -19.63 62.28 4.36
CA MET D 133 -20.54 62.20 3.26
C MET D 133 -21.83 63.00 3.33
N GLU D 134 -22.19 63.60 4.48
CA GLU D 134 -23.47 64.27 4.55
C GLU D 134 -23.80 65.28 3.45
N LYS D 135 -22.88 66.15 3.04
CA LYS D 135 -23.21 67.14 2.02
C LYS D 135 -23.24 66.64 0.60
N LEU D 136 -23.51 65.34 0.37
CA LEU D 136 -23.54 64.79 -0.97
C LEU D 136 -24.84 64.04 -1.29
N PRO D 137 -25.69 64.76 -2.00
CA PRO D 137 -26.97 64.33 -2.45
C PRO D 137 -26.85 63.32 -3.57
N CYS D 138 -28.00 62.82 -4.02
CA CYS D 138 -28.11 61.98 -5.16
C CYS D 138 -27.37 62.71 -6.27
N GLY D 139 -26.85 61.97 -7.24
CA GLY D 139 -26.23 62.59 -8.38
C GLY D 139 -24.74 62.86 -8.19
N MET D 140 -24.28 63.11 -6.98
CA MET D 140 -22.91 63.45 -6.68
C MET D 140 -22.06 62.19 -6.55
N ASN D 141 -20.75 62.35 -6.60
CA ASN D 141 -19.78 61.25 -6.44
C ASN D 141 -18.51 61.83 -5.85
N GLY D 142 -18.26 61.44 -4.60
CA GLY D 142 -17.04 61.83 -3.85
C GLY D 142 -16.24 60.53 -3.94
N ALA D 143 -15.23 60.54 -4.79
CA ALA D 143 -14.47 59.29 -5.07
C ALA D 143 -13.09 59.18 -4.46
N LEU D 144 -12.79 58.03 -3.86
CA LEU D 144 -11.41 57.78 -3.38
C LEU D 144 -10.97 56.50 -4.12
N TYR D 145 -10.04 56.65 -5.06
CA TYR D 145 -9.61 55.55 -5.91
C TYR D 145 -8.15 55.64 -6.36
N LEU D 146 -7.75 54.51 -6.96
CA LEU D 146 -6.39 54.38 -7.50
C LEU D 146 -6.37 54.06 -9.00
N SER D 147 -5.38 54.69 -9.65
CA SER D 147 -5.04 54.54 -11.06
C SER D 147 -3.53 54.21 -11.22
N GLU D 148 -3.17 53.36 -12.17
CA GLU D 148 -1.76 53.04 -12.39
C GLU D 148 -1.06 53.98 -13.37
N MET D 149 -0.89 55.21 -12.88
CA MET D 149 -0.29 56.37 -13.48
C MET D 149 1.22 56.30 -13.28
N PRO D 150 1.96 56.79 -14.25
CA PRO D 150 3.39 56.92 -14.20
C PRO D 150 3.74 57.68 -12.94
N GLN D 151 4.67 57.22 -12.13
CA GLN D 151 5.09 57.87 -10.92
C GLN D 151 5.66 59.27 -11.13
N ASP D 152 6.27 59.49 -12.26
CA ASP D 152 6.91 60.76 -12.58
C ASP D 152 5.99 61.57 -13.46
N GLY D 153 4.74 61.13 -13.66
CA GLY D 153 3.76 61.94 -14.40
C GLY D 153 4.00 61.86 -15.91
N GLY D 154 4.93 60.98 -16.32
CA GLY D 154 5.20 60.69 -17.70
C GLY D 154 6.50 61.29 -18.20
N LYS D 155 7.22 61.96 -17.31
CA LYS D 155 8.35 62.81 -17.61
C LYS D 155 9.41 62.06 -18.43
N SER D 156 9.62 60.79 -18.01
CA SER D 156 10.67 60.02 -18.68
C SER D 156 10.30 59.46 -20.02
N THR D 157 9.12 59.71 -20.56
CA THR D 157 8.67 59.11 -21.80
C THR D 157 9.07 60.02 -22.95
N SER D 158 9.39 61.26 -22.62
CA SER D 158 9.71 62.19 -23.71
C SER D 158 10.56 63.34 -23.23
N ARG D 159 11.23 63.91 -24.22
CA ARG D 159 12.09 65.07 -24.11
C ARG D 159 11.21 66.30 -23.88
N ASN D 160 10.02 66.20 -24.46
CA ASN D 160 9.00 67.24 -24.38
C ASN D 160 8.07 67.21 -23.17
N SER D 161 8.05 66.14 -22.41
CA SER D 161 7.23 65.96 -21.24
C SER D 161 7.89 66.69 -20.10
N LYS D 162 7.28 67.77 -19.67
CA LYS D 162 7.88 68.57 -18.61
C LYS D 162 7.11 68.68 -17.34
N ALA D 163 5.78 68.57 -17.40
CA ALA D 163 4.94 68.80 -16.21
C ALA D 163 5.33 67.92 -15.04
N GLY D 164 5.30 66.61 -15.20
CA GLY D 164 5.60 65.72 -14.08
C GLY D 164 4.48 65.56 -13.03
N ALA D 165 4.76 64.70 -12.04
CA ALA D 165 3.96 64.48 -10.87
C ALA D 165 3.79 65.75 -10.06
N TYR D 166 4.81 66.60 -9.99
CA TYR D 166 4.79 67.89 -9.32
C TYR D 166 3.63 68.74 -9.77
N TYR D 167 3.17 68.74 -11.01
CA TYR D 167 2.07 69.56 -11.50
C TYR D 167 0.83 68.77 -11.92
N GLY D 168 0.71 67.52 -11.47
CA GLY D 168 -0.46 66.70 -11.74
C GLY D 168 -0.58 66.07 -13.10
N ALA D 169 0.54 65.74 -13.75
CA ALA D 169 0.43 65.19 -15.10
C ALA D 169 0.29 63.68 -15.08
N GLY D 170 -0.01 63.10 -16.24
CA GLY D 170 -0.07 61.68 -16.33
C GLY D 170 -1.26 60.91 -15.89
N TYR D 171 -2.47 61.47 -15.90
CA TYR D 171 -3.66 60.79 -15.41
C TYR D 171 -4.11 59.75 -16.40
N CYS D 172 -4.80 58.73 -15.95
CA CYS D 172 -5.41 57.76 -16.86
C CYS D 172 -6.48 57.06 -16.03
N ASP D 173 -7.31 56.20 -16.64
CA ASP D 173 -8.16 55.32 -15.81
C ASP D 173 -8.74 54.25 -16.74
N ALA D 174 -9.65 53.42 -16.25
CA ALA D 174 -10.14 52.31 -17.07
C ALA D 174 -11.13 52.75 -18.12
N GLN D 175 -11.41 54.05 -18.17
CA GLN D 175 -12.35 54.48 -19.23
C GLN D 175 -11.63 54.67 -20.57
N CYS D 176 -10.32 54.93 -20.62
CA CYS D 176 -9.60 55.03 -21.88
C CYS D 176 -10.08 56.24 -22.69
N TYR D 177 -10.34 57.34 -22.01
CA TYR D 177 -10.84 58.54 -22.63
C TYR D 177 -9.74 59.23 -23.45
N VAL D 178 -10.13 59.84 -24.56
CA VAL D 178 -9.18 60.69 -25.27
C VAL D 178 -8.95 62.01 -24.55
N THR D 179 -7.76 62.27 -24.02
CA THR D 179 -7.49 63.56 -23.39
C THR D 179 -6.40 64.25 -24.20
N PRO D 180 -6.45 65.57 -24.28
CA PRO D 180 -5.52 66.41 -25.03
C PRO D 180 -4.07 66.11 -24.65
N PHE D 181 -3.77 65.71 -23.43
CA PHE D 181 -2.42 65.40 -23.01
C PHE D 181 -2.33 63.96 -22.49
N ILE D 182 -1.28 63.22 -22.87
CA ILE D 182 -0.93 61.92 -22.42
C ILE D 182 0.47 61.99 -21.81
N ASN D 183 0.72 61.41 -20.63
CA ASN D 183 2.06 61.46 -20.11
C ASN D 183 2.73 62.81 -20.15
N GLY D 184 2.09 63.95 -19.98
CA GLY D 184 2.72 65.26 -19.98
C GLY D 184 3.04 65.80 -21.36
N VAL D 185 2.51 65.27 -22.44
CA VAL D 185 2.78 65.67 -23.79
C VAL D 185 1.47 65.68 -24.59
N GLY D 186 1.37 66.58 -25.56
CA GLY D 186 0.16 66.72 -26.36
C GLY D 186 -0.16 65.33 -26.93
N ASN D 187 -1.44 64.95 -26.95
CA ASN D 187 -1.93 63.69 -27.45
C ASN D 187 -2.34 63.83 -28.90
N ILE D 188 -1.30 64.09 -29.72
CA ILE D 188 -1.41 64.27 -31.16
C ILE D 188 -2.10 63.11 -31.81
N LYS D 189 -1.81 61.86 -31.45
CA LYS D 189 -2.56 60.78 -32.12
C LYS D 189 -4.01 60.68 -31.66
N GLY D 190 -4.43 61.36 -30.60
CA GLY D 190 -5.79 61.27 -30.10
C GLY D 190 -6.15 59.86 -29.61
N GLN D 191 -5.33 59.31 -28.79
CA GLN D 191 -5.47 58.00 -28.21
C GLN D 191 -6.27 58.07 -26.92
N GLY D 192 -6.81 56.90 -26.58
CA GLY D 192 -7.52 56.89 -25.27
C GLY D 192 -6.43 56.75 -24.22
N VAL D 193 -6.55 57.36 -23.08
CA VAL D 193 -5.48 57.21 -22.07
C VAL D 193 -5.87 56.14 -21.10
N CYS D 194 -5.48 54.88 -21.23
CA CYS D 194 -5.86 53.81 -20.32
C CYS D 194 -4.94 53.45 -19.17
N CYS D 195 -5.42 52.65 -18.24
CA CYS D 195 -4.68 52.07 -17.14
C CYS D 195 -5.57 51.43 -16.07
N ASN D 196 -5.04 50.37 -15.48
CA ASN D 196 -5.67 49.61 -14.42
C ASN D 196 -6.21 50.55 -13.33
N GLU D 197 -7.40 50.21 -12.81
CA GLU D 197 -7.96 51.11 -11.82
C GLU D 197 -8.72 50.46 -10.70
N LEU D 198 -8.51 50.89 -9.47
CA LEU D 198 -9.21 50.32 -8.34
C LEU D 198 -10.14 51.36 -7.72
N ASP D 199 -11.45 51.17 -7.88
CA ASP D 199 -12.38 52.09 -7.22
C ASP D 199 -12.74 51.62 -5.83
N ILE D 200 -12.00 52.12 -4.83
CA ILE D 200 -12.26 51.78 -3.45
C ILE D 200 -13.57 52.40 -2.94
N TRP D 201 -13.79 53.66 -3.22
CA TRP D 201 -14.97 54.36 -2.74
C TRP D 201 -15.59 55.25 -3.76
N GLU D 202 -16.79 54.99 -4.24
CA GLU D 202 -17.49 55.91 -5.15
C GLU D 202 -18.91 56.03 -4.54
N ALA D 203 -19.18 57.27 -4.06
CA ALA D 203 -20.37 57.45 -3.28
C ALA D 203 -20.99 58.82 -3.10
N ASN D 204 -22.20 58.80 -2.56
CA ASN D 204 -22.94 59.97 -2.14
C ASN D 204 -23.65 59.51 -0.87
N SER D 205 -24.44 60.33 -0.18
CA SER D 205 -25.05 59.93 1.08
C SER D 205 -26.18 58.91 0.89
N ARG D 206 -26.56 58.64 -0.36
CA ARG D 206 -27.62 57.73 -0.69
C ARG D 206 -27.22 56.38 -1.27
N ALA D 207 -25.95 56.20 -1.65
CA ALA D 207 -25.47 54.93 -2.17
C ALA D 207 -23.94 54.85 -2.24
N THR D 208 -23.34 53.69 -2.01
CA THR D 208 -21.92 53.50 -2.15
C THR D 208 -21.58 52.35 -3.12
N HIS D 209 -20.41 52.44 -3.71
CA HIS D 209 -19.93 51.47 -4.71
C HIS D 209 -18.44 51.14 -4.58
N ILE D 210 -18.08 49.85 -4.71
CA ILE D 210 -16.72 49.38 -4.75
C ILE D 210 -16.48 48.79 -6.17
N ALA D 211 -15.33 49.02 -6.79
CA ALA D 211 -15.14 48.38 -8.09
C ALA D 211 -13.74 48.42 -8.70
N PRO D 212 -13.12 47.25 -8.73
CA PRO D 212 -11.87 46.95 -9.39
C PRO D 212 -12.05 46.88 -10.91
N HIS D 213 -11.22 47.61 -11.66
CA HIS D 213 -11.27 47.60 -13.11
C HIS D 213 -9.92 47.24 -13.72
N PRO D 214 -9.72 45.99 -14.01
CA PRO D 214 -8.52 45.44 -14.59
C PRO D 214 -8.37 45.81 -16.06
N CYS D 215 -7.11 45.97 -16.47
CA CYS D 215 -6.81 46.17 -17.87
C CYS D 215 -5.73 45.12 -18.22
N SER D 216 -5.71 44.69 -19.46
CA SER D 216 -4.75 43.74 -19.99
C SER D 216 -3.41 44.36 -20.38
N LYS D 217 -3.22 45.68 -20.34
CA LYS D 217 -1.91 46.26 -20.55
C LYS D 217 -1.45 46.96 -19.26
N PRO D 218 -0.22 46.74 -18.85
CA PRO D 218 0.37 47.33 -17.68
C PRO D 218 0.62 48.82 -17.83
N GLY D 219 0.55 49.55 -16.73
CA GLY D 219 0.84 50.98 -16.72
C GLY D 219 -0.02 51.72 -17.72
N LEU D 220 0.35 52.97 -17.98
CA LEU D 220 -0.44 53.84 -18.86
C LEU D 220 -0.32 53.44 -20.32
N TYR D 221 -1.44 53.26 -21.01
CA TYR D 221 -1.37 52.78 -22.37
C TYR D 221 -2.27 53.59 -23.28
N GLY D 222 -1.72 54.13 -24.34
CA GLY D 222 -2.39 54.88 -25.37
C GLY D 222 -3.15 53.93 -26.27
N CYS D 223 -4.46 53.75 -26.07
CA CYS D 223 -5.21 52.81 -26.91
C CYS D 223 -5.55 53.47 -28.25
N THR D 224 -5.86 52.62 -29.20
CA THR D 224 -6.21 53.02 -30.54
C THR D 224 -7.39 52.14 -30.96
N GLY D 225 -8.39 52.76 -31.61
CA GLY D 225 -9.53 52.03 -32.11
C GLY D 225 -10.15 51.13 -31.10
N ASP D 226 -10.39 49.88 -31.42
CA ASP D 226 -11.05 48.93 -30.55
C ASP D 226 -10.36 48.65 -29.25
N GLU D 227 -9.12 49.03 -29.07
CA GLU D 227 -8.45 48.79 -27.80
C GLU D 227 -9.19 49.61 -26.76
N CYS D 228 -9.68 50.77 -27.14
CA CYS D 228 -10.40 51.74 -26.36
C CYS D 228 -11.87 51.42 -26.09
N GLY D 229 -12.48 50.47 -26.77
CA GLY D 229 -13.87 50.16 -26.58
C GLY D 229 -14.23 49.24 -25.43
N SER D 230 -15.43 48.73 -25.45
CA SER D 230 -16.01 47.82 -24.47
C SER D 230 -15.29 46.47 -24.38
N SER D 231 -15.02 45.90 -25.55
CA SER D 231 -14.21 44.69 -25.58
C SER D 231 -12.74 44.99 -25.86
N GLY D 232 -12.22 46.11 -25.40
CA GLY D 232 -10.90 46.59 -25.62
C GLY D 232 -9.97 46.05 -24.51
N ILE D 233 -8.99 46.87 -24.12
CA ILE D 233 -8.04 46.45 -23.11
C ILE D 233 -8.45 46.74 -21.69
N CYS D 234 -9.47 47.57 -21.49
CA CYS D 234 -9.89 47.84 -20.10
C CYS D 234 -11.34 47.50 -19.84
N ASP D 235 -11.57 47.13 -18.59
CA ASP D 235 -12.90 46.78 -18.09
C ASP D 235 -13.60 48.09 -17.69
N LYS D 236 -14.33 48.64 -18.67
CA LYS D 236 -15.01 49.92 -18.38
C LYS D 236 -15.97 49.76 -17.23
N ALA D 237 -16.78 48.74 -17.18
CA ALA D 237 -17.79 48.50 -16.15
C ALA D 237 -17.24 48.17 -14.79
N GLY D 238 -16.26 47.27 -14.75
CA GLY D 238 -15.70 46.90 -13.42
C GLY D 238 -16.58 45.81 -12.82
N CYS D 239 -16.13 45.28 -11.71
CA CYS D 239 -16.84 44.23 -11.01
C CYS D 239 -17.30 44.91 -9.72
N GLY D 240 -18.54 45.40 -9.72
CA GLY D 240 -18.97 46.20 -8.61
C GLY D 240 -19.60 45.58 -7.40
N TRP D 241 -19.62 46.27 -6.30
CA TRP D 241 -20.32 45.92 -5.07
C TRP D 241 -20.99 47.18 -4.42
N ASN D 242 -22.29 47.20 -4.59
CA ASN D 242 -23.24 48.12 -3.98
C ASN D 242 -24.21 47.26 -3.17
N HIS D 243 -24.32 47.48 -1.87
CA HIS D 243 -25.26 46.69 -1.04
C HIS D 243 -26.68 46.75 -1.55
N ASN D 244 -27.20 47.79 -2.14
CA ASN D 244 -28.51 47.84 -2.73
C ASN D 244 -28.58 46.90 -3.94
N ARG D 245 -27.51 46.69 -4.72
CA ARG D 245 -27.64 45.81 -5.88
C ARG D 245 -27.68 44.37 -5.42
N ILE D 246 -27.16 44.02 -4.26
CA ILE D 246 -27.25 42.64 -3.81
C ILE D 246 -28.37 42.47 -2.78
N ASN D 247 -29.36 43.36 -2.86
CA ASN D 247 -30.59 43.41 -2.12
C ASN D 247 -30.41 43.52 -0.61
N VAL D 248 -29.58 44.45 -0.16
CA VAL D 248 -29.45 44.75 1.27
C VAL D 248 -29.54 46.28 1.37
N THR D 249 -30.73 46.80 1.06
CA THR D 249 -31.04 48.20 0.99
C THR D 249 -31.04 49.03 2.27
N ASP D 250 -30.84 48.45 3.42
CA ASP D 250 -30.81 49.23 4.65
C ASP D 250 -29.44 49.31 5.26
N PHE D 251 -28.43 48.87 4.47
CA PHE D 251 -27.04 48.88 4.95
C PHE D 251 -26.47 50.27 5.04
N TYR D 252 -26.67 51.08 3.98
CA TYR D 252 -26.03 52.41 3.95
C TYR D 252 -27.01 53.48 3.47
N GLY D 253 -27.17 54.54 4.23
CA GLY D 253 -28.11 55.63 3.86
C GLY D 253 -28.11 56.78 4.89
N ARG D 254 -29.04 57.72 4.58
CA ARG D 254 -29.16 58.83 5.56
C ARG D 254 -30.08 58.47 6.74
N GLY D 255 -29.53 58.50 7.95
CA GLY D 255 -30.35 58.28 9.10
C GLY D 255 -30.12 57.12 10.01
N LYS D 256 -31.02 56.96 10.98
CA LYS D 256 -30.88 55.90 11.98
C LYS D 256 -31.34 54.57 11.40
N GLN D 257 -32.08 54.61 10.29
CA GLN D 257 -32.63 53.38 9.74
C GLN D 257 -31.67 52.61 8.85
N TYR D 258 -30.43 53.06 8.83
CA TYR D 258 -29.36 52.41 8.02
C TYR D 258 -28.22 51.92 8.90
N LYS D 259 -27.62 50.80 8.59
CA LYS D 259 -26.55 50.28 9.45
C LYS D 259 -25.39 51.25 9.50
N VAL D 260 -25.04 51.85 8.36
CA VAL D 260 -23.98 52.86 8.35
C VAL D 260 -24.71 54.15 8.03
N ASP D 261 -24.62 55.14 8.90
CA ASP D 261 -25.37 56.38 8.68
C ASP D 261 -24.47 57.39 7.96
N SER D 262 -24.89 57.63 6.69
CA SER D 262 -24.18 58.53 5.83
C SER D 262 -24.26 59.99 6.19
N THR D 263 -25.07 60.40 7.14
CA THR D 263 -25.12 61.79 7.58
C THR D 263 -24.07 62.02 8.66
N ARG D 264 -23.40 61.00 9.15
CA ARG D 264 -22.36 61.22 10.17
C ARG D 264 -21.06 60.59 9.69
N LYS D 265 -19.99 60.95 10.40
CA LYS D 265 -18.69 60.42 10.06
C LYS D 265 -18.57 58.92 10.24
N PHE D 266 -17.79 58.24 9.42
CA PHE D 266 -17.53 56.81 9.65
C PHE D 266 -16.19 56.43 9.02
N THR D 267 -15.70 55.27 9.42
CA THR D 267 -14.44 54.76 8.92
C THR D 267 -14.77 53.70 7.91
N VAL D 268 -14.03 53.70 6.82
CA VAL D 268 -14.14 52.71 5.74
C VAL D 268 -12.84 51.91 5.71
N THR D 269 -12.88 50.64 6.10
CA THR D 269 -11.71 49.80 6.02
C THR D 269 -11.85 48.83 4.85
N SER D 270 -10.79 48.70 4.06
CA SER D 270 -10.77 47.75 2.95
C SER D 270 -9.55 46.83 3.12
N GLN D 271 -9.74 45.54 2.85
CA GLN D 271 -8.71 44.52 2.98
C GLN D 271 -8.55 43.75 1.67
N PHE D 272 -7.32 43.86 1.13
CA PHE D 272 -7.01 43.20 -0.17
C PHE D 272 -6.25 41.91 0.07
N VAL D 273 -6.98 40.81 0.14
CA VAL D 273 -6.40 39.54 0.56
C VAL D 273 -5.72 38.76 -0.55
N ALA D 274 -4.52 38.29 -0.20
CA ALA D 274 -3.74 37.54 -1.21
C ALA D 274 -3.63 36.06 -0.85
N ASN D 275 -3.40 35.25 -1.88
CA ASN D 275 -3.20 33.83 -1.64
C ASN D 275 -1.72 33.54 -1.39
N LYS D 276 -1.36 32.25 -1.31
CA LYS D 276 0.00 31.82 -1.04
C LYS D 276 1.03 32.40 -2.01
N GLN D 277 0.71 32.41 -3.30
CA GLN D 277 1.45 32.88 -4.43
C GLN D 277 1.51 34.39 -4.55
N GLY D 278 0.98 35.15 -3.61
CA GLY D 278 0.95 36.57 -3.49
C GLY D 278 -0.10 37.28 -4.35
N ASP D 279 -0.97 36.55 -5.03
CA ASP D 279 -1.96 37.12 -5.91
C ASP D 279 -3.21 37.56 -5.15
N LEU D 280 -3.81 38.67 -5.61
CA LEU D 280 -5.02 39.15 -4.97
C LEU D 280 -6.12 38.10 -5.20
N ILE D 281 -6.82 37.68 -4.14
CA ILE D 281 -7.91 36.74 -4.41
C ILE D 281 -9.26 37.34 -3.96
N GLU D 282 -9.21 38.18 -2.90
CA GLU D 282 -10.51 38.69 -2.43
C GLU D 282 -10.45 40.06 -1.76
N LEU D 283 -11.49 40.85 -2.08
CA LEU D 283 -11.53 42.22 -1.55
C LEU D 283 -12.57 42.33 -0.42
N HIS D 284 -12.14 42.58 0.80
CA HIS D 284 -13.04 42.75 1.92
C HIS D 284 -13.24 44.20 2.35
N ARG D 285 -14.45 44.49 2.86
CA ARG D 285 -14.88 45.79 3.35
C ARG D 285 -15.63 45.69 4.66
N HIS D 286 -15.40 46.60 5.55
CA HIS D 286 -16.08 46.73 6.83
C HIS D 286 -15.97 48.18 7.27
N TYR D 287 -16.94 48.64 8.05
CA TYR D 287 -17.02 50.04 8.48
C TYR D 287 -16.90 50.15 9.98
N ILE D 288 -16.74 51.37 10.45
CA ILE D 288 -16.68 51.64 11.88
C ILE D 288 -17.39 52.96 12.11
N GLN D 289 -18.51 52.90 12.78
CA GLN D 289 -19.31 54.05 13.18
C GLN D 289 -19.63 53.88 14.65
N ASP D 290 -19.41 54.92 15.44
CA ASP D 290 -19.63 54.96 16.87
C ASP D 290 -18.87 53.92 17.66
N ASN D 291 -17.67 53.52 17.24
CA ASN D 291 -16.93 52.49 17.94
C ASN D 291 -17.59 51.12 17.76
N LYS D 292 -18.19 50.91 16.61
CA LYS D 292 -18.77 49.61 16.35
C LYS D 292 -18.28 49.10 15.00
N VAL D 293 -17.78 47.86 14.94
CA VAL D 293 -17.40 47.31 13.63
C VAL D 293 -18.68 46.97 12.89
N ILE D 294 -19.07 47.59 11.79
CA ILE D 294 -20.26 47.18 11.09
C ILE D 294 -19.77 46.25 9.98
N GLU D 295 -19.97 44.94 10.02
CA GLU D 295 -19.55 44.08 8.93
C GLU D 295 -20.39 44.33 7.67
N SER D 296 -19.81 44.10 6.52
CA SER D 296 -20.53 44.21 5.26
C SER D 296 -21.58 43.12 5.23
N ALA D 297 -22.63 43.24 4.45
CA ALA D 297 -23.66 42.22 4.44
C ALA D 297 -23.51 41.21 3.28
N VAL D 298 -23.92 39.97 3.58
CA VAL D 298 -23.83 38.89 2.60
C VAL D 298 -24.69 39.16 1.39
N VAL D 299 -24.46 38.51 0.26
CA VAL D 299 -25.29 38.71 -0.93
C VAL D 299 -26.68 38.19 -0.60
N ASN D 300 -27.68 38.96 -0.91
CA ASN D 300 -29.06 38.63 -0.59
C ASN D 300 -29.93 38.52 -1.83
N ILE D 301 -29.36 37.98 -2.90
CA ILE D 301 -30.06 37.69 -4.13
C ILE D 301 -29.56 36.31 -4.58
N SER D 302 -30.37 35.64 -5.38
CA SER D 302 -29.91 34.27 -5.74
C SER D 302 -29.00 34.46 -6.95
N GLY D 303 -27.91 33.70 -7.00
CA GLY D 303 -26.91 33.80 -8.05
C GLY D 303 -25.53 33.72 -7.43
N PRO D 304 -25.08 34.85 -6.95
CA PRO D 304 -23.73 34.99 -6.40
C PRO D 304 -23.56 34.06 -5.23
N PRO D 305 -22.35 33.73 -4.86
CA PRO D 305 -22.05 32.97 -3.67
C PRO D 305 -22.59 33.78 -2.51
N LYS D 306 -23.06 33.24 -1.39
CA LYS D 306 -23.55 34.06 -0.31
C LYS D 306 -22.38 34.58 0.49
N ILE D 307 -21.68 35.60 0.00
CA ILE D 307 -20.53 36.18 0.72
C ILE D 307 -20.67 37.68 0.90
N ASN D 308 -19.80 38.30 1.72
CA ASN D 308 -19.83 39.76 1.82
C ASN D 308 -18.57 40.48 1.31
N PHE D 309 -17.90 39.91 0.32
CA PHE D 309 -16.67 40.42 -0.25
C PHE D 309 -16.56 40.08 -1.71
N ILE D 310 -15.66 40.68 -2.44
CA ILE D 310 -15.49 40.43 -3.87
C ILE D 310 -14.40 39.37 -4.09
N ASN D 311 -14.76 38.49 -5.02
CA ASN D 311 -13.85 37.46 -5.51
C ASN D 311 -14.29 37.14 -6.93
N ASP D 312 -13.58 36.28 -7.64
CA ASP D 312 -13.89 35.95 -9.03
C ASP D 312 -15.21 35.18 -9.21
N LYS D 313 -15.53 34.31 -8.24
CA LYS D 313 -16.80 33.60 -8.28
C LYS D 313 -17.96 34.62 -8.21
N TYR D 314 -17.84 35.62 -7.33
CA TYR D 314 -18.86 36.67 -7.26
C TYR D 314 -18.97 37.45 -8.56
N CYS D 315 -17.82 37.98 -9.00
CA CYS D 315 -17.77 38.77 -10.23
C CYS D 315 -18.33 37.98 -11.39
N ALA D 316 -17.98 36.70 -11.54
CA ALA D 316 -18.46 35.90 -12.67
C ALA D 316 -19.98 35.77 -12.60
N ALA D 317 -20.46 35.49 -11.39
CA ALA D 317 -21.86 35.37 -11.07
C ALA D 317 -22.65 36.66 -11.27
N THR D 318 -21.98 37.81 -11.17
CA THR D 318 -22.75 39.04 -11.29
C THR D 318 -22.65 39.57 -12.68
N GLY D 319 -22.16 38.84 -13.67
CA GLY D 319 -22.09 39.28 -15.07
C GLY D 319 -21.04 40.32 -15.40
N ALA D 320 -19.92 40.25 -14.67
CA ALA D 320 -18.75 41.10 -14.86
C ALA D 320 -17.81 40.43 -15.88
N ASN D 321 -18.29 40.28 -17.08
CA ASN D 321 -17.67 39.63 -18.20
C ASN D 321 -16.31 40.17 -18.63
N GLU D 322 -16.20 41.47 -18.81
CA GLU D 322 -14.94 42.06 -19.21
C GLU D 322 -13.93 41.88 -18.09
N TYR D 323 -14.42 42.06 -16.87
CA TYR D 323 -13.58 41.85 -15.70
C TYR D 323 -12.88 40.50 -15.78
N MET D 324 -13.64 39.45 -15.97
CA MET D 324 -13.19 38.07 -16.01
C MET D 324 -12.32 37.86 -17.25
N ARG D 325 -12.69 38.46 -18.35
CA ARG D 325 -12.06 38.37 -19.64
C ARG D 325 -10.70 39.05 -19.67
N LEU D 326 -10.49 40.08 -18.85
CA LEU D 326 -9.20 40.74 -18.87
C LEU D 326 -8.32 40.29 -17.71
N GLY D 327 -8.69 39.15 -17.07
CA GLY D 327 -7.91 38.73 -15.95
C GLY D 327 -8.46 38.79 -14.56
N GLY D 328 -9.67 39.28 -14.35
CA GLY D 328 -10.29 39.31 -13.03
C GLY D 328 -9.40 39.83 -11.92
N THR D 329 -9.59 39.23 -10.74
CA THR D 329 -8.93 39.70 -9.51
C THR D 329 -7.41 39.59 -9.53
N LYS D 330 -6.86 38.58 -10.21
CA LYS D 330 -5.42 38.42 -10.30
C LYS D 330 -4.77 39.57 -11.10
N GLN D 331 -5.43 39.92 -12.22
CA GLN D 331 -4.92 41.01 -13.04
C GLN D 331 -5.00 42.34 -12.28
N MET D 332 -6.06 42.61 -11.56
CA MET D 332 -6.22 43.83 -10.77
C MET D 332 -5.17 43.87 -9.69
N GLY D 333 -4.96 42.77 -8.96
CA GLY D 333 -3.92 42.78 -7.93
C GLY D 333 -2.51 42.82 -8.51
N ASP D 334 -2.26 42.47 -9.79
CA ASP D 334 -0.88 42.67 -10.31
C ASP D 334 -0.67 44.18 -10.51
N ALA D 335 -1.69 44.93 -10.93
CA ALA D 335 -1.44 46.38 -10.98
C ALA D 335 -1.29 46.91 -9.55
N MET D 336 -2.10 46.36 -8.64
CA MET D 336 -1.90 46.86 -7.27
C MET D 336 -0.50 46.61 -6.74
N SER D 337 0.02 45.42 -6.98
CA SER D 337 1.35 45.01 -6.60
C SER D 337 2.42 45.91 -7.22
N ARG D 338 2.30 46.31 -8.50
CA ARG D 338 3.26 47.21 -9.08
C ARG D 338 3.19 48.60 -8.46
N GLY D 339 2.06 49.06 -7.96
CA GLY D 339 2.07 50.43 -7.39
C GLY D 339 1.13 51.35 -8.16
N MET D 340 0.26 52.01 -7.41
CA MET D 340 -0.80 52.81 -8.06
C MET D 340 -0.89 54.13 -7.33
N VAL D 341 -1.36 55.14 -8.03
CA VAL D 341 -1.50 56.50 -7.51
C VAL D 341 -2.87 56.69 -6.87
N LEU D 342 -2.89 57.25 -5.66
CA LEU D 342 -4.14 57.54 -4.98
C LEU D 342 -4.79 58.78 -5.57
N ALA D 343 -6.01 58.67 -6.08
CA ALA D 343 -6.70 59.83 -6.62
C ALA D 343 -7.95 60.14 -5.78
N MET D 344 -8.27 61.43 -5.58
CA MET D 344 -9.51 61.75 -4.86
C MET D 344 -10.26 62.82 -5.64
N SER D 345 -11.56 62.70 -5.82
CA SER D 345 -12.32 63.74 -6.50
C SER D 345 -13.76 63.92 -5.96
N VAL D 346 -14.45 64.96 -6.39
CA VAL D 346 -15.81 65.29 -6.21
C VAL D 346 -16.37 65.56 -7.63
N TRP D 347 -17.48 64.99 -8.01
CA TRP D 347 -17.98 65.33 -9.33
C TRP D 347 -19.46 64.94 -9.46
N TRP D 348 -20.00 65.47 -10.55
CA TRP D 348 -21.40 65.17 -10.88
C TRP D 348 -21.46 64.87 -12.38
N SER D 349 -22.59 64.56 -12.96
CA SER D 349 -22.71 64.26 -14.37
C SER D 349 -24.05 64.76 -14.92
N GLU D 350 -23.92 65.59 -15.92
CA GLU D 350 -24.97 66.18 -16.70
C GLU D 350 -25.49 65.17 -17.71
N GLY D 351 -24.81 64.07 -17.92
CA GLY D 351 -25.21 63.07 -18.88
C GLY D 351 -26.01 61.87 -18.38
N ASP D 352 -25.78 61.36 -17.16
CA ASP D 352 -26.58 60.21 -16.74
C ASP D 352 -26.97 60.39 -15.29
N PHE D 353 -26.45 61.46 -14.71
CA PHE D 353 -26.71 61.87 -13.34
C PHE D 353 -26.29 60.81 -12.31
N MET D 354 -25.26 60.02 -12.60
CA MET D 354 -24.77 59.04 -11.64
C MET D 354 -25.78 57.92 -11.32
N ALA D 355 -26.70 57.67 -12.24
CA ALA D 355 -27.72 56.67 -12.09
C ALA D 355 -27.18 55.30 -11.74
N TRP D 356 -26.02 54.89 -12.21
CA TRP D 356 -25.40 53.62 -11.97
C TRP D 356 -25.07 53.48 -10.49
N LEU D 357 -24.85 54.60 -9.83
CA LEU D 357 -24.57 54.60 -8.41
C LEU D 357 -25.81 54.63 -7.52
N ASP D 358 -26.84 55.46 -7.73
CA ASP D 358 -27.90 55.64 -6.74
C ASP D 358 -29.33 55.60 -7.24
N GLN D 359 -29.66 54.92 -8.30
CA GLN D 359 -30.97 54.82 -8.88
C GLN D 359 -31.32 53.36 -9.18
N GLY D 360 -32.62 53.10 -9.22
CA GLY D 360 -33.15 51.77 -9.48
C GLY D 360 -32.68 50.78 -8.42
N VAL D 361 -31.97 49.74 -8.86
CA VAL D 361 -31.43 48.73 -7.99
C VAL D 361 -30.19 49.25 -7.28
N ALA D 362 -29.62 50.34 -7.75
CA ALA D 362 -28.41 50.84 -7.10
C ALA D 362 -28.75 51.74 -5.93
N GLY D 363 -29.97 52.31 -5.96
CA GLY D 363 -30.32 53.18 -4.82
C GLY D 363 -31.70 53.74 -4.81
N PRO D 364 -31.86 54.73 -3.93
CA PRO D 364 -33.12 55.38 -3.64
C PRO D 364 -33.41 56.67 -4.35
N CYS D 365 -32.75 56.98 -5.44
CA CYS D 365 -32.95 58.25 -6.12
C CYS D 365 -33.87 58.12 -7.31
N ASP D 366 -34.61 59.18 -7.64
CA ASP D 366 -35.45 59.16 -8.81
C ASP D 366 -34.59 59.54 -10.03
N ALA D 367 -35.29 59.72 -11.16
CA ALA D 367 -34.62 59.98 -12.41
C ALA D 367 -34.21 61.42 -12.63
N THR D 368 -34.47 62.34 -11.73
CA THR D 368 -34.18 63.74 -11.98
C THR D 368 -33.55 64.41 -10.79
N GLU D 369 -33.68 63.94 -9.56
CA GLU D 369 -33.10 64.75 -8.48
C GLU D 369 -31.59 64.85 -8.62
N GLY D 370 -30.97 63.89 -9.28
CA GLY D 370 -29.56 63.75 -9.51
C GLY D 370 -29.05 64.68 -10.59
N ASP D 371 -29.93 65.22 -11.41
CA ASP D 371 -29.59 66.26 -12.35
C ASP D 371 -28.87 67.34 -11.55
N PRO D 372 -27.75 67.82 -12.08
CA PRO D 372 -26.93 68.87 -11.45
C PRO D 372 -27.72 70.12 -11.05
N LYS D 373 -28.68 70.55 -11.85
CA LYS D 373 -29.58 71.66 -11.62
C LYS D 373 -30.46 71.47 -10.39
N ASN D 374 -30.86 70.22 -10.09
CA ASN D 374 -31.61 69.89 -8.91
C ASN D 374 -30.65 69.68 -7.75
N ILE D 375 -29.50 69.03 -7.96
CA ILE D 375 -28.57 68.84 -6.85
C ILE D 375 -28.34 70.09 -6.03
N VAL D 376 -28.10 71.23 -6.69
CA VAL D 376 -27.82 72.47 -5.97
C VAL D 376 -29.06 73.00 -5.26
N LYS D 377 -30.22 72.50 -5.63
CA LYS D 377 -31.47 72.88 -4.93
C LYS D 377 -31.47 72.22 -3.56
N VAL D 378 -31.27 70.90 -3.54
CA VAL D 378 -31.14 70.11 -2.34
C VAL D 378 -29.94 70.51 -1.50
N GLN D 379 -28.78 70.62 -2.17
CA GLN D 379 -27.57 71.01 -1.42
C GLN D 379 -26.86 72.01 -2.30
N PRO D 380 -26.87 73.26 -1.91
CA PRO D 380 -26.29 74.35 -2.66
C PRO D 380 -24.80 74.18 -2.84
N ASN D 381 -24.04 73.68 -1.87
CA ASN D 381 -22.60 73.53 -2.02
C ASN D 381 -22.12 72.13 -1.70
N PRO D 382 -22.28 71.22 -2.64
CA PRO D 382 -21.92 69.80 -2.47
C PRO D 382 -20.45 69.65 -2.18
N GLU D 383 -20.08 68.85 -1.20
CA GLU D 383 -18.66 68.75 -0.82
C GLU D 383 -18.43 67.43 -0.12
N VAL D 384 -17.20 67.08 0.17
CA VAL D 384 -16.83 65.82 0.79
C VAL D 384 -15.49 66.03 1.48
N THR D 385 -15.21 65.43 2.59
CA THR D 385 -13.97 65.51 3.29
C THR D 385 -13.46 64.09 3.55
N PHE D 386 -12.32 63.73 2.97
CA PHE D 386 -11.69 62.47 3.23
C PHE D 386 -10.59 62.70 4.26
N SER D 387 -10.41 61.89 5.28
CA SER D 387 -9.37 62.17 6.27
C SER D 387 -8.79 60.91 6.87
N ASN D 388 -7.71 61.11 7.62
CA ASN D 388 -7.06 60.01 8.37
C ASN D 388 -6.81 58.77 7.54
N ILE D 389 -6.17 58.87 6.39
CA ILE D 389 -5.80 57.77 5.53
C ILE D 389 -4.68 56.98 6.22
N ARG D 390 -4.89 55.68 6.35
CA ARG D 390 -3.84 54.88 7.00
C ARG D 390 -3.72 53.58 6.18
N ILE D 391 -2.52 53.25 5.74
CA ILE D 391 -2.21 52.06 4.93
C ILE D 391 -1.32 51.17 5.78
N GLY D 392 -1.44 49.86 5.75
CA GLY D 392 -0.60 49.08 6.66
C GLY D 392 -1.04 47.62 6.78
N GLU D 393 -0.46 46.86 7.73
CA GLU D 393 -0.85 45.45 7.77
C GLU D 393 -2.32 45.27 8.16
N ILE D 394 -2.85 44.24 7.51
CA ILE D 394 -4.21 43.79 7.64
C ILE D 394 -4.45 43.61 9.15
N GLY D 395 -5.49 44.30 9.66
CA GLY D 395 -5.74 44.32 11.06
C GLY D 395 -5.09 45.46 11.83
N SER D 396 -4.43 46.44 11.20
CA SER D 396 -3.78 47.46 11.99
C SER D 396 -4.21 48.90 11.68
N THR D 397 -5.02 49.10 10.64
CA THR D 397 -5.38 50.46 10.31
C THR D 397 -6.63 50.99 10.95
N SER D 398 -7.68 50.22 11.20
CA SER D 398 -8.93 50.78 11.75
C SER D 398 -9.12 50.53 13.26
#